data_4L3F
#
_entry.id   4L3F
#
_cell.length_a   90.100
_cell.length_b   89.500
_cell.length_c   186.300
_cell.angle_alpha   90.00
_cell.angle_beta   103.50
_cell.angle_gamma   90.00
#
_symmetry.space_group_name_H-M   'P 1 21 1'
#
loop_
_entity.id
_entity.type
_entity.pdbx_description
1 polymer 'Internalin K'
2 non-polymer 'NICKEL (II) ION'
3 non-polymer 'SODIUM ION'
4 water water
#
_entity_poly.entity_id   1
_entity_poly.type   'polypeptide(L)'
_entity_poly.pdbx_seq_one_letter_code
;MGSSHHHHHHSSGLVPRGSHMAASQDNVNIPDSTFKAYLNGLLGQASTANITEAQMDSLTYITLANINVTDLTGIEYAHN
IKDLTINNIHATNYNQISGLSNLERLRIMGADVTSDKIPNLSGLTNLTLLDLSHSAHDDSILTKINTLPKVTSIDLSYNG
AITDIMPLKTMPELKSLNIQFDGVHDYRGIEDFPKLNTLLAYSQTIGGKKLINSDIKSSKLTYNAENQTLYVPFSLMTER
TVNYDGYVPDFVKSTASSDTYFTMNEQQVNGNRLTITSDGLTVSDVSKTDFDNLEKMEYNARIDLSYQSYNTPEQFQNGG
SYTISMPIYDHYFTVDHSLNITADSEK
;
_entity_poly.pdbx_strand_id   A,B,C,D,E,F,G,H
#
# COMPACT_ATOMS: atom_id res chain seq x y z
N ASP A 26 -46.50 6.63 -10.91
CA ASP A 26 -45.30 7.17 -10.21
C ASP A 26 -44.47 8.19 -11.03
N ASN A 27 -44.98 9.36 -11.34
CA ASN A 27 -44.08 10.41 -11.80
C ASN A 27 -44.44 11.69 -11.07
N VAL A 28 -43.48 12.32 -10.43
CA VAL A 28 -43.83 13.43 -9.59
C VAL A 28 -43.85 14.69 -10.42
N ASN A 29 -44.92 15.47 -10.21
CA ASN A 29 -45.08 16.76 -10.86
C ASN A 29 -44.33 17.88 -10.10
N ILE A 30 -43.39 18.47 -10.82
CA ILE A 30 -42.52 19.48 -10.26
C ILE A 30 -42.62 20.65 -11.21
N PRO A 31 -43.66 21.50 -11.06
CA PRO A 31 -43.87 22.60 -12.00
C PRO A 31 -42.72 23.67 -12.08
N ASP A 32 -41.92 23.87 -11.02
CA ASP A 32 -40.89 24.92 -11.11
C ASP A 32 -39.60 24.48 -11.83
N SER A 33 -39.26 25.11 -12.94
CA SER A 33 -38.08 24.60 -13.69
C SER A 33 -36.72 24.63 -12.95
N THR A 34 -36.41 25.70 -12.22
CA THR A 34 -35.25 25.66 -11.38
C THR A 34 -35.29 24.48 -10.39
N PHE A 35 -36.36 24.38 -9.59
CA PHE A 35 -36.53 23.33 -8.60
C PHE A 35 -36.19 21.95 -9.10
N LYS A 36 -36.78 21.63 -10.22
CA LYS A 36 -36.69 20.33 -10.84
C LYS A 36 -35.30 20.13 -11.39
N ALA A 37 -34.67 21.24 -11.80
CA ALA A 37 -33.31 21.17 -12.33
C ALA A 37 -32.45 20.75 -11.14
N TYR A 38 -32.71 21.35 -9.99
CA TYR A 38 -31.95 21.06 -8.79
C TYR A 38 -32.04 19.53 -8.44
N LEU A 39 -33.26 18.99 -8.50
CA LEU A 39 -33.55 17.61 -8.01
C LEU A 39 -32.91 16.62 -8.96
N ASN A 40 -33.16 16.85 -10.24
CA ASN A 40 -32.43 16.13 -11.24
C ASN A 40 -30.92 16.14 -10.92
N GLY A 41 -30.47 17.24 -10.33
CA GLY A 41 -29.06 17.39 -9.99
C GLY A 41 -28.56 16.38 -9.00
N LEU A 42 -29.28 16.27 -7.90
CA LEU A 42 -29.00 15.34 -6.84
C LEU A 42 -29.02 13.89 -7.34
N LEU A 43 -29.90 13.61 -8.31
CA LEU A 43 -30.10 12.25 -8.87
C LEU A 43 -29.17 12.01 -10.08
N GLY A 44 -28.26 12.97 -10.31
CA GLY A 44 -27.36 12.88 -11.48
C GLY A 44 -28.01 12.81 -12.86
N GLN A 45 -28.96 13.70 -13.14
CA GLN A 45 -29.79 13.59 -14.35
C GLN A 45 -29.92 14.93 -15.01
N ALA A 46 -30.10 14.96 -16.31
CA ALA A 46 -30.32 16.22 -17.07
C ALA A 46 -31.35 17.19 -16.45
N SER A 47 -31.21 18.48 -16.76
CA SER A 47 -32.04 19.52 -16.09
C SER A 47 -33.56 19.25 -16.10
N THR A 48 -34.07 18.73 -17.21
CA THR A 48 -35.51 18.74 -17.41
C THR A 48 -36.00 17.31 -17.46
N ALA A 49 -35.12 16.39 -17.04
CA ALA A 49 -35.44 14.96 -16.95
C ALA A 49 -36.63 14.70 -16.01
N ASN A 50 -37.37 13.63 -16.22
CA ASN A 50 -38.43 13.26 -15.27
C ASN A 50 -37.95 12.54 -13.99
N ILE A 51 -38.77 12.66 -12.93
CA ILE A 51 -38.49 12.14 -11.60
C ILE A 51 -39.71 11.38 -11.05
N THR A 52 -39.44 10.21 -10.49
CA THR A 52 -40.48 9.23 -10.10
C THR A 52 -40.66 9.23 -8.61
N GLU A 53 -41.75 8.62 -8.18
CA GLU A 53 -42.09 8.65 -6.75
C GLU A 53 -40.98 8.06 -5.85
N ALA A 54 -40.30 7.04 -6.32
CA ALA A 54 -39.16 6.50 -5.59
C ALA A 54 -37.93 7.40 -5.57
N GLN A 55 -37.53 7.99 -6.71
CA GLN A 55 -36.43 8.92 -6.71
C GLN A 55 -36.62 10.04 -5.66
N MET A 56 -37.76 10.73 -5.64
CA MET A 56 -38.11 11.62 -4.49
C MET A 56 -37.93 11.01 -3.11
N ASP A 57 -38.27 9.74 -2.99
CA ASP A 57 -38.24 9.07 -1.71
C ASP A 57 -36.85 8.71 -1.26
N SER A 58 -35.88 8.71 -2.19
CA SER A 58 -34.46 8.40 -1.87
C SER A 58 -33.73 9.58 -1.32
N LEU A 59 -34.26 10.79 -1.49
CA LEU A 59 -33.53 12.00 -0.98
C LEU A 59 -33.41 12.01 0.54
N THR A 60 -32.30 12.50 1.02
CA THR A 60 -32.12 12.66 2.44
C THR A 60 -32.04 14.10 2.82
N TYR A 61 -31.69 14.97 1.87
CA TYR A 61 -31.68 16.47 2.06
C TYR A 61 -32.03 17.31 0.81
N ILE A 62 -32.71 18.42 1.04
CA ILE A 62 -32.84 19.37 -0.02
C ILE A 62 -32.17 20.68 0.44
N THR A 63 -31.25 21.22 -0.33
CA THR A 63 -30.72 22.60 -0.08
C THR A 63 -30.94 23.51 -1.28
N LEU A 64 -31.93 24.39 -1.16
CA LEU A 64 -32.14 25.41 -2.18
C LEU A 64 -31.56 26.79 -1.75
N ALA A 65 -30.43 27.20 -2.31
CA ALA A 65 -29.73 28.38 -1.74
C ALA A 65 -29.52 29.44 -2.79
N ASN A 66 -30.14 30.60 -2.57
CA ASN A 66 -30.08 31.74 -3.49
C ASN A 66 -30.33 31.29 -4.91
N ILE A 67 -31.21 30.30 -5.10
CA ILE A 67 -31.68 30.05 -6.48
C ILE A 67 -33.15 30.49 -6.51
N ASN A 68 -33.66 31.01 -7.62
CA ASN A 68 -35.07 31.37 -7.55
C ASN A 68 -35.99 30.22 -7.81
N VAL A 69 -36.69 29.82 -6.75
CA VAL A 69 -37.74 28.81 -6.86
C VAL A 69 -38.99 29.46 -6.38
N THR A 70 -39.95 29.68 -7.27
CA THR A 70 -41.17 30.44 -6.96
C THR A 70 -42.21 29.53 -6.28
N ASP A 71 -42.09 28.24 -6.54
CA ASP A 71 -43.15 27.35 -6.19
C ASP A 71 -42.59 26.01 -5.77
N LEU A 72 -42.96 25.57 -4.57
CA LEU A 72 -42.32 24.37 -4.03
C LEU A 72 -43.07 23.07 -4.34
N THR A 73 -43.98 23.13 -5.31
CA THR A 73 -44.87 21.99 -5.58
C THR A 73 -43.98 20.83 -5.95
N GLY A 74 -44.30 19.68 -5.33
CA GLY A 74 -43.53 18.44 -5.45
C GLY A 74 -42.58 18.14 -4.29
N ILE A 75 -42.26 19.13 -3.48
CA ILE A 75 -41.44 18.83 -2.31
C ILE A 75 -42.17 17.79 -1.42
N GLU A 76 -43.49 17.89 -1.36
CA GLU A 76 -44.30 16.97 -0.52
C GLU A 76 -43.95 15.49 -0.67
N TYR A 77 -43.40 15.11 -1.84
CA TYR A 77 -43.00 13.70 -2.09
C TYR A 77 -41.60 13.31 -1.58
N ALA A 78 -40.87 14.26 -1.01
CA ALA A 78 -39.59 13.96 -0.38
C ALA A 78 -39.77 13.47 1.08
N HIS A 79 -40.43 12.32 1.28
CA HIS A 79 -40.84 11.82 2.62
C HIS A 79 -39.73 11.56 3.54
N ASN A 80 -38.55 11.24 3.00
CA ASN A 80 -37.50 10.77 3.86
C ASN A 80 -36.46 11.79 4.12
N ILE A 81 -36.72 13.04 3.74
CA ILE A 81 -35.70 14.09 3.99
C ILE A 81 -35.54 14.49 5.45
N LYS A 82 -34.29 14.54 5.86
CA LYS A 82 -33.92 14.83 7.24
C LYS A 82 -33.62 16.28 7.39
N ASP A 83 -33.10 16.86 6.32
CA ASP A 83 -32.63 18.26 6.34
C ASP A 83 -33.21 18.98 5.12
N LEU A 84 -33.68 20.20 5.37
CA LEU A 84 -34.19 21.07 4.35
C LEU A 84 -33.68 22.47 4.67
N THR A 85 -32.70 22.96 3.91
CA THR A 85 -32.23 24.35 4.04
C THR A 85 -32.73 25.17 2.83
N ILE A 86 -33.45 26.23 3.15
CA ILE A 86 -33.99 27.15 2.16
C ILE A 86 -33.50 28.58 2.52
N ASN A 87 -32.75 29.17 1.59
CA ASN A 87 -32.22 30.51 1.75
C ASN A 87 -32.48 31.35 0.51
N ASN A 88 -33.31 32.36 0.68
CA ASN A 88 -33.48 33.37 -0.34
C ASN A 88 -34.01 32.84 -1.65
N ILE A 89 -35.12 32.08 -1.63
CA ILE A 89 -35.67 31.56 -2.92
C ILE A 89 -36.90 32.30 -3.42
N HIS A 90 -37.47 33.20 -2.61
CA HIS A 90 -38.62 34.04 -3.03
C HIS A 90 -39.78 33.20 -3.43
N ALA A 91 -40.10 32.19 -2.63
CA ALA A 91 -41.31 31.42 -2.88
C ALA A 91 -42.51 32.24 -2.43
N THR A 92 -43.65 32.14 -3.12
CA THR A 92 -44.84 32.85 -2.65
C THR A 92 -45.29 32.39 -1.26
N ASN A 93 -45.31 31.08 -1.04
CA ASN A 93 -45.36 30.57 0.32
C ASN A 93 -44.51 29.33 0.47
N TYR A 94 -44.56 28.71 1.66
CA TYR A 94 -43.76 27.49 1.97
C TYR A 94 -44.68 26.38 2.46
N ASN A 95 -45.87 26.42 1.89
CA ASN A 95 -47.00 25.67 2.44
C ASN A 95 -46.78 24.19 2.42
N GLN A 96 -46.06 23.74 1.39
CA GLN A 96 -45.85 22.34 1.15
C GLN A 96 -44.80 21.66 2.00
N ILE A 97 -44.26 22.32 3.02
CA ILE A 97 -43.27 21.67 3.88
C ILE A 97 -43.95 21.11 5.12
N SER A 98 -45.14 21.62 5.42
CA SER A 98 -45.94 21.21 6.60
C SER A 98 -46.25 19.71 6.80
N GLY A 99 -46.03 18.90 5.78
CA GLY A 99 -46.34 17.47 5.89
C GLY A 99 -45.07 16.63 6.00
N LEU A 100 -43.93 17.30 6.14
CA LEU A 100 -42.67 16.55 6.08
C LEU A 100 -42.33 16.08 7.47
N SER A 101 -43.09 15.10 7.91
CA SER A 101 -43.06 14.63 9.28
C SER A 101 -41.74 13.96 9.68
N ASN A 102 -40.90 13.60 8.72
CA ASN A 102 -39.62 13.04 9.13
C ASN A 102 -38.50 14.07 9.13
N LEU A 103 -38.84 15.33 8.99
CA LEU A 103 -37.80 16.37 8.96
C LEU A 103 -37.14 16.55 10.34
N GLU A 104 -35.80 16.65 10.34
CA GLU A 104 -35.01 16.83 11.61
C GLU A 104 -34.51 18.26 11.81
N ARG A 105 -33.86 18.81 10.79
CA ARG A 105 -33.47 20.22 10.78
C ARG A 105 -34.16 21.01 9.67
N LEU A 106 -34.58 22.21 10.02
CA LEU A 106 -35.26 23.08 9.10
C LEU A 106 -34.69 24.53 9.30
N ARG A 107 -34.24 25.15 8.17
CA ARG A 107 -33.92 26.59 7.99
C ARG A 107 -34.71 27.21 6.84
N ILE A 108 -35.44 28.29 7.13
CA ILE A 108 -35.98 29.21 6.14
C ILE A 108 -35.52 30.63 6.51
N MET A 109 -34.87 31.27 5.54
CA MET A 109 -34.20 32.58 5.65
C MET A 109 -34.49 33.32 4.35
N GLY A 110 -34.55 34.66 4.43
CA GLY A 110 -34.94 35.45 3.28
C GLY A 110 -35.61 36.69 3.75
N ALA A 111 -35.03 37.83 3.32
CA ALA A 111 -35.54 39.15 3.61
C ALA A 111 -37.04 39.33 3.22
N ASP A 112 -37.49 38.57 2.22
CA ASP A 112 -38.90 38.61 1.82
C ASP A 112 -39.72 37.59 2.58
N VAL A 113 -39.12 36.85 3.50
CA VAL A 113 -39.96 35.87 4.20
C VAL A 113 -40.73 36.53 5.34
N THR A 114 -41.97 36.94 5.03
CA THR A 114 -42.92 37.43 6.01
C THR A 114 -43.63 36.24 6.65
N SER A 115 -44.29 36.51 7.78
CA SER A 115 -44.89 35.44 8.62
C SER A 115 -46.08 34.67 7.98
N ASP A 116 -46.80 35.30 7.06
CA ASP A 116 -47.92 34.63 6.37
C ASP A 116 -47.48 33.51 5.40
N LYS A 117 -46.23 33.53 5.01
CA LYS A 117 -45.75 32.58 4.06
C LYS A 117 -45.46 31.20 4.66
N ILE A 118 -45.20 31.17 5.96
CA ILE A 118 -44.97 29.92 6.68
C ILE A 118 -46.32 29.50 7.19
N PRO A 119 -46.72 28.26 6.89
CA PRO A 119 -47.86 27.65 7.53
C PRO A 119 -47.47 27.10 8.92
N ASN A 120 -48.48 26.62 9.61
CA ASN A 120 -48.34 25.85 10.82
C ASN A 120 -47.39 24.65 10.72
N LEU A 121 -46.45 24.55 11.65
CA LEU A 121 -45.52 23.45 11.62
C LEU A 121 -45.81 22.35 12.67
N SER A 122 -46.86 22.51 13.48
CA SER A 122 -47.26 21.46 14.42
C SER A 122 -47.17 20.01 13.88
N GLY A 123 -47.25 19.80 12.57
CA GLY A 123 -47.06 18.44 12.01
C GLY A 123 -45.60 17.93 11.95
N LEU A 124 -44.64 18.80 12.21
CA LEU A 124 -43.20 18.48 12.11
C LEU A 124 -42.72 17.93 13.44
N THR A 125 -43.21 16.74 13.75
CA THR A 125 -43.12 16.13 15.08
C THR A 125 -41.78 15.47 15.34
N ASN A 126 -40.98 15.24 14.30
CA ASN A 126 -39.60 14.85 14.52
C ASN A 126 -38.55 16.01 14.45
N LEU A 127 -39.04 17.25 14.39
CA LEU A 127 -38.15 18.38 14.09
C LEU A 127 -37.37 18.76 15.34
N THR A 128 -36.05 18.69 15.28
CA THR A 128 -35.31 19.03 16.49
C THR A 128 -34.70 20.45 16.43
N LEU A 129 -34.54 21.03 15.23
CA LEU A 129 -33.84 22.31 15.05
C LEU A 129 -34.61 23.14 14.09
N LEU A 130 -35.04 24.34 14.50
CA LEU A 130 -35.73 25.30 13.64
C LEU A 130 -35.00 26.65 13.63
N ASP A 131 -34.83 27.25 12.46
CA ASP A 131 -34.00 28.45 12.27
C ASP A 131 -34.77 29.25 11.23
N LEU A 132 -35.56 30.22 11.70
CA LEU A 132 -36.13 31.17 10.79
C LEU A 132 -35.38 32.53 10.81
N SER A 133 -34.06 32.53 10.97
CA SER A 133 -33.31 33.83 11.05
C SER A 133 -33.34 34.69 9.80
N HIS A 134 -32.84 35.91 9.91
CA HIS A 134 -32.67 36.79 8.73
C HIS A 134 -33.90 36.78 7.84
N SER A 135 -35.05 37.12 8.43
CA SER A 135 -36.22 37.28 7.67
C SER A 135 -37.01 38.52 8.03
N ALA A 136 -38.28 38.49 7.65
CA ALA A 136 -39.18 39.59 7.83
C ALA A 136 -40.25 39.14 8.83
N HIS A 137 -39.87 38.34 9.81
CA HIS A 137 -40.85 37.83 10.79
C HIS A 137 -41.43 38.79 11.80
N ASP A 138 -42.69 38.55 12.17
CA ASP A 138 -43.44 39.33 13.20
C ASP A 138 -43.95 38.40 14.28
N ASP A 139 -44.56 38.97 15.32
CA ASP A 139 -45.03 38.13 16.43
C ASP A 139 -45.86 36.91 16.08
N SER A 140 -46.73 37.00 15.08
CA SER A 140 -47.58 35.84 14.65
C SER A 140 -46.88 34.54 14.31
N ILE A 141 -45.59 34.63 14.03
CA ILE A 141 -44.83 33.40 13.78
C ILE A 141 -44.80 32.40 14.93
N LEU A 142 -44.85 32.92 16.16
CA LEU A 142 -44.84 32.11 17.40
C LEU A 142 -45.92 31.02 17.52
N THR A 143 -47.13 31.35 17.10
CA THR A 143 -48.25 30.46 17.35
C THR A 143 -48.21 29.27 16.42
N LYS A 144 -47.44 29.41 15.34
CA LYS A 144 -47.18 28.34 14.39
C LYS A 144 -46.00 27.41 14.79
N ILE A 145 -45.21 27.81 15.78
CA ILE A 145 -44.01 27.07 16.10
C ILE A 145 -43.92 26.62 17.54
N ASN A 146 -44.78 27.16 18.37
CA ASN A 146 -44.74 26.91 19.81
C ASN A 146 -45.47 25.64 20.28
N THR A 147 -45.82 24.75 19.36
CA THR A 147 -46.37 23.43 19.75
C THR A 147 -45.41 22.32 19.35
N LEU A 148 -44.26 22.69 18.79
CA LEU A 148 -43.32 21.71 18.28
C LEU A 148 -42.78 20.88 19.43
N PRO A 149 -42.94 19.55 19.37
CA PRO A 149 -42.70 18.68 20.52
C PRO A 149 -41.24 18.35 20.75
N LYS A 150 -40.46 18.15 19.69
CA LYS A 150 -39.07 17.80 19.89
C LYS A 150 -38.07 18.93 19.66
N VAL A 151 -38.56 20.11 19.28
CA VAL A 151 -37.59 21.19 18.94
C VAL A 151 -36.80 21.71 20.17
N THR A 152 -35.50 21.43 20.21
CA THR A 152 -34.62 21.92 21.31
C THR A 152 -33.93 23.28 21.06
N SER A 153 -33.71 23.67 19.79
CA SER A 153 -33.24 25.06 19.47
C SER A 153 -34.00 25.79 18.32
N ILE A 154 -34.22 27.08 18.51
CA ILE A 154 -34.82 27.91 17.53
C ILE A 154 -33.90 29.11 17.37
N ASP A 155 -33.70 29.55 16.12
CA ASP A 155 -33.04 30.83 15.74
C ASP A 155 -33.97 31.84 15.06
N LEU A 156 -34.29 32.94 15.72
CA LEU A 156 -35.17 33.93 15.11
C LEU A 156 -34.43 35.22 15.09
N SER A 157 -33.12 35.10 15.08
CA SER A 157 -32.31 36.30 15.19
C SER A 157 -32.42 37.07 13.88
N TYR A 158 -32.17 38.39 13.91
CA TYR A 158 -32.25 39.22 12.71
C TYR A 158 -33.69 39.30 12.14
N ASN A 159 -34.71 39.18 13.01
CA ASN A 159 -36.09 39.43 12.65
C ASN A 159 -36.52 40.60 13.47
N GLY A 160 -36.42 41.78 12.89
CA GLY A 160 -36.42 43.01 13.66
C GLY A 160 -37.75 43.29 14.37
N ALA A 161 -38.83 42.75 13.82
CA ALA A 161 -40.17 43.06 14.33
C ALA A 161 -40.77 41.93 15.19
N ILE A 162 -39.91 41.28 15.96
CA ILE A 162 -40.30 40.28 16.93
C ILE A 162 -39.93 40.92 18.24
N THR A 163 -40.92 41.07 19.11
CA THR A 163 -40.88 41.95 20.28
C THR A 163 -41.26 41.21 21.57
N ASP A 164 -41.70 39.96 21.45
CA ASP A 164 -42.15 39.24 22.64
C ASP A 164 -42.12 37.74 22.39
N ILE A 165 -41.27 37.08 23.18
CA ILE A 165 -41.03 35.64 23.11
C ILE A 165 -41.76 34.79 24.17
N MET A 166 -42.64 35.38 24.96
CA MET A 166 -43.28 34.54 25.99
C MET A 166 -44.12 33.35 25.40
N PRO A 167 -44.98 33.56 24.37
CA PRO A 167 -45.60 32.39 23.76
C PRO A 167 -44.74 31.15 23.50
N LEU A 168 -43.43 31.21 23.62
CA LEU A 168 -42.69 29.94 23.44
C LEU A 168 -42.49 29.28 24.77
N LYS A 169 -43.01 29.89 25.83
CA LYS A 169 -42.98 29.17 27.10
C LYS A 169 -43.69 27.81 27.03
N THR A 170 -44.66 27.64 26.14
CA THR A 170 -45.44 26.36 26.07
C THR A 170 -44.66 25.20 25.48
N MET A 171 -43.59 25.49 24.72
CA MET A 171 -42.70 24.44 24.16
C MET A 171 -42.06 23.57 25.22
N PRO A 172 -42.24 22.25 25.15
CA PRO A 172 -41.83 21.36 26.20
C PRO A 172 -40.34 21.12 26.26
N GLU A 173 -39.69 21.22 25.10
CA GLU A 173 -38.32 20.72 24.92
C GLU A 173 -37.29 21.77 24.52
N LEU A 174 -37.72 23.05 24.45
CA LEU A 174 -36.84 24.16 24.03
C LEU A 174 -35.76 24.43 25.06
N LYS A 175 -34.52 24.21 24.63
CA LYS A 175 -33.30 24.51 25.43
C LYS A 175 -32.56 25.79 25.01
N SER A 176 -32.66 26.16 23.72
CA SER A 176 -31.94 27.31 23.21
C SER A 176 -32.73 28.16 22.24
N LEU A 177 -32.61 29.47 22.44
CA LEU A 177 -33.37 30.41 21.68
C LEU A 177 -32.46 31.56 21.41
N ASN A 178 -32.31 31.83 20.11
CA ASN A 178 -31.55 32.95 19.61
C ASN A 178 -32.48 34.07 19.03
N ILE A 179 -32.51 35.23 19.67
CA ILE A 179 -33.31 36.34 19.14
C ILE A 179 -32.41 37.61 18.94
N GLN A 180 -31.10 37.37 18.83
CA GLN A 180 -30.14 38.43 18.56
C GLN A 180 -30.62 39.41 17.49
N PHE A 181 -30.48 40.71 17.78
CA PHE A 181 -30.89 41.75 16.85
C PHE A 181 -32.39 41.86 16.62
N ASP A 182 -33.22 41.26 17.47
CA ASP A 182 -34.68 41.49 17.39
C ASP A 182 -35.15 42.77 18.14
N GLY A 183 -36.46 42.86 18.46
CA GLY A 183 -37.05 43.95 19.26
C GLY A 183 -37.73 43.53 20.58
N VAL A 184 -37.16 42.58 21.32
CA VAL A 184 -37.74 42.10 22.58
C VAL A 184 -37.42 43.03 23.76
N HIS A 185 -38.41 43.26 24.61
CA HIS A 185 -38.29 44.29 25.61
C HIS A 185 -38.50 43.80 27.01
N ASP A 186 -39.23 42.70 27.18
CA ASP A 186 -39.64 42.23 28.52
C ASP A 186 -39.31 40.77 28.82
N TYR A 187 -38.47 40.53 29.83
CA TYR A 187 -38.06 39.14 30.14
C TYR A 187 -38.79 38.50 31.30
N ARG A 188 -39.77 39.21 31.88
CA ARG A 188 -40.66 38.68 32.93
C ARG A 188 -41.45 37.45 32.41
N GLY A 189 -41.20 36.29 32.99
CA GLY A 189 -41.91 35.06 32.61
C GLY A 189 -40.97 34.05 31.98
N ILE A 190 -39.74 34.50 31.73
CA ILE A 190 -38.70 33.62 31.21
C ILE A 190 -38.51 32.35 32.04
N GLU A 191 -38.88 32.39 33.31
CA GLU A 191 -38.72 31.15 34.06
C GLU A 191 -39.83 30.15 33.92
N ASP A 192 -40.85 30.50 33.14
CA ASP A 192 -41.93 29.53 32.78
C ASP A 192 -41.53 28.56 31.69
N PHE A 193 -40.51 28.93 30.94
CA PHE A 193 -39.87 28.05 29.94
C PHE A 193 -39.28 26.90 30.69
N PRO A 194 -39.76 25.70 30.39
CA PRO A 194 -39.40 24.53 31.13
C PRO A 194 -37.97 24.14 31.06
N LYS A 195 -37.33 24.34 29.90
CA LYS A 195 -36.01 23.77 29.67
C LYS A 195 -34.98 24.72 29.07
N LEU A 196 -35.40 25.96 28.77
CA LEU A 196 -34.53 26.95 28.17
C LEU A 196 -33.29 27.26 29.07
N ASN A 197 -32.10 26.86 28.58
CA ASN A 197 -30.90 27.07 29.34
C ASN A 197 -29.88 28.01 28.66
N THR A 198 -30.35 28.70 27.62
CA THR A 198 -29.50 29.50 26.71
C THR A 198 -30.36 30.48 25.97
N LEU A 199 -30.09 31.75 26.23
CA LEU A 199 -30.86 32.85 25.67
C LEU A 199 -29.85 33.80 25.10
N LEU A 200 -29.88 34.00 23.79
CA LEU A 200 -28.92 34.87 23.08
C LEU A 200 -29.72 36.02 22.54
N ALA A 201 -29.64 37.19 23.17
CA ALA A 201 -30.53 38.33 22.92
C ALA A 201 -29.71 39.65 22.91
N TYR A 202 -28.42 39.52 22.67
CA TYR A 202 -27.59 40.70 22.41
C TYR A 202 -28.26 41.65 21.43
N SER A 203 -28.24 42.92 21.79
CA SER A 203 -28.50 44.02 20.88
C SER A 203 -29.90 44.00 20.22
N GLN A 204 -30.93 43.99 21.05
CA GLN A 204 -32.30 44.20 20.66
C GLN A 204 -32.57 45.67 20.35
N THR A 205 -33.35 45.94 19.30
CA THR A 205 -33.77 47.32 19.04
C THR A 205 -35.27 47.44 19.16
N ILE A 206 -35.67 47.83 20.37
CA ILE A 206 -37.05 48.00 20.74
C ILE A 206 -37.65 49.14 19.88
N GLY A 207 -38.61 48.79 19.02
CA GLY A 207 -39.30 49.76 18.17
C GLY A 207 -38.60 50.02 16.84
N GLY A 208 -37.65 49.16 16.48
CA GLY A 208 -36.91 49.26 15.22
C GLY A 208 -37.67 48.84 13.97
N LYS A 209 -38.43 47.76 14.03
CA LYS A 209 -39.32 47.47 12.90
C LYS A 209 -40.81 47.66 13.25
N LYS A 210 -41.28 47.10 14.36
CA LYS A 210 -42.62 47.44 14.79
C LYS A 210 -42.46 48.74 15.61
N LEU A 211 -42.95 49.84 15.04
CA LEU A 211 -42.68 51.15 15.60
C LEU A 211 -43.55 51.44 16.81
N ILE A 212 -42.98 52.19 17.75
CA ILE A 212 -43.70 52.60 18.94
C ILE A 212 -44.02 54.11 18.97
N ASN A 213 -45.30 54.40 19.12
CA ASN A 213 -45.77 55.76 19.13
C ASN A 213 -46.77 55.99 20.23
N SER A 214 -46.60 57.09 20.96
CA SER A 214 -47.59 57.49 21.94
C SER A 214 -48.23 58.84 21.60
N ASP A 215 -49.56 58.91 21.72
CA ASP A 215 -50.34 60.17 21.70
C ASP A 215 -50.48 60.75 23.10
N ILE A 216 -49.79 61.88 23.35
CA ILE A 216 -49.73 62.46 24.70
C ILE A 216 -50.18 63.92 24.73
N LYS A 217 -50.86 64.29 25.82
CA LYS A 217 -51.21 65.68 26.07
C LYS A 217 -49.95 66.40 26.55
N SER A 218 -49.83 67.68 26.21
CA SER A 218 -48.71 68.50 26.67
C SER A 218 -48.58 68.60 28.20
N SER A 219 -49.57 68.09 28.94
CA SER A 219 -49.58 68.11 30.41
C SER A 219 -48.71 67.00 31.00
N LYS A 220 -48.44 65.97 30.21
CA LYS A 220 -47.53 64.88 30.61
C LYS A 220 -46.10 65.38 30.69
N LEU A 221 -45.83 66.50 30.02
CA LEU A 221 -44.49 67.12 29.99
C LEU A 221 -44.36 68.25 31.04
N THR A 222 -43.17 68.81 31.23
CA THR A 222 -42.98 69.91 32.16
C THR A 222 -42.17 71.03 31.53
N TYR A 223 -42.81 72.19 31.35
CA TYR A 223 -42.15 73.40 30.86
C TYR A 223 -41.94 74.41 32.01
N ASN A 224 -40.78 75.04 32.03
CA ASN A 224 -40.39 76.02 33.05
C ASN A 224 -40.04 77.35 32.35
N ALA A 225 -40.81 78.40 32.67
CA ALA A 225 -40.82 79.66 31.90
C ALA A 225 -39.48 80.32 32.00
N GLU A 226 -39.04 80.43 33.24
CA GLU A 226 -37.84 81.15 33.65
C GLU A 226 -36.58 80.58 33.05
N ASN A 227 -36.40 79.26 33.24
CA ASN A 227 -35.16 78.58 32.86
C ASN A 227 -35.18 78.16 31.41
N GLN A 228 -36.38 78.20 30.83
CA GLN A 228 -36.58 77.85 29.42
C GLN A 228 -36.07 76.45 29.17
N THR A 229 -36.63 75.55 29.98
CA THR A 229 -36.23 74.14 30.01
C THR A 229 -37.46 73.28 29.77
N LEU A 230 -37.26 72.23 28.97
CA LEU A 230 -38.28 71.21 28.70
C LEU A 230 -37.84 69.90 29.30
N TYR A 231 -38.73 69.29 30.08
CA TYR A 231 -38.45 68.07 30.81
C TYR A 231 -39.37 66.98 30.35
N VAL A 232 -38.77 65.88 29.89
CA VAL A 232 -39.53 64.69 29.52
C VAL A 232 -39.22 63.55 30.49
N PRO A 233 -40.21 63.14 31.30
CA PRO A 233 -40.04 61.99 32.20
C PRO A 233 -39.99 60.62 31.46
N PHE A 234 -39.12 59.73 31.94
CA PHE A 234 -39.00 58.41 31.35
C PHE A 234 -40.11 57.45 31.72
N SER A 235 -41.09 57.92 32.48
CA SER A 235 -42.27 57.13 32.71
C SER A 235 -43.09 57.05 31.41
N LEU A 236 -42.71 57.85 30.43
CA LEU A 236 -43.34 57.86 29.12
C LEU A 236 -42.84 56.77 28.17
N MET A 237 -41.60 56.34 28.40
CA MET A 237 -40.98 55.23 27.66
C MET A 237 -41.47 53.88 28.18
N THR A 238 -42.77 53.63 28.05
CA THR A 238 -43.44 52.37 28.50
C THR A 238 -42.85 51.03 28.01
N GLU A 239 -41.99 51.09 26.99
CA GLU A 239 -41.40 49.89 26.41
C GLU A 239 -39.89 49.82 26.65
N ARG A 240 -39.47 50.17 27.86
CA ARG A 240 -38.06 50.11 28.22
C ARG A 240 -37.71 48.74 28.78
N THR A 241 -36.54 48.23 28.43
CA THR A 241 -36.11 46.90 28.89
C THR A 241 -36.52 46.64 30.34
N VAL A 242 -37.02 45.43 30.60
CA VAL A 242 -37.24 44.97 31.96
C VAL A 242 -36.72 43.51 32.07
N ASN A 243 -35.67 43.31 32.88
CA ASN A 243 -35.22 41.94 33.20
C ASN A 243 -36.28 41.13 33.98
N TYR A 244 -36.10 39.82 33.96
CA TYR A 244 -37.06 38.88 34.52
C TYR A 244 -37.44 39.28 35.96
N ASP A 245 -36.54 40.03 36.59
CA ASP A 245 -36.63 40.26 38.02
C ASP A 245 -37.13 41.65 38.33
N GLY A 246 -37.64 42.33 37.30
CA GLY A 246 -38.08 43.72 37.44
C GLY A 246 -37.00 44.80 37.29
N TYR A 247 -35.74 44.41 37.23
CA TYR A 247 -34.70 45.43 37.13
C TYR A 247 -34.94 46.27 35.87
N VAL A 248 -34.90 47.60 36.02
CA VAL A 248 -35.13 48.52 34.91
C VAL A 248 -33.90 49.42 34.65
N PRO A 249 -32.97 48.92 33.82
CA PRO A 249 -31.72 49.64 33.59
C PRO A 249 -31.96 50.99 33.04
N ASP A 250 -31.10 51.92 33.44
CA ASP A 250 -31.18 53.28 32.99
C ASP A 250 -30.76 53.36 31.55
N PHE A 251 -31.38 54.31 30.86
CA PHE A 251 -30.81 54.89 29.66
C PHE A 251 -29.41 55.47 29.91
N VAL A 252 -28.58 55.51 28.87
CA VAL A 252 -27.25 56.05 28.94
C VAL A 252 -27.36 57.55 29.12
N LYS A 253 -26.35 58.13 29.74
CA LYS A 253 -26.34 59.54 30.10
C LYS A 253 -25.62 60.39 29.04
N SER A 254 -24.86 59.73 28.17
CA SER A 254 -24.11 60.38 27.10
C SER A 254 -25.02 61.18 26.16
N THR A 255 -24.67 62.44 25.88
CA THR A 255 -25.36 63.24 24.86
C THR A 255 -24.78 63.19 23.43
N ALA A 256 -23.77 62.37 23.18
CA ALA A 256 -23.25 62.15 21.80
C ALA A 256 -24.27 61.44 20.89
N SER A 257 -24.26 61.77 19.60
CA SER A 257 -25.29 61.28 18.69
C SER A 257 -25.17 59.79 18.34
N SER A 258 -24.20 59.12 18.93
CA SER A 258 -24.07 57.69 18.79
C SER A 258 -24.71 57.03 20.01
N ASP A 259 -25.17 57.85 20.92
CA ASP A 259 -25.68 57.36 22.18
C ASP A 259 -27.08 57.83 22.37
N THR A 260 -27.31 59.11 22.08
CA THR A 260 -28.67 59.64 22.13
C THR A 260 -29.00 60.37 20.83
N TYR A 261 -30.28 60.33 20.48
CA TYR A 261 -30.80 60.96 19.29
C TYR A 261 -32.16 61.52 19.66
N PHE A 262 -32.21 62.75 20.15
CA PHE A 262 -33.47 63.42 20.49
C PHE A 262 -33.96 64.28 19.37
N THR A 263 -35.27 64.30 19.20
CA THR A 263 -35.90 64.93 18.07
C THR A 263 -37.07 65.73 18.58
N MET A 264 -37.08 67.02 18.23
CA MET A 264 -38.29 67.86 18.35
C MET A 264 -38.80 68.32 16.99
N ASN A 265 -40.11 68.23 16.78
CA ASN A 265 -40.68 68.53 15.47
C ASN A 265 -39.79 68.11 14.30
N GLU A 266 -39.47 66.81 14.30
CA GLU A 266 -38.65 66.11 13.30
C GLU A 266 -37.25 66.65 13.16
N GLN A 267 -36.82 67.38 14.18
CA GLN A 267 -35.49 67.99 14.20
C GLN A 267 -34.68 67.49 15.40
N GLN A 268 -33.53 66.91 15.11
CA GLN A 268 -32.64 66.46 16.16
C GLN A 268 -32.11 67.65 16.95
N VAL A 269 -32.41 67.65 18.25
CA VAL A 269 -31.87 68.61 19.21
C VAL A 269 -30.36 68.44 19.37
N ASN A 270 -29.66 69.54 19.64
CA ASN A 270 -28.24 69.43 19.81
C ASN A 270 -27.88 68.76 21.11
N GLY A 271 -26.93 67.84 21.05
CA GLY A 271 -26.47 67.11 22.22
C GLY A 271 -26.28 68.00 23.43
N ASN A 272 -25.74 69.19 23.20
CA ASN A 272 -25.41 70.14 24.27
C ASN A 272 -26.64 70.77 24.93
N ARG A 273 -27.80 70.61 24.29
CA ARG A 273 -29.05 71.16 24.83
C ARG A 273 -29.72 70.17 25.81
N LEU A 274 -29.00 69.08 26.11
CA LEU A 274 -29.61 67.98 26.83
C LEU A 274 -28.90 67.58 28.10
N THR A 275 -29.69 67.28 29.11
CA THR A 275 -29.23 66.70 30.37
C THR A 275 -30.06 65.47 30.71
N ILE A 276 -29.38 64.34 30.93
CA ILE A 276 -30.05 63.07 31.25
C ILE A 276 -29.79 62.56 32.68
N THR A 277 -30.82 62.54 33.53
CA THR A 277 -30.79 61.81 34.84
C THR A 277 -31.40 60.43 34.60
N SER A 278 -31.71 59.70 35.67
CA SER A 278 -32.42 58.44 35.55
C SER A 278 -33.89 58.69 35.28
N ASP A 279 -34.39 59.82 35.77
CA ASP A 279 -35.83 60.05 35.77
C ASP A 279 -36.29 60.75 34.52
N GLY A 280 -35.36 61.30 33.76
CA GLY A 280 -35.77 62.11 32.65
C GLY A 280 -34.71 62.88 31.92
N LEU A 281 -35.18 63.56 30.87
CA LEU A 281 -34.31 64.27 29.96
C LEU A 281 -34.76 65.70 29.97
N THR A 282 -33.78 66.59 29.93
CA THR A 282 -33.99 68.01 30.15
C THR A 282 -33.36 68.78 29.00
N VAL A 283 -34.17 69.60 28.31
CA VAL A 283 -33.69 70.39 27.17
C VAL A 283 -33.64 71.88 27.51
N SER A 284 -32.47 72.51 27.37
CA SER A 284 -32.32 73.94 27.60
C SER A 284 -32.71 74.74 26.36
N ASP A 285 -32.93 76.04 26.55
CA ASP A 285 -33.13 77.00 25.47
C ASP A 285 -34.48 76.80 24.80
N VAL A 286 -35.50 76.53 25.58
CA VAL A 286 -36.79 76.31 25.00
C VAL A 286 -37.76 77.42 25.41
N SER A 287 -38.14 78.28 24.46
CA SER A 287 -39.15 79.32 24.70
C SER A 287 -40.57 78.74 24.76
N LYS A 288 -41.50 79.42 25.45
CA LYS A 288 -42.92 79.04 25.47
C LYS A 288 -43.42 78.90 24.02
N THR A 289 -42.82 79.68 23.12
CA THR A 289 -43.09 79.63 21.67
C THR A 289 -42.74 78.27 21.10
N ASP A 290 -41.54 77.79 21.45
CA ASP A 290 -41.11 76.47 21.02
C ASP A 290 -42.01 75.41 21.63
N PHE A 291 -42.43 75.65 22.89
CA PHE A 291 -43.29 74.73 23.66
C PHE A 291 -44.71 74.58 23.07
N ASP A 292 -45.37 75.69 22.75
CA ASP A 292 -46.67 75.65 22.07
C ASP A 292 -46.50 74.97 20.72
N ASN A 293 -45.48 75.38 19.97
CA ASN A 293 -45.14 74.78 18.69
C ASN A 293 -44.40 73.48 18.87
N LEU A 294 -45.10 72.50 19.43
CA LEU A 294 -44.54 71.17 19.61
C LEU A 294 -45.55 70.05 19.32
N GLU A 295 -45.32 69.31 18.24
CA GLU A 295 -46.24 68.29 17.78
C GLU A 295 -45.63 66.90 17.85
N LYS A 296 -44.31 66.87 17.63
CA LYS A 296 -43.63 65.64 17.38
C LYS A 296 -42.40 65.53 18.29
N MET A 297 -42.15 64.30 18.78
CA MET A 297 -40.91 63.96 19.50
C MET A 297 -40.40 62.60 19.09
N GLU A 298 -39.09 62.40 19.23
CA GLU A 298 -38.51 61.07 19.11
C GLU A 298 -37.36 60.80 20.07
N TYR A 299 -37.52 59.84 20.96
CA TYR A 299 -36.42 59.40 21.82
C TYR A 299 -35.84 58.09 21.33
N ASN A 300 -34.59 58.16 20.84
CA ASN A 300 -33.85 57.01 20.33
C ASN A 300 -32.48 56.88 20.98
N ALA A 301 -32.34 56.04 22.00
CA ALA A 301 -31.06 56.00 22.72
C ALA A 301 -30.69 54.61 23.18
N ARG A 302 -29.42 54.43 23.53
CA ARG A 302 -28.95 53.17 24.09
C ARG A 302 -29.39 53.04 25.52
N ILE A 303 -29.63 51.81 25.95
CA ILE A 303 -29.94 51.53 27.34
C ILE A 303 -28.70 50.90 27.95
N ASP A 304 -28.29 51.42 29.10
CA ASP A 304 -27.06 51.03 29.75
C ASP A 304 -27.26 49.68 30.41
N LEU A 305 -27.05 48.61 29.64
CA LEU A 305 -27.36 47.28 30.19
C LEU A 305 -26.22 46.31 29.90
N SER A 306 -25.14 46.50 30.64
CA SER A 306 -23.90 45.76 30.52
C SER A 306 -24.05 44.34 30.98
N TYR A 307 -23.36 43.44 30.31
CA TYR A 307 -23.43 42.02 30.66
C TYR A 307 -23.35 41.73 32.15
N GLN A 308 -22.44 42.38 32.90
CA GLN A 308 -22.31 42.11 34.35
C GLN A 308 -23.29 42.90 35.29
N SER A 309 -24.06 43.83 34.70
CA SER A 309 -24.92 44.73 35.48
C SER A 309 -26.31 44.18 35.85
N TYR A 310 -26.59 42.91 35.58
CA TYR A 310 -27.96 42.35 35.81
C TYR A 310 -27.90 40.93 36.27
N ASN A 311 -28.91 40.48 37.02
CA ASN A 311 -28.92 39.09 37.43
C ASN A 311 -29.43 38.20 36.36
N THR A 312 -28.95 36.95 36.35
CA THR A 312 -29.44 35.92 35.45
C THR A 312 -30.21 34.85 36.21
N PRO A 313 -31.37 34.43 35.67
CA PRO A 313 -32.16 33.37 36.36
C PRO A 313 -31.38 32.06 36.54
N GLU A 314 -31.85 31.20 37.45
CA GLU A 314 -31.13 29.96 37.80
C GLU A 314 -30.98 28.92 36.67
N GLN A 315 -31.98 28.84 35.80
CA GLN A 315 -31.95 27.78 34.82
C GLN A 315 -30.83 27.96 33.79
N PHE A 316 -30.32 29.20 33.67
CA PHE A 316 -29.21 29.48 32.76
C PHE A 316 -27.83 29.40 33.45
N GLN A 317 -27.81 29.08 34.75
CA GLN A 317 -26.60 29.12 35.57
C GLN A 317 -25.77 27.89 35.63
N ASN A 318 -26.00 26.88 34.82
CA ASN A 318 -25.11 25.75 34.98
C ASN A 318 -24.25 25.34 33.77
N GLY A 319 -23.81 26.31 32.97
CA GLY A 319 -23.33 25.96 31.61
C GLY A 319 -24.15 26.68 30.54
N GLY A 320 -25.33 27.17 30.94
CA GLY A 320 -26.14 28.06 30.12
C GLY A 320 -25.60 29.49 29.95
N SER A 321 -26.29 30.25 29.10
CA SER A 321 -26.02 31.66 28.83
C SER A 321 -27.33 32.45 28.81
N TYR A 322 -27.21 33.69 29.28
CA TYR A 322 -28.29 34.64 29.38
C TYR A 322 -27.68 35.97 29.10
N THR A 323 -27.75 36.37 27.83
CA THR A 323 -27.21 37.61 27.36
C THR A 323 -28.36 38.46 26.82
N ILE A 324 -28.72 39.52 27.54
CA ILE A 324 -29.78 40.48 27.16
C ILE A 324 -29.12 41.85 27.06
N SER A 325 -27.84 41.83 26.66
CA SER A 325 -26.96 42.99 26.80
C SER A 325 -27.28 44.07 25.81
N MET A 326 -27.16 45.32 26.27
CA MET A 326 -27.00 46.48 25.41
C MET A 326 -28.12 46.72 24.38
N PRO A 327 -29.36 46.87 24.88
CA PRO A 327 -30.39 47.14 23.88
C PRO A 327 -30.44 48.61 23.52
N ILE A 328 -31.31 48.90 22.55
CA ILE A 328 -31.49 50.23 22.00
C ILE A 328 -32.97 50.52 21.97
N TYR A 329 -33.33 51.74 22.38
CA TYR A 329 -34.75 52.07 22.48
C TYR A 329 -35.15 53.11 21.44
N ASP A 330 -36.33 52.93 20.83
CA ASP A 330 -36.82 53.91 19.85
C ASP A 330 -38.33 54.17 19.98
N HIS A 331 -38.67 55.41 20.33
CA HIS A 331 -40.03 55.75 20.70
C HIS A 331 -40.41 57.10 20.13
N TYR A 332 -41.49 57.09 19.36
CA TYR A 332 -42.04 58.28 18.70
C TYR A 332 -43.26 58.84 19.47
N PHE A 333 -43.42 60.14 19.48
CA PHE A 333 -44.55 60.76 20.18
C PHE A 333 -45.33 61.80 19.35
N THR A 334 -46.61 61.96 19.65
CA THR A 334 -47.34 63.12 19.20
C THR A 334 -47.87 63.88 20.40
N VAL A 335 -47.73 65.20 20.35
CA VAL A 335 -48.03 66.09 21.47
C VAL A 335 -49.34 66.85 21.26
N ASP A 336 -50.16 66.90 22.33
CA ASP A 336 -51.45 67.61 22.31
C ASP A 336 -51.45 68.84 23.23
N ASP B 26 -7.55 54.28 4.13
CA ASP B 26 -8.93 53.90 4.57
C ASP B 26 -9.94 53.59 3.43
N ASN B 27 -9.50 52.78 2.47
CA ASN B 27 -10.31 52.24 1.36
C ASN B 27 -9.86 50.80 1.15
N VAL B 28 -10.77 49.84 1.08
CA VAL B 28 -10.39 48.43 1.14
C VAL B 28 -10.24 47.92 -0.27
N ASN B 29 -9.18 47.16 -0.52
CA ASN B 29 -9.03 46.48 -1.79
C ASN B 29 -9.75 45.11 -1.85
N ILE B 30 -10.80 45.05 -2.67
CA ILE B 30 -11.63 43.84 -2.79
C ILE B 30 -11.60 43.43 -4.24
N PRO B 31 -10.64 42.57 -4.58
CA PRO B 31 -10.30 42.28 -5.98
C PRO B 31 -11.40 41.55 -6.79
N ASP B 32 -12.26 40.74 -6.13
CA ASP B 32 -13.31 40.01 -6.80
C ASP B 32 -14.61 40.82 -6.98
N SER B 33 -14.96 41.04 -8.23
CA SER B 33 -16.03 41.97 -8.56
C SER B 33 -17.45 41.45 -8.16
N THR B 34 -17.68 40.15 -8.18
CA THR B 34 -18.83 39.57 -7.48
C THR B 34 -18.95 39.90 -5.98
N PHE B 35 -17.97 39.44 -5.17
CA PHE B 35 -17.87 39.74 -3.73
C PHE B 35 -18.23 41.18 -3.40
N LYS B 36 -17.51 42.08 -4.05
CA LYS B 36 -17.63 43.50 -3.86
C LYS B 36 -19.04 43.99 -4.16
N ALA B 37 -19.72 43.36 -5.13
CA ALA B 37 -21.08 43.78 -5.47
C ALA B 37 -22.04 43.35 -4.34
N TYR B 38 -21.84 42.14 -3.83
CA TYR B 38 -22.59 41.68 -2.65
C TYR B 38 -22.41 42.68 -1.51
N LEU B 39 -21.15 43.03 -1.19
CA LEU B 39 -20.86 43.90 -0.07
C LEU B 39 -21.51 45.24 -0.24
N ASN B 40 -21.47 45.67 -1.45
CA ASN B 40 -21.99 46.96 -1.66
C ASN B 40 -23.50 46.88 -1.56
N GLY B 41 -24.08 45.77 -1.99
CA GLY B 41 -25.47 45.51 -1.66
C GLY B 41 -25.78 45.62 -0.15
N LEU B 42 -25.16 44.79 0.70
CA LEU B 42 -25.22 44.98 2.18
C LEU B 42 -25.13 46.40 2.66
N LEU B 43 -24.20 47.21 2.06
CA LEU B 43 -24.02 48.66 2.43
C LEU B 43 -25.03 49.66 1.78
N GLY B 44 -25.91 49.16 0.93
CA GLY B 44 -26.84 50.07 0.16
C GLY B 44 -26.13 51.06 -0.79
N GLN B 45 -25.22 50.53 -1.66
CA GLN B 45 -24.31 51.33 -2.54
C GLN B 45 -24.19 50.63 -3.90
N ALA B 46 -23.82 51.37 -4.95
CA ALA B 46 -23.73 50.83 -6.33
C ALA B 46 -22.83 49.65 -6.31
N SER B 47 -23.03 48.67 -7.21
CA SER B 47 -22.13 47.49 -7.30
C SER B 47 -20.59 47.74 -7.33
N THR B 48 -20.12 48.75 -8.04
CA THR B 48 -18.71 48.87 -8.25
C THR B 48 -18.19 49.97 -7.39
N ALA B 49 -19.04 50.46 -6.50
CA ALA B 49 -18.68 51.54 -5.58
C ALA B 49 -17.48 51.16 -4.67
N ASN B 50 -16.85 52.19 -4.10
CA ASN B 50 -15.69 51.97 -3.28
C ASN B 50 -16.08 51.83 -1.79
N ILE B 51 -15.48 50.84 -1.11
CA ILE B 51 -15.85 50.50 0.28
C ILE B 51 -14.75 50.85 1.30
N THR B 52 -15.09 51.52 2.40
CA THR B 52 -14.03 51.94 3.35
C THR B 52 -13.80 50.90 4.44
N GLU B 53 -12.75 51.12 5.26
CA GLU B 53 -12.43 50.22 6.33
C GLU B 53 -13.54 50.23 7.39
N ALA B 54 -13.97 51.44 7.70
CA ALA B 54 -15.10 51.67 8.54
C ALA B 54 -16.27 50.79 8.10
N GLN B 55 -16.64 50.93 6.83
CA GLN B 55 -17.74 50.25 6.26
C GLN B 55 -17.72 48.75 6.52
N MET B 56 -16.59 48.08 6.19
CA MET B 56 -16.38 46.66 6.44
C MET B 56 -16.55 46.30 7.93
N ASP B 57 -16.10 47.20 8.77
CA ASP B 57 -16.18 47.00 10.18
C ASP B 57 -17.63 47.03 10.78
N SER B 58 -18.60 47.47 9.96
CA SER B 58 -19.99 47.65 10.39
C SER B 58 -20.84 46.38 10.11
N LEU B 59 -20.26 45.47 9.35
CA LEU B 59 -21.01 44.23 8.97
C LEU B 59 -21.11 43.31 10.17
N THR B 60 -22.27 42.64 10.33
CA THR B 60 -22.46 41.69 11.44
C THR B 60 -22.44 40.24 10.94
N TYR B 61 -22.84 40.06 9.69
CA TYR B 61 -22.87 38.76 9.00
C TYR B 61 -22.51 38.94 7.50
N ILE B 62 -22.02 37.90 6.88
CA ILE B 62 -21.83 37.82 5.45
C ILE B 62 -22.44 36.46 5.00
N THR B 63 -23.28 36.42 3.99
CA THR B 63 -23.74 35.16 3.37
C THR B 63 -23.38 35.18 1.89
N LEU B 64 -22.51 34.28 1.47
CA LEU B 64 -22.15 34.15 0.04
C LEU B 64 -22.67 32.79 -0.41
N ALA B 65 -23.79 32.77 -1.13
CA ALA B 65 -24.56 31.54 -1.47
C ALA B 65 -24.76 31.34 -2.98
N ASN B 66 -24.14 30.30 -3.54
CA ASN B 66 -24.21 30.11 -4.97
C ASN B 66 -23.85 31.36 -5.76
N ILE B 67 -22.79 32.03 -5.37
CA ILE B 67 -22.31 33.14 -6.18
C ILE B 67 -20.83 32.91 -6.49
N ASN B 68 -20.44 33.20 -7.70
CA ASN B 68 -19.13 32.78 -8.09
C ASN B 68 -18.13 33.75 -7.48
N VAL B 69 -17.60 33.42 -6.30
CA VAL B 69 -16.55 34.26 -5.66
C VAL B 69 -15.27 33.49 -5.62
N THR B 70 -14.29 33.84 -6.45
CA THR B 70 -13.07 33.06 -6.64
C THR B 70 -11.99 33.45 -5.59
N ASP B 71 -11.99 34.70 -5.17
CA ASP B 71 -10.99 35.25 -4.30
C ASP B 71 -11.73 36.00 -3.16
N LEU B 72 -11.33 35.70 -1.90
CA LEU B 72 -11.96 36.24 -0.66
C LEU B 72 -11.25 37.46 -0.09
N THR B 73 -10.10 37.79 -0.69
CA THR B 73 -9.26 38.94 -0.26
C THR B 73 -10.18 40.15 -0.05
N GLY B 74 -10.01 40.81 1.10
CA GLY B 74 -11.00 41.80 1.52
C GLY B 74 -11.86 41.42 2.74
N ILE B 75 -12.26 40.17 2.86
CA ILE B 75 -13.05 39.69 4.01
C ILE B 75 -12.31 39.87 5.36
N GLU B 76 -10.98 39.77 5.39
CA GLU B 76 -10.22 40.13 6.61
C GLU B 76 -10.63 41.46 7.24
N TYR B 77 -11.16 42.37 6.45
CA TYR B 77 -11.51 43.68 6.93
C TYR B 77 -12.86 43.65 7.63
N ALA B 78 -13.61 42.53 7.53
CA ALA B 78 -14.88 42.37 8.25
C ALA B 78 -14.65 41.93 9.67
N HIS B 79 -13.97 42.80 10.44
CA HIS B 79 -13.51 42.43 11.79
C HIS B 79 -14.69 42.02 12.70
N ASN B 80 -15.87 42.56 12.47
CA ASN B 80 -16.95 42.50 13.48
C ASN B 80 -18.03 41.47 13.15
N ILE B 81 -17.78 40.64 12.16
CA ILE B 81 -18.83 39.75 11.74
C ILE B 81 -18.99 38.51 12.63
N LYS B 82 -20.20 38.29 13.15
CA LYS B 82 -20.38 37.13 14.03
C LYS B 82 -20.70 35.89 13.24
N ASP B 83 -21.40 36.00 12.10
CA ASP B 83 -21.86 34.81 11.28
C ASP B 83 -21.32 34.78 9.87
N LEU B 84 -20.78 33.63 9.46
CA LEU B 84 -20.35 33.51 8.07
C LEU B 84 -20.86 32.24 7.37
N THR B 85 -21.77 32.39 6.41
CA THR B 85 -22.31 31.27 5.66
C THR B 85 -21.81 31.41 4.24
N ILE B 86 -21.00 30.42 3.86
CA ILE B 86 -20.50 30.24 2.49
C ILE B 86 -20.96 28.90 1.85
N ASN B 87 -21.67 28.98 0.73
CA ASN B 87 -22.19 27.79 0.03
C ASN B 87 -21.93 27.94 -1.47
N ASN B 88 -21.03 27.08 -1.95
CA ASN B 88 -20.80 26.83 -3.36
C ASN B 88 -20.25 28.03 -4.09
N ILE B 89 -19.09 28.53 -3.63
CA ILE B 89 -18.49 29.68 -4.28
C ILE B 89 -17.29 29.41 -5.18
N HIS B 90 -16.71 28.22 -5.08
CA HIS B 90 -15.56 27.81 -5.89
C HIS B 90 -14.37 28.69 -5.67
N ALA B 91 -14.04 28.92 -4.41
CA ALA B 91 -12.92 29.79 -4.09
C ALA B 91 -11.68 28.94 -4.12
N THR B 92 -10.55 29.46 -4.58
CA THR B 92 -9.30 28.67 -4.57
C THR B 92 -8.90 28.23 -3.16
N ASN B 93 -9.06 29.16 -2.19
CA ASN B 93 -8.99 28.78 -0.77
C ASN B 93 -9.86 29.64 0.13
N TYR B 94 -9.88 29.33 1.42
CA TYR B 94 -10.62 30.10 2.43
C TYR B 94 -9.66 30.66 3.48
N ASN B 95 -8.44 31.01 3.06
CA ASN B 95 -7.36 31.45 4.01
C ASN B 95 -7.58 32.70 4.83
N GLN B 96 -8.07 33.76 4.23
CA GLN B 96 -8.38 34.99 5.00
C GLN B 96 -9.69 34.89 5.84
N ILE B 97 -10.21 33.70 6.09
CA ILE B 97 -11.30 33.61 7.09
C ILE B 97 -10.76 33.33 8.48
N SER B 98 -9.53 32.80 8.55
CA SER B 98 -8.93 32.27 9.80
C SER B 98 -8.49 33.33 10.82
N GLY B 99 -8.85 34.57 10.59
CA GLY B 99 -8.42 35.60 11.52
C GLY B 99 -9.59 36.44 12.00
N LEU B 100 -10.80 35.93 11.72
CA LEU B 100 -12.06 36.62 12.04
C LEU B 100 -12.45 36.22 13.43
N SER B 101 -11.74 36.80 14.37
CA SER B 101 -11.74 36.31 15.73
C SER B 101 -13.08 36.60 16.45
N ASN B 102 -14.00 37.35 15.85
CA ASN B 102 -15.29 37.55 16.48
C ASN B 102 -16.27 36.60 15.89
N LEU B 103 -15.82 35.69 15.03
CA LEU B 103 -16.79 34.80 14.35
C LEU B 103 -17.44 33.82 15.36
N GLU B 104 -18.75 33.90 15.54
CA GLU B 104 -19.49 32.91 16.45
C GLU B 104 -19.91 31.62 15.71
N ARG B 105 -20.60 31.79 14.57
CA ARG B 105 -20.97 30.69 13.69
C ARG B 105 -20.34 30.77 12.29
N LEU B 106 -19.62 29.72 11.89
CA LEU B 106 -19.01 29.59 10.58
C LEU B 106 -19.58 28.37 9.77
N ARG B 107 -20.20 28.58 8.58
CA ARG B 107 -20.47 27.49 7.62
C ARG B 107 -19.63 27.65 6.37
N ILE B 108 -19.03 26.56 5.90
CA ILE B 108 -18.41 26.54 4.55
C ILE B 108 -18.89 25.24 3.97
N MET B 109 -19.68 25.26 2.89
CA MET B 109 -20.01 24.02 2.11
C MET B 109 -19.64 24.17 0.61
N GLY B 110 -19.35 23.06 -0.07
CA GLY B 110 -19.24 23.09 -1.52
C GLY B 110 -18.56 21.81 -1.84
N ALA B 111 -19.08 21.05 -2.81
CA ALA B 111 -18.43 19.83 -3.35
C ALA B 111 -16.94 19.93 -3.72
N ASP B 112 -16.45 21.13 -4.00
CA ASP B 112 -15.10 21.30 -4.50
C ASP B 112 -14.23 21.68 -3.29
N VAL B 113 -14.80 21.61 -2.09
CA VAL B 113 -14.09 22.17 -0.95
C VAL B 113 -13.28 21.02 -0.39
N THR B 114 -12.00 20.99 -0.77
CA THR B 114 -11.06 20.02 -0.27
C THR B 114 -10.36 20.56 0.97
N SER B 115 -9.73 19.69 1.75
CA SER B 115 -9.27 20.10 3.10
C SER B 115 -8.09 21.02 3.10
N ASP B 116 -7.30 21.02 2.02
CA ASP B 116 -6.18 21.92 1.87
C ASP B 116 -6.65 23.34 1.61
N LYS B 117 -7.91 23.51 1.22
CA LYS B 117 -8.40 24.87 1.03
C LYS B 117 -8.68 25.64 2.34
N ILE B 118 -8.82 24.93 3.46
CA ILE B 118 -9.23 25.52 4.74
C ILE B 118 -7.99 25.52 5.60
N PRO B 119 -7.62 26.67 6.15
CA PRO B 119 -6.44 26.74 7.01
C PRO B 119 -6.81 26.28 8.46
N ASN B 120 -5.76 26.10 9.27
CA ASN B 120 -5.88 25.97 10.70
C ASN B 120 -6.74 27.09 11.31
N LEU B 121 -7.78 26.71 12.04
CA LEU B 121 -8.78 27.69 12.45
C LEU B 121 -8.57 28.21 13.87
N SER B 122 -7.53 27.69 14.53
CA SER B 122 -7.30 27.97 15.96
C SER B 122 -7.52 29.45 16.38
N GLY B 123 -7.34 30.37 15.43
CA GLY B 123 -7.59 31.80 15.60
C GLY B 123 -9.03 32.23 15.86
N LEU B 124 -9.98 31.35 15.52
CA LEU B 124 -11.40 31.58 15.75
C LEU B 124 -11.73 31.22 17.18
N THR B 125 -11.31 32.09 18.10
CA THR B 125 -11.40 31.81 19.53
C THR B 125 -12.80 32.08 20.17
N ASN B 126 -13.68 32.82 19.46
CA ASN B 126 -15.10 32.90 19.87
C ASN B 126 -16.08 31.95 19.12
N LEU B 127 -15.52 31.09 18.27
CA LEU B 127 -16.35 30.23 17.39
C LEU B 127 -17.12 29.19 18.18
N THR B 128 -18.44 29.09 18.00
CA THR B 128 -19.21 28.08 18.79
C THR B 128 -19.73 26.99 17.96
N LEU B 129 -20.04 27.29 16.70
CA LEU B 129 -20.65 26.33 15.74
C LEU B 129 -19.84 26.29 14.45
N LEU B 130 -19.47 25.08 14.03
CA LEU B 130 -18.68 24.90 12.84
C LEU B 130 -19.32 23.82 11.95
N ASP B 131 -19.67 24.20 10.73
CA ASP B 131 -20.37 23.35 9.75
C ASP B 131 -19.54 23.28 8.44
N LEU B 132 -18.83 22.18 8.21
CA LEU B 132 -18.17 21.94 6.89
C LEU B 132 -18.87 20.80 6.14
N SER B 133 -20.16 20.62 6.44
CA SER B 133 -20.90 19.58 5.76
C SER B 133 -20.84 19.77 4.22
N HIS B 134 -21.19 18.76 3.48
CA HIS B 134 -21.36 18.84 2.08
C HIS B 134 -20.15 19.25 1.29
N SER B 135 -19.02 18.72 1.67
CA SER B 135 -17.81 18.94 0.96
C SER B 135 -17.01 17.72 0.62
N ALA B 136 -15.71 17.91 0.47
CA ALA B 136 -14.78 16.97 -0.15
C ALA B 136 -13.61 16.68 0.82
N HIS B 137 -13.88 16.87 2.10
CA HIS B 137 -12.86 16.80 3.17
C HIS B 137 -12.42 15.42 3.49
N ASP B 138 -11.22 15.36 4.08
CA ASP B 138 -10.54 14.12 4.49
C ASP B 138 -10.02 14.31 5.92
N ASP B 139 -9.57 13.23 6.54
CA ASP B 139 -9.13 13.23 7.95
C ASP B 139 -8.16 14.34 8.43
N SER B 140 -7.36 14.89 7.50
CA SER B 140 -6.47 16.01 7.80
C SER B 140 -7.16 17.32 8.15
N ILE B 141 -8.42 17.48 7.77
CA ILE B 141 -9.22 18.61 8.26
C ILE B 141 -9.29 18.54 9.77
N LEU B 142 -9.27 17.30 10.30
CA LEU B 142 -9.44 17.10 11.74
C LEU B 142 -8.43 17.88 12.64
N THR B 143 -7.17 17.97 12.21
CA THR B 143 -6.11 18.63 13.02
C THR B 143 -6.15 20.11 12.87
N LYS B 144 -6.98 20.58 11.93
CA LYS B 144 -7.20 22.01 11.74
C LYS B 144 -8.27 22.59 12.60
N ILE B 145 -9.16 21.74 13.11
CA ILE B 145 -10.38 22.17 13.77
C ILE B 145 -10.39 21.71 15.20
N ASN B 146 -9.57 20.72 15.53
CA ASN B 146 -9.49 20.21 16.93
C ASN B 146 -8.75 21.10 17.92
N THR B 147 -8.39 22.30 17.52
CA THR B 147 -7.72 23.28 18.40
C THR B 147 -8.77 24.31 18.89
N LEU B 148 -10.01 24.13 18.47
CA LEU B 148 -11.06 25.11 18.73
C LEU B 148 -11.61 25.04 20.18
N PRO B 149 -11.36 26.11 20.98
CA PRO B 149 -11.70 26.12 22.40
C PRO B 149 -13.19 26.06 22.72
N LYS B 150 -13.99 26.75 21.91
CA LYS B 150 -15.38 27.03 22.30
C LYS B 150 -16.40 26.28 21.51
N VAL B 151 -15.93 25.51 20.54
CA VAL B 151 -16.87 24.92 19.63
C VAL B 151 -17.66 23.80 20.33
N THR B 152 -19.00 23.89 20.26
CA THR B 152 -19.96 22.97 20.91
C THR B 152 -20.71 22.08 19.89
N SER B 153 -20.66 22.45 18.61
CA SER B 153 -21.07 21.54 17.56
C SER B 153 -20.21 21.65 16.30
N ILE B 154 -19.93 20.49 15.72
CA ILE B 154 -19.45 20.36 14.39
C ILE B 154 -20.46 19.54 13.53
N ASP B 155 -20.67 19.99 12.28
CA ASP B 155 -21.36 19.20 11.21
C ASP B 155 -20.39 18.80 10.07
N LEU B 156 -20.03 17.54 9.96
CA LEU B 156 -19.10 17.06 8.89
C LEU B 156 -19.90 16.12 8.05
N SER B 157 -21.20 16.34 8.04
CA SER B 157 -22.04 15.39 7.35
C SER B 157 -21.84 15.59 5.90
N TYR B 158 -21.96 14.50 5.15
CA TYR B 158 -21.84 14.56 3.71
C TYR B 158 -20.41 14.86 3.34
N ASN B 159 -19.43 14.40 4.10
CA ASN B 159 -18.07 14.22 3.55
C ASN B 159 -17.63 12.78 3.57
N GLY B 160 -17.74 12.12 2.40
CA GLY B 160 -17.53 10.68 2.26
C GLY B 160 -16.22 10.14 2.80
N ALA B 161 -15.20 11.00 2.87
CA ALA B 161 -13.83 10.51 3.06
C ALA B 161 -13.25 10.85 4.46
N ILE B 162 -14.16 11.19 5.37
CA ILE B 162 -13.94 11.25 6.79
C ILE B 162 -14.19 9.82 7.28
N THR B 163 -13.12 9.22 7.82
CA THR B 163 -13.10 7.79 8.16
C THR B 163 -12.82 7.60 9.66
N ASP B 164 -12.40 8.65 10.36
CA ASP B 164 -11.94 8.50 11.72
C ASP B 164 -12.13 9.79 12.51
N ILE B 165 -12.97 9.75 13.55
CA ILE B 165 -13.28 10.96 14.27
C ILE B 165 -12.51 11.10 15.57
N MET B 166 -11.70 10.09 15.91
CA MET B 166 -11.06 10.16 17.21
C MET B 166 -10.20 11.40 17.46
N PRO B 167 -9.42 11.88 16.48
CA PRO B 167 -8.64 13.07 16.82
C PRO B 167 -9.37 14.27 17.41
N LEU B 168 -10.69 14.25 17.35
CA LEU B 168 -11.45 15.36 17.83
C LEU B 168 -11.69 15.14 19.32
N LYS B 169 -11.21 14.01 19.87
CA LYS B 169 -11.38 13.69 21.31
C LYS B 169 -10.70 14.72 22.23
N THR B 170 -9.68 15.40 21.72
CA THR B 170 -9.02 16.49 22.49
C THR B 170 -9.88 17.72 22.61
N MET B 171 -11.00 17.81 21.89
CA MET B 171 -11.82 19.06 21.89
C MET B 171 -12.48 19.35 23.25
N PRO B 172 -12.40 20.58 23.81
CA PRO B 172 -12.84 20.59 25.20
C PRO B 172 -14.34 20.67 25.38
N GLU B 173 -15.01 21.38 24.47
CA GLU B 173 -16.37 21.82 24.69
C GLU B 173 -17.39 21.25 23.72
N LEU B 174 -16.97 20.27 22.92
CA LEU B 174 -17.80 19.73 21.88
C LEU B 174 -18.83 18.82 22.53
N LYS B 175 -20.11 19.12 22.30
CA LYS B 175 -21.26 18.27 22.66
C LYS B 175 -21.88 17.50 21.49
N SER B 176 -21.91 18.10 20.29
CA SER B 176 -22.62 17.54 19.12
C SER B 176 -21.66 17.30 17.94
N LEU B 177 -21.57 16.05 17.50
CA LEU B 177 -20.83 15.73 16.29
C LEU B 177 -21.74 15.06 15.17
N ASN B 178 -21.73 15.60 13.96
CA ASN B 178 -22.61 15.08 12.91
C ASN B 178 -21.73 14.74 11.76
N ILE B 179 -21.64 13.43 11.52
CA ILE B 179 -20.84 12.80 10.49
C ILE B 179 -21.83 11.84 9.70
N GLN B 180 -23.11 12.17 9.67
CA GLN B 180 -24.04 11.45 8.81
C GLN B 180 -23.53 11.32 7.38
N PHE B 181 -23.56 10.11 6.83
CA PHE B 181 -23.09 9.87 5.47
C PHE B 181 -21.57 9.93 5.32
N ASP B 182 -20.86 9.71 6.42
CA ASP B 182 -19.40 9.69 6.40
C ASP B 182 -18.90 8.25 6.34
N GLY B 183 -17.59 8.06 6.17
CA GLY B 183 -17.04 6.71 6.08
C GLY B 183 -16.31 6.22 7.32
N VAL B 184 -16.90 6.47 8.50
CA VAL B 184 -16.39 6.09 9.82
C VAL B 184 -16.73 4.65 10.25
N HIS B 185 -15.75 3.96 10.85
CA HIS B 185 -15.90 2.50 11.01
C HIS B 185 -15.70 1.97 12.41
N ASP B 186 -14.89 2.71 13.17
CA ASP B 186 -14.47 2.36 14.54
C ASP B 186 -14.88 3.44 15.55
N TYR B 187 -15.68 3.00 16.53
CA TYR B 187 -16.12 3.96 17.51
C TYR B 187 -15.46 3.75 18.88
N ARG B 188 -14.46 2.86 18.95
CA ARG B 188 -13.80 2.62 20.25
C ARG B 188 -13.03 3.86 20.63
N GLY B 189 -13.38 4.44 21.77
CA GLY B 189 -12.64 5.56 22.31
C GLY B 189 -13.54 6.77 22.33
N ILE B 190 -14.72 6.60 21.79
CA ILE B 190 -15.72 7.66 21.86
C ILE B 190 -15.91 8.24 23.25
N GLU B 191 -15.69 7.42 24.28
CA GLU B 191 -15.93 7.85 25.68
C GLU B 191 -14.83 8.80 26.17
N ASP B 192 -13.72 8.81 25.47
CA ASP B 192 -12.70 9.81 25.71
C ASP B 192 -13.12 11.26 25.43
N PHE B 193 -14.12 11.47 24.58
CA PHE B 193 -14.69 12.81 24.35
C PHE B 193 -15.23 13.21 25.66
N PRO B 194 -14.86 14.41 26.11
CA PRO B 194 -15.28 14.67 27.44
C PRO B 194 -16.67 15.20 27.48
N LYS B 195 -17.14 15.84 26.44
CA LYS B 195 -18.46 16.46 26.62
C LYS B 195 -19.50 16.00 25.61
N LEU B 196 -19.15 15.05 24.77
CA LEU B 196 -19.98 14.84 23.57
C LEU B 196 -21.21 14.05 24.01
N ASN B 197 -22.37 14.70 23.94
CA ASN B 197 -23.65 14.09 24.27
C ASN B 197 -24.54 13.82 23.05
N THR B 198 -24.11 14.24 21.85
CA THR B 198 -24.81 13.83 20.59
C THR B 198 -23.87 13.35 19.48
N LEU B 199 -24.06 12.12 19.03
CA LEU B 199 -23.35 11.73 17.83
C LEU B 199 -24.32 11.18 16.79
N LEU B 200 -24.36 11.84 15.62
CA LEU B 200 -25.26 11.50 14.48
C LEU B 200 -24.46 10.86 13.35
N ALA B 201 -24.48 9.53 13.23
CA ALA B 201 -23.56 8.83 12.35
C ALA B 201 -24.31 7.85 11.44
N TYR B 202 -25.62 8.06 11.26
CA TYR B 202 -26.45 7.18 10.41
C TYR B 202 -25.86 7.07 9.02
N SER B 203 -25.92 5.83 8.51
CA SER B 203 -25.61 5.50 7.14
C SER B 203 -24.18 5.92 6.68
N GLN B 204 -23.15 5.48 7.42
CA GLN B 204 -21.77 5.54 6.92
C GLN B 204 -21.52 4.59 5.76
N THR B 205 -20.72 5.02 4.79
CA THR B 205 -20.30 4.06 3.74
C THR B 205 -18.81 3.88 3.77
N ILE B 206 -18.39 2.81 4.45
CA ILE B 206 -16.98 2.46 4.75
C ILE B 206 -16.27 2.07 3.46
N GLY B 207 -15.27 2.84 3.07
CA GLY B 207 -14.63 2.60 1.75
C GLY B 207 -15.41 3.26 0.63
N GLY B 208 -16.40 4.09 1.00
CA GLY B 208 -17.13 4.99 0.08
C GLY B 208 -16.31 5.96 -0.76
N LYS B 209 -15.35 6.68 -0.15
CA LYS B 209 -14.48 7.63 -0.87
C LYS B 209 -13.02 7.26 -0.81
N LYS B 210 -12.47 7.17 0.40
CA LYS B 210 -11.15 6.57 0.65
C LYS B 210 -11.21 5.06 0.48
N LEU B 211 -10.68 4.62 -0.65
CA LEU B 211 -10.91 3.27 -1.12
C LEU B 211 -10.14 2.25 -0.31
N ILE B 212 -10.72 1.05 -0.22
CA ILE B 212 -10.17 -0.01 0.61
C ILE B 212 -9.71 -1.19 -0.24
N ASN B 213 -8.40 -1.44 -0.21
CA ASN B 213 -7.73 -2.41 -1.08
C ASN B 213 -6.78 -3.31 -0.32
N SER B 214 -6.98 -4.60 -0.52
CA SER B 214 -6.15 -5.62 0.06
C SER B 214 -5.55 -6.48 -1.03
N ASP B 215 -4.23 -6.60 -0.96
CA ASP B 215 -3.41 -7.52 -1.77
C ASP B 215 -3.26 -8.82 -0.99
N ILE B 216 -4.01 -9.83 -1.37
CA ILE B 216 -3.98 -11.09 -0.64
C ILE B 216 -3.48 -12.29 -1.45
N LYS B 217 -2.85 -13.22 -0.73
CA LYS B 217 -2.46 -14.52 -1.27
C LYS B 217 -3.70 -15.37 -1.56
N SER B 218 -3.66 -16.17 -2.63
CA SER B 218 -4.73 -17.17 -2.88
C SER B 218 -4.93 -18.14 -1.71
N SER B 219 -3.94 -18.26 -0.82
CA SER B 219 -4.04 -19.07 0.41
C SER B 219 -5.12 -18.59 1.40
N LYS B 220 -5.25 -17.27 1.56
CA LYS B 220 -6.24 -16.66 2.48
C LYS B 220 -7.68 -17.05 2.17
N LEU B 221 -7.93 -17.56 0.95
CA LEU B 221 -9.25 -18.04 0.53
C LEU B 221 -9.36 -19.54 0.62
N THR B 222 -10.57 -20.06 0.49
CA THR B 222 -10.78 -21.49 0.58
C THR B 222 -11.48 -22.02 -0.66
N TYR B 223 -10.75 -22.75 -1.50
CA TYR B 223 -11.36 -23.40 -2.67
C TYR B 223 -11.64 -24.90 -2.48
N ASN B 224 -12.78 -25.35 -2.99
CA ASN B 224 -13.18 -26.74 -2.89
C ASN B 224 -13.57 -27.34 -4.24
N ALA B 225 -12.80 -28.32 -4.69
CA ALA B 225 -12.95 -28.82 -6.05
C ALA B 225 -14.17 -29.71 -6.19
N GLU B 226 -14.58 -30.39 -5.12
CA GLU B 226 -15.70 -31.36 -5.18
C GLU B 226 -17.08 -30.75 -5.33
N ASN B 227 -17.37 -29.77 -4.47
CA ASN B 227 -18.66 -29.08 -4.46
C ASN B 227 -18.63 -27.84 -5.37
N GLN B 228 -17.42 -27.54 -5.85
CA GLN B 228 -17.13 -26.39 -6.71
C GLN B 228 -17.49 -25.08 -6.05
N THR B 229 -16.87 -24.84 -4.90
CA THR B 229 -17.28 -23.70 -4.09
C THR B 229 -16.11 -22.83 -3.75
N LEU B 230 -16.35 -21.51 -3.80
CA LEU B 230 -15.40 -20.53 -3.28
C LEU B 230 -15.82 -19.93 -1.93
N TYR B 231 -14.90 -19.90 -0.97
CA TYR B 231 -15.23 -19.40 0.35
C TYR B 231 -14.37 -18.22 0.66
N VAL B 232 -15.03 -17.10 0.90
CA VAL B 232 -14.36 -15.85 1.27
C VAL B 232 -14.54 -15.57 2.76
N PRO B 233 -13.42 -15.51 3.51
CA PRO B 233 -13.53 -15.28 4.96
C PRO B 233 -13.69 -13.79 5.35
N PHE B 234 -14.68 -13.51 6.21
CA PHE B 234 -14.94 -12.15 6.69
C PHE B 234 -13.85 -11.58 7.60
N SER B 235 -12.84 -12.38 7.92
CA SER B 235 -11.70 -11.86 8.63
C SER B 235 -10.83 -11.01 7.69
N LEU B 236 -11.01 -11.20 6.38
CA LEU B 236 -10.41 -10.32 5.39
C LEU B 236 -10.97 -8.90 5.46
N MET B 237 -12.19 -8.75 6.00
CA MET B 237 -12.85 -7.46 6.04
C MET B 237 -12.43 -6.66 7.27
N THR B 238 -11.15 -6.31 7.31
CA THR B 238 -10.54 -5.57 8.43
C THR B 238 -11.19 -4.25 8.83
N GLU B 239 -11.95 -3.62 7.94
CA GLU B 239 -12.38 -2.25 8.26
C GLU B 239 -13.82 -2.12 8.75
N ARG B 240 -14.51 -3.27 8.85
CA ARG B 240 -15.96 -3.40 9.16
C ARG B 240 -16.32 -2.68 10.43
N THR B 241 -17.61 -2.43 10.66
CA THR B 241 -18.06 -1.66 11.84
C THR B 241 -17.70 -2.31 13.18
N VAL B 242 -17.09 -1.55 14.09
CA VAL B 242 -16.85 -1.97 15.48
C VAL B 242 -17.37 -0.91 16.50
N ASN B 243 -18.40 -1.24 17.27
CA ASN B 243 -18.93 -0.27 18.26
C ASN B 243 -17.91 0.00 19.42
N TYR B 244 -18.17 1.04 20.20
CA TYR B 244 -17.30 1.45 21.29
C TYR B 244 -16.98 0.29 22.25
N ASP B 245 -17.81 -0.76 22.23
CA ASP B 245 -17.72 -1.86 23.19
C ASP B 245 -17.15 -3.13 22.55
N GLY B 246 -16.59 -3.01 21.34
CA GLY B 246 -16.14 -4.16 20.55
C GLY B 246 -17.21 -4.99 19.84
N TYR B 247 -18.48 -4.68 20.06
CA TYR B 247 -19.48 -5.39 19.26
C TYR B 247 -19.25 -5.13 17.75
N VAL B 248 -19.21 -6.23 17.02
CA VAL B 248 -18.88 -6.31 15.62
C VAL B 248 -20.10 -6.94 14.89
N PRO B 249 -21.02 -6.09 14.38
CA PRO B 249 -22.23 -6.56 13.69
C PRO B 249 -21.96 -7.45 12.52
N ASP B 250 -22.92 -8.29 12.20
CA ASP B 250 -22.79 -9.08 11.01
C ASP B 250 -23.14 -8.26 9.79
N PHE B 251 -22.51 -8.63 8.69
CA PHE B 251 -23.06 -8.46 7.36
C PHE B 251 -24.47 -9.06 7.24
N VAL B 252 -25.31 -8.44 6.40
CA VAL B 252 -26.67 -8.88 6.20
C VAL B 252 -26.54 -10.14 5.37
N LYS B 253 -27.49 -11.04 5.56
CA LYS B 253 -27.54 -12.34 4.88
C LYS B 253 -28.18 -12.30 3.45
N SER B 254 -29.05 -11.33 3.21
CA SER B 254 -29.74 -11.17 1.90
C SER B 254 -28.80 -11.16 0.66
N THR B 255 -29.10 -12.00 -0.32
CA THR B 255 -28.29 -12.01 -1.55
C THR B 255 -28.89 -11.19 -2.70
N ALA B 256 -29.92 -10.41 -2.40
CA ALA B 256 -30.49 -9.50 -3.40
C ALA B 256 -29.52 -8.39 -3.75
N SER B 257 -29.61 -7.90 -4.97
CA SER B 257 -28.66 -6.92 -5.50
C SER B 257 -28.72 -5.53 -4.85
N SER B 258 -29.61 -5.36 -3.86
CA SER B 258 -29.73 -4.13 -3.13
C SER B 258 -29.12 -4.24 -1.74
N ASP B 259 -28.68 -5.45 -1.39
CA ASP B 259 -28.12 -5.75 -0.08
C ASP B 259 -26.67 -6.21 -0.19
N THR B 260 -26.42 -7.11 -1.14
CA THR B 260 -25.09 -7.58 -1.42
C THR B 260 -24.74 -7.35 -2.88
N TYR B 261 -23.50 -6.94 -3.11
CA TYR B 261 -22.92 -6.83 -4.44
C TYR B 261 -21.49 -7.39 -4.43
N PHE B 262 -21.34 -8.64 -4.82
CA PHE B 262 -20.01 -9.27 -4.89
C PHE B 262 -19.48 -9.31 -6.33
N THR B 263 -18.18 -9.20 -6.45
CA THR B 263 -17.56 -9.18 -7.76
C THR B 263 -16.43 -10.19 -7.88
N MET B 264 -16.29 -10.80 -9.05
CA MET B 264 -15.08 -11.57 -9.39
C MET B 264 -14.53 -11.13 -10.74
N ASN B 265 -13.25 -10.80 -10.73
CA ASN B 265 -12.58 -10.12 -11.86
C ASN B 265 -13.50 -9.09 -12.54
N GLU B 266 -13.94 -8.13 -11.74
CA GLU B 266 -14.87 -7.07 -12.14
C GLU B 266 -16.21 -7.58 -12.72
N GLN B 267 -16.58 -8.82 -12.42
CA GLN B 267 -17.87 -9.31 -12.89
C GLN B 267 -18.82 -9.60 -11.74
N GLN B 268 -19.96 -8.92 -11.71
CA GLN B 268 -20.82 -9.08 -10.55
C GLN B 268 -21.30 -10.51 -10.52
N VAL B 269 -21.13 -11.17 -9.38
CA VAL B 269 -21.65 -12.52 -9.23
C VAL B 269 -23.15 -12.53 -8.97
N ASN B 270 -23.84 -13.53 -9.54
CA ASN B 270 -25.28 -13.57 -9.39
C ASN B 270 -25.63 -13.89 -7.93
N GLY B 271 -26.77 -13.33 -7.48
CA GLY B 271 -27.30 -13.55 -6.13
C GLY B 271 -27.50 -15.01 -5.81
N ASN B 272 -28.01 -15.75 -6.78
CA ASN B 272 -28.30 -17.21 -6.69
C ASN B 272 -27.11 -18.09 -6.35
N ARG B 273 -25.93 -17.60 -6.68
CA ARG B 273 -24.69 -18.37 -6.48
C ARG B 273 -24.06 -18.10 -5.13
N LEU B 274 -24.73 -17.32 -4.30
CA LEU B 274 -24.14 -16.79 -3.06
C LEU B 274 -24.75 -17.32 -1.74
N THR B 275 -23.90 -17.66 -0.78
CA THR B 275 -24.39 -18.10 0.55
C THR B 275 -23.68 -17.36 1.69
N ILE B 276 -24.43 -16.72 2.57
CA ILE B 276 -23.83 -15.83 3.54
C ILE B 276 -24.11 -16.19 5.02
N THR B 277 -23.09 -16.67 5.74
CA THR B 277 -23.19 -16.89 7.19
C THR B 277 -22.62 -15.68 7.95
N SER B 278 -22.38 -15.80 9.25
CA SER B 278 -21.64 -14.75 9.97
C SER B 278 -20.15 -14.84 9.67
N ASP B 279 -19.70 -15.99 9.19
CA ASP B 279 -18.27 -16.25 9.13
C ASP B 279 -17.68 -16.07 7.75
N GLY B 280 -18.53 -16.03 6.73
CA GLY B 280 -18.01 -15.81 5.39
C GLY B 280 -19.01 -15.91 4.29
N LEU B 281 -18.53 -15.67 3.09
CA LEU B 281 -19.34 -15.76 1.88
C LEU B 281 -18.89 -16.99 1.11
N THR B 282 -19.87 -17.69 0.55
CA THR B 282 -19.65 -18.88 -0.25
C THR B 282 -20.30 -18.76 -1.64
N VAL B 283 -19.48 -18.86 -2.69
CA VAL B 283 -19.92 -18.82 -4.10
C VAL B 283 -19.93 -20.20 -4.76
N SER B 284 -21.05 -20.59 -5.32
CA SER B 284 -21.20 -21.92 -5.90
C SER B 284 -20.80 -21.86 -7.37
N ASP B 285 -20.66 -23.04 -7.98
CA ASP B 285 -20.40 -23.19 -9.41
C ASP B 285 -19.06 -22.57 -9.88
N VAL B 286 -18.02 -22.70 -9.05
CA VAL B 286 -16.69 -22.19 -9.41
C VAL B 286 -15.74 -23.37 -9.67
N SER B 287 -15.25 -23.44 -10.91
CA SER B 287 -14.33 -24.50 -11.33
C SER B 287 -12.90 -24.11 -11.02
N LYS B 288 -11.97 -25.06 -11.19
CA LYS B 288 -10.56 -24.88 -10.81
C LYS B 288 -9.86 -23.85 -11.69
N THR B 289 -10.31 -23.74 -12.94
CA THR B 289 -9.86 -22.70 -13.86
C THR B 289 -10.40 -21.35 -13.44
N ASP B 290 -11.66 -21.33 -12.97
CA ASP B 290 -12.25 -20.08 -12.44
C ASP B 290 -11.42 -19.57 -11.26
N PHE B 291 -11.04 -20.50 -10.38
CA PHE B 291 -10.20 -20.15 -9.24
C PHE B 291 -8.76 -19.80 -9.60
N ASP B 292 -8.18 -20.51 -10.56
CA ASP B 292 -6.85 -20.17 -11.03
C ASP B 292 -6.90 -18.80 -11.67
N ASN B 293 -7.98 -18.54 -12.39
CA ASN B 293 -8.21 -17.22 -12.96
C ASN B 293 -8.99 -16.32 -12.01
N LEU B 294 -8.43 -15.97 -10.84
CA LEU B 294 -9.03 -14.94 -9.99
C LEU B 294 -8.05 -13.86 -9.63
N GLU B 295 -8.24 -12.67 -10.18
CA GLU B 295 -7.33 -11.52 -9.91
C GLU B 295 -7.95 -10.43 -9.04
N LYS B 296 -9.25 -10.21 -9.20
CA LYS B 296 -9.98 -9.14 -8.52
C LYS B 296 -11.26 -9.63 -7.83
N MET B 297 -11.61 -8.96 -6.74
CA MET B 297 -12.88 -9.20 -6.06
C MET B 297 -13.29 -7.90 -5.44
N GLU B 298 -14.58 -7.73 -5.26
CA GLU B 298 -15.09 -6.62 -4.46
C GLU B 298 -16.29 -7.08 -3.64
N TYR B 299 -16.25 -6.80 -2.35
CA TYR B 299 -17.39 -7.06 -1.43
C TYR B 299 -18.06 -5.74 -0.99
N ASN B 300 -19.30 -5.53 -1.44
CA ASN B 300 -20.07 -4.34 -1.17
C ASN B 300 -21.42 -4.79 -0.59
N ALA B 301 -21.68 -4.50 0.67
CA ALA B 301 -22.86 -5.06 1.34
C ALA B 301 -23.29 -4.24 2.52
N ARG B 302 -24.56 -4.41 2.89
CA ARG B 302 -25.12 -3.73 4.03
C ARG B 302 -24.65 -4.41 5.28
N ILE B 303 -24.45 -3.64 6.35
CA ILE B 303 -24.02 -4.21 7.60
C ILE B 303 -25.24 -4.18 8.49
N ASP B 304 -25.63 -5.36 8.98
CA ASP B 304 -26.80 -5.49 9.88
C ASP B 304 -26.57 -4.82 11.24
N LEU B 305 -26.66 -3.50 11.23
CA LEU B 305 -26.52 -2.77 12.42
C LEU B 305 -27.80 -1.96 12.63
N SER B 306 -28.79 -2.66 13.19
CA SER B 306 -30.10 -2.11 13.56
C SER B 306 -30.12 -1.17 14.77
N TYR B 307 -31.05 -0.23 14.84
CA TYR B 307 -30.98 0.75 15.93
C TYR B 307 -31.15 0.13 17.33
N GLN B 308 -31.89 -0.99 17.46
CA GLN B 308 -32.04 -1.60 18.79
C GLN B 308 -31.05 -2.77 19.01
N SER B 309 -30.18 -3.04 18.03
CA SER B 309 -29.19 -4.09 18.12
C SER B 309 -27.80 -3.68 18.68
N TYR B 310 -27.63 -2.42 19.09
CA TYR B 310 -26.34 -1.99 19.67
C TYR B 310 -26.45 -1.10 20.90
N ASN B 311 -25.53 -1.32 21.86
CA ASN B 311 -25.49 -0.56 23.12
C ASN B 311 -25.00 0.84 22.89
N THR B 312 -25.59 1.82 23.60
CA THR B 312 -25.10 3.21 23.56
C THR B 312 -24.34 3.61 24.87
N PRO B 313 -23.21 4.34 24.75
CA PRO B 313 -22.46 4.53 26.01
C PRO B 313 -23.24 5.45 26.92
N GLU B 314 -22.92 5.44 28.20
CA GLU B 314 -23.69 6.27 29.16
C GLU B 314 -23.93 7.75 28.78
N GLN B 315 -22.89 8.39 28.19
CA GLN B 315 -22.88 9.85 28.02
C GLN B 315 -23.86 10.47 27.01
N PHE B 316 -24.49 9.64 26.22
CA PHE B 316 -25.48 10.07 25.26
C PHE B 316 -26.84 9.68 25.75
N GLN B 317 -26.94 8.95 26.87
CA GLN B 317 -28.29 8.45 27.30
C GLN B 317 -29.13 9.47 27.99
N ASN B 318 -28.78 10.75 27.91
CA ASN B 318 -29.55 11.70 28.69
C ASN B 318 -30.33 12.80 28.00
N GLY B 319 -30.97 12.45 26.91
CA GLY B 319 -31.55 13.42 25.98
C GLY B 319 -30.69 13.63 24.72
N GLY B 320 -29.57 12.92 24.61
CA GLY B 320 -28.70 13.09 23.46
C GLY B 320 -28.87 11.97 22.47
N SER B 321 -27.93 11.83 21.55
CA SER B 321 -28.15 10.91 20.49
C SER B 321 -26.96 10.09 20.23
N TYR B 322 -27.19 8.83 19.87
CA TYR B 322 -26.13 7.88 19.47
C TYR B 322 -26.64 6.99 18.35
N THR B 323 -26.54 7.47 17.09
CA THR B 323 -27.11 6.73 16.00
C THR B 323 -26.01 6.32 15.01
N ILE B 324 -25.78 5.01 14.90
CA ILE B 324 -24.67 4.49 14.13
C ILE B 324 -25.16 3.40 13.22
N SER B 325 -26.45 3.45 13.03
CA SER B 325 -27.21 2.44 12.36
C SER B 325 -26.82 2.35 10.92
N MET B 326 -26.92 1.10 10.41
CA MET B 326 -27.01 0.75 9.01
C MET B 326 -25.85 1.16 8.09
N PRO B 327 -24.60 0.84 8.47
CA PRO B 327 -23.56 1.26 7.54
C PRO B 327 -23.46 0.34 6.38
N ILE B 328 -22.65 0.74 5.42
CA ILE B 328 -22.43 -0.09 4.27
C ILE B 328 -20.90 -0.24 4.18
N TYR B 329 -20.47 -1.46 3.80
CA TYR B 329 -19.07 -1.76 3.67
C TYR B 329 -18.72 -1.83 2.18
N ASP B 330 -17.57 -1.32 1.80
CA ASP B 330 -17.15 -1.56 0.43
C ASP B 330 -15.68 -1.89 0.46
N HIS B 331 -15.35 -3.11 0.06
CA HIS B 331 -13.96 -3.61 0.16
C HIS B 331 -13.42 -4.26 -1.11
N TYR B 332 -12.26 -3.78 -1.62
CA TYR B 332 -11.62 -4.27 -2.91
C TYR B 332 -10.43 -5.20 -2.70
N PHE B 333 -10.22 -6.11 -3.64
CA PHE B 333 -9.20 -7.16 -3.53
C PHE B 333 -8.43 -7.49 -4.80
N THR B 334 -7.14 -7.74 -4.63
CA THR B 334 -6.30 -8.27 -5.67
C THR B 334 -5.77 -9.59 -5.10
N VAL B 335 -5.90 -10.66 -5.89
CA VAL B 335 -5.52 -12.00 -5.44
C VAL B 335 -4.25 -12.49 -6.16
N ASP B 336 -3.32 -13.08 -5.41
CA ASP B 336 -2.09 -13.66 -5.97
C ASP B 336 -2.26 -15.19 -6.16
N ASP C 26 -18.74 46.22 33.16
CA ASP C 26 -17.45 46.34 32.47
C ASP C 26 -16.29 45.98 33.37
N ASN C 27 -16.07 44.68 33.58
CA ASN C 27 -14.84 44.20 34.23
C ASN C 27 -14.26 43.08 33.42
N VAL C 28 -12.96 43.12 33.15
CA VAL C 28 -12.30 42.19 32.21
C VAL C 28 -11.57 41.05 32.94
N ASN C 29 -11.77 39.83 32.49
CA ASN C 29 -11.16 38.65 33.04
C ASN C 29 -9.73 38.44 32.52
N ILE C 30 -8.79 38.45 33.45
CA ILE C 30 -7.42 38.39 33.09
C ILE C 30 -6.81 37.36 34.00
N PRO C 31 -6.86 36.09 33.60
CA PRO C 31 -6.62 34.95 34.51
C PRO C 31 -5.16 34.85 34.92
N ASP C 32 -4.26 35.34 34.07
CA ASP C 32 -2.83 35.19 34.35
C ASP C 32 -2.34 36.32 35.22
N SER C 33 -1.85 35.99 36.44
CA SER C 33 -1.65 37.03 37.48
C SER C 33 -0.52 37.98 37.16
N THR C 34 0.55 37.45 36.56
CA THR C 34 1.63 38.27 35.98
C THR C 34 1.09 39.29 34.97
N PHE C 35 0.24 38.88 34.04
CA PHE C 35 -0.32 39.76 33.00
C PHE C 35 -1.13 40.93 33.61
N LYS C 36 -2.06 40.57 34.49
CA LYS C 36 -2.87 41.53 35.19
C LYS C 36 -2.02 42.50 36.00
N ALA C 37 -0.89 42.00 36.54
CA ALA C 37 -0.02 42.81 37.39
C ALA C 37 0.69 43.85 36.51
N TYR C 38 1.32 43.37 35.42
CA TYR C 38 1.75 44.27 34.35
C TYR C 38 0.71 45.31 33.93
N LEU C 39 -0.48 44.84 33.55
CA LEU C 39 -1.59 45.74 33.13
C LEU C 39 -1.98 46.78 34.18
N ASN C 40 -1.92 46.37 35.44
CA ASN C 40 -2.25 47.27 36.53
C ASN C 40 -1.09 48.22 36.81
N GLY C 41 0.12 47.72 36.63
CA GLY C 41 1.27 48.61 36.44
C GLY C 41 1.02 49.73 35.43
N LEU C 42 0.55 49.40 34.24
CA LEU C 42 0.37 50.46 33.24
C LEU C 42 -0.69 51.44 33.65
N LEU C 43 -1.73 50.95 34.33
CA LEU C 43 -2.84 51.82 34.76
C LEU C 43 -2.61 52.62 36.09
N GLY C 44 -1.57 52.25 36.85
CA GLY C 44 -1.24 52.95 38.09
C GLY C 44 -2.17 52.48 39.19
N GLN C 45 -2.49 51.18 39.17
CA GLN C 45 -3.25 50.47 40.18
C GLN C 45 -2.42 49.32 40.79
N ALA C 46 -2.95 48.81 41.90
CA ALA C 46 -2.37 47.72 42.68
C ALA C 46 -2.30 46.44 41.87
N SER C 47 -1.34 45.57 42.15
CA SER C 47 -1.11 44.49 41.24
C SER C 47 -2.36 43.72 40.96
N THR C 48 -3.18 43.48 41.99
CA THR C 48 -4.29 42.53 41.80
C THR C 48 -5.66 43.16 41.56
N ALA C 49 -5.68 44.48 41.40
CA ALA C 49 -6.90 45.23 41.20
C ALA C 49 -7.77 44.71 40.01
N ASN C 50 -9.00 45.20 39.92
CA ASN C 50 -9.81 44.90 38.75
C ASN C 50 -9.57 45.92 37.67
N ILE C 51 -9.45 45.41 36.46
CA ILE C 51 -9.39 46.20 35.22
C ILE C 51 -10.70 46.18 34.39
N THR C 52 -11.20 47.37 34.04
CA THR C 52 -12.48 47.57 33.33
C THR C 52 -12.21 47.61 31.86
N GLU C 53 -13.22 47.27 31.06
CA GLU C 53 -13.09 47.25 29.58
C GLU C 53 -12.61 48.62 29.08
N ALA C 54 -13.27 49.65 29.56
CA ALA C 54 -12.81 51.02 29.44
C ALA C 54 -11.31 51.12 29.48
N GLN C 55 -10.75 50.62 30.58
CA GLN C 55 -9.32 50.82 30.84
C GLN C 55 -8.50 50.11 29.77
N MET C 56 -8.92 48.88 29.41
CA MET C 56 -8.30 48.11 28.30
C MET C 56 -8.27 48.87 26.94
N ASP C 57 -9.44 49.39 26.58
CA ASP C 57 -9.51 50.36 25.51
C ASP C 57 -8.59 51.56 25.59
N SER C 58 -8.04 51.87 26.77
CA SER C 58 -7.28 53.12 26.91
C SER C 58 -5.81 52.87 26.65
N LEU C 59 -5.39 51.61 26.72
CA LEU C 59 -4.03 51.17 26.37
C LEU C 59 -3.57 51.38 24.91
N THR C 60 -2.41 52.02 24.71
CA THR C 60 -1.92 52.18 23.32
C THR C 60 -0.80 51.21 22.97
N TYR C 61 -0.25 50.54 23.96
CA TYR C 61 0.88 49.67 23.71
C TYR C 61 0.98 48.73 24.90
N ILE C 62 1.59 47.58 24.66
CA ILE C 62 1.72 46.51 25.63
C ILE C 62 3.03 45.83 25.33
N THR C 63 3.90 45.78 26.31
CA THR C 63 5.16 45.08 26.18
C THR C 63 5.42 44.07 27.28
N LEU C 64 5.41 42.79 26.93
CA LEU C 64 5.81 41.72 27.83
C LEU C 64 7.19 41.23 27.42
N ALA C 65 8.23 41.57 28.19
CA ALA C 65 9.60 41.13 27.92
C ALA C 65 10.26 40.35 29.07
N ASN C 66 10.58 39.08 28.82
CA ASN C 66 11.04 38.19 29.87
C ASN C 66 10.21 38.15 31.17
N ILE C 67 8.92 38.00 31.02
CA ILE C 67 8.12 37.80 32.20
C ILE C 67 7.21 36.67 31.90
N ASN C 68 6.89 35.89 32.91
CA ASN C 68 6.35 34.61 32.63
C ASN C 68 4.83 34.77 32.52
N VAL C 69 4.37 35.02 31.29
CA VAL C 69 2.92 35.07 31.02
C VAL C 69 2.45 33.82 30.25
N THR C 70 1.79 32.91 30.94
CA THR C 70 1.37 31.66 30.30
C THR C 70 0.13 31.81 29.44
N ASP C 71 -0.71 32.80 29.74
CA ASP C 71 -2.04 32.92 29.16
C ASP C 71 -2.35 34.39 28.94
N LEU C 72 -2.63 34.74 27.68
CA LEU C 72 -2.83 36.12 27.25
C LEU C 72 -4.30 36.52 27.28
N THR C 73 -5.13 35.63 27.86
CA THR C 73 -6.57 35.88 27.92
C THR C 73 -6.77 37.22 28.54
N GLY C 74 -7.57 38.06 27.87
CA GLY C 74 -7.81 39.43 28.28
C GLY C 74 -7.26 40.50 27.34
N ILE C 75 -6.18 40.14 26.62
CA ILE C 75 -5.53 40.99 25.62
C ILE C 75 -6.47 41.35 24.44
N GLU C 76 -7.47 40.52 24.11
CA GLU C 76 -8.54 40.87 23.12
C GLU C 76 -9.35 42.10 23.52
N TYR C 77 -9.33 42.46 24.78
CA TYR C 77 -10.02 43.69 25.10
C TYR C 77 -9.23 44.98 24.71
N ALA C 78 -7.96 44.81 24.35
CA ALA C 78 -7.04 45.96 24.11
C ALA C 78 -7.21 46.52 22.71
N HIS C 79 -8.39 47.04 22.45
CA HIS C 79 -8.80 47.27 21.07
C HIS C 79 -8.02 48.34 20.38
N ASN C 80 -7.33 49.17 21.14
CA ASN C 80 -6.72 50.35 20.53
C ASN C 80 -5.20 50.36 20.42
N ILE C 81 -4.59 49.23 20.78
CA ILE C 81 -3.16 49.25 20.88
C ILE C 81 -2.55 49.27 19.49
N LYS C 82 -1.61 50.18 19.31
CA LYS C 82 -0.78 50.31 18.10
C LYS C 82 0.47 49.40 18.09
N ASP C 83 1.00 49.08 19.28
CA ASP C 83 2.31 48.43 19.39
C ASP C 83 2.22 47.29 20.39
N LEU C 84 2.63 46.09 20.01
CA LEU C 84 2.60 44.96 20.93
C LEU C 84 3.90 44.24 20.76
N THR C 85 4.61 43.98 21.85
CA THR C 85 5.94 43.42 21.73
C THR C 85 6.05 42.43 22.84
N ILE C 86 6.51 41.25 22.50
CA ILE C 86 6.37 40.16 23.41
C ILE C 86 7.63 39.42 23.16
N ASN C 87 8.37 39.11 24.20
CA ASN C 87 9.62 38.45 24.11
C ASN C 87 9.77 37.45 25.23
N ASN C 88 9.75 36.17 24.97
CA ASN C 88 10.20 35.24 25.96
C ASN C 88 9.28 35.04 27.16
N ILE C 89 8.04 34.79 26.90
CA ILE C 89 7.03 34.84 27.90
C ILE C 89 6.52 33.48 28.28
N HIS C 90 6.68 32.54 27.38
CA HIS C 90 6.14 31.15 27.49
C HIS C 90 4.63 30.99 27.51
N ALA C 91 3.90 31.70 26.65
CA ALA C 91 2.48 31.35 26.48
C ALA C 91 2.31 30.06 25.74
N THR C 92 1.25 29.35 26.06
CA THR C 92 0.88 28.23 25.23
C THR C 92 0.68 28.63 23.78
N ASN C 93 0.05 29.78 23.55
CA ASN C 93 -0.21 30.29 22.20
C ASN C 93 -0.53 31.77 22.24
N TYR C 94 -0.75 32.35 21.06
CA TYR C 94 -0.89 33.80 20.94
C TYR C 94 -2.18 34.09 20.18
N ASN C 95 -3.15 33.19 20.30
CA ASN C 95 -4.38 33.20 19.49
C ASN C 95 -5.25 34.39 19.72
N GLN C 96 -5.16 34.93 20.93
CA GLN C 96 -5.98 36.11 21.23
C GLN C 96 -5.55 37.45 20.57
N ILE C 97 -4.52 37.44 19.71
CA ILE C 97 -4.07 38.74 19.16
C ILE C 97 -4.77 39.01 17.85
N SER C 98 -5.38 37.94 17.27
CA SER C 98 -5.90 37.88 15.91
C SER C 98 -7.03 38.89 15.58
N GLY C 99 -7.68 39.49 16.57
CA GLY C 99 -8.54 40.68 16.32
C GLY C 99 -8.00 42.04 16.84
N LEU C 100 -6.71 42.18 16.98
CA LEU C 100 -6.14 43.52 17.25
C LEU C 100 -5.95 44.20 15.93
N SER C 101 -7.05 44.55 15.28
CA SER C 101 -6.99 45.14 13.95
C SER C 101 -6.30 46.49 13.93
N ASN C 102 -6.23 47.15 15.09
CA ASN C 102 -5.55 48.43 15.23
C ASN C 102 -4.01 48.34 15.44
N LEU C 103 -3.49 47.13 15.61
CA LEU C 103 -2.06 46.89 15.57
C LEU C 103 -1.33 47.50 14.37
N GLU C 104 -0.32 48.34 14.61
CA GLU C 104 0.66 48.81 13.58
C GLU C 104 2.03 48.09 13.67
N ARG C 105 2.44 47.68 14.87
CA ARG C 105 3.77 47.04 15.05
C ARG C 105 3.68 45.85 15.96
N LEU C 106 4.18 44.70 15.49
CA LEU C 106 4.00 43.44 16.18
C LEU C 106 5.28 42.65 16.26
N ARG C 107 5.65 42.26 17.49
CA ARG C 107 6.89 41.51 17.70
C ARG C 107 6.60 40.41 18.65
N ILE C 108 6.83 39.16 18.21
CA ILE C 108 6.77 38.00 19.06
C ILE C 108 8.04 37.21 18.75
N MET C 109 8.84 37.02 19.82
CA MET C 109 10.10 36.27 19.76
C MET C 109 10.22 35.36 20.98
N GLY C 110 11.15 34.41 20.94
CA GLY C 110 11.34 33.49 22.04
C GLY C 110 11.66 32.16 21.42
N ALA C 111 12.61 31.43 22.02
CA ALA C 111 13.02 30.19 21.39
C ALA C 111 11.95 29.07 21.46
N ASP C 112 10.85 29.25 22.22
CA ASP C 112 9.81 28.20 22.38
C ASP C 112 8.56 28.50 21.53
N VAL C 113 8.56 29.64 20.85
CA VAL C 113 7.45 30.03 20.00
C VAL C 113 7.56 29.30 18.66
N THR C 114 6.81 28.20 18.52
CA THR C 114 6.67 27.37 17.32
C THR C 114 5.46 27.89 16.48
N SER C 115 5.44 27.54 15.20
CA SER C 115 4.49 28.12 14.28
C SER C 115 3.01 27.81 14.62
N ASP C 116 2.73 26.78 15.40
CA ASP C 116 1.33 26.40 15.66
C ASP C 116 0.74 27.31 16.76
N LYS C 117 1.61 28.15 17.32
CA LYS C 117 1.24 28.99 18.42
C LYS C 117 0.70 30.29 17.87
N ILE C 118 0.99 30.54 16.63
CA ILE C 118 0.55 31.78 16.11
C ILE C 118 -0.64 31.47 15.16
N PRO C 119 -1.79 32.17 15.34
CA PRO C 119 -2.96 31.99 14.50
C PRO C 119 -2.75 32.73 13.18
N ASN C 120 -3.69 32.61 12.26
CA ASN C 120 -3.73 33.44 11.07
C ASN C 120 -3.79 34.94 11.40
N LEU C 121 -2.99 35.72 10.71
CA LEU C 121 -2.88 37.13 11.11
C LEU C 121 -3.58 38.07 10.10
N SER C 122 -4.28 37.41 9.14
CA SER C 122 -4.99 38.12 8.04
C SER C 122 -5.76 39.33 8.45
N GLY C 123 -6.30 39.37 9.68
CA GLY C 123 -7.13 40.49 10.12
C GLY C 123 -6.41 41.66 10.74
N LEU C 124 -5.07 41.65 10.70
CA LEU C 124 -4.23 42.73 11.25
C LEU C 124 -3.96 43.60 10.05
N THR C 125 -5.05 44.28 9.64
CA THR C 125 -5.12 44.93 8.33
C THR C 125 -4.32 46.25 8.27
N ASN C 126 -3.92 46.74 9.44
CA ASN C 126 -3.12 47.99 9.55
C ASN C 126 -1.73 47.71 10.03
N LEU C 127 -1.37 46.43 10.08
CA LEU C 127 -0.05 46.06 10.57
C LEU C 127 0.96 46.47 9.50
N THR C 128 1.87 47.39 9.80
CA THR C 128 2.95 47.73 8.85
C THR C 128 4.29 46.96 9.12
N LEU C 129 4.62 46.64 10.35
CA LEU C 129 5.84 45.80 10.68
C LEU C 129 5.52 44.55 11.51
N LEU C 130 5.90 43.39 10.99
CA LEU C 130 5.93 42.11 11.69
C LEU C 130 7.41 41.70 11.97
N ASP C 131 7.73 41.29 13.20
CA ASP C 131 9.00 40.66 13.57
C ASP C 131 8.71 39.32 14.34
N LEU C 132 9.11 38.16 13.79
CA LEU C 132 8.91 36.87 14.44
C LEU C 132 10.28 36.23 14.66
N SER C 133 11.30 37.06 14.78
CA SER C 133 12.68 36.57 14.85
C SER C 133 12.92 35.78 16.12
N HIS C 134 14.05 35.07 16.17
CA HIS C 134 14.47 34.46 17.41
C HIS C 134 13.40 33.61 17.98
N SER C 135 12.82 32.75 17.12
CA SER C 135 11.88 31.70 17.51
C SER C 135 12.23 30.42 16.78
N ALA C 136 11.25 29.49 16.69
CA ALA C 136 11.45 28.17 16.08
C ALA C 136 10.42 28.02 15.00
N HIS C 137 10.34 29.00 14.10
CA HIS C 137 9.31 28.90 13.09
C HIS C 137 9.70 27.93 12.01
N ASP C 138 8.70 27.31 11.38
CA ASP C 138 8.94 26.44 10.25
C ASP C 138 8.20 27.11 9.10
N ASP C 139 8.24 26.54 7.90
CA ASP C 139 7.61 27.18 6.74
C ASP C 139 6.13 27.44 6.85
N SER C 140 5.45 26.78 7.76
CA SER C 140 4.02 26.88 7.78
C SER C 140 3.61 28.18 8.30
N ILE C 141 4.52 28.92 8.94
CA ILE C 141 4.23 30.28 9.39
C ILE C 141 3.93 31.20 8.22
N LEU C 142 4.56 30.95 7.08
CA LEU C 142 4.42 31.84 5.92
C LEU C 142 2.96 32.00 5.50
N THR C 143 2.20 30.90 5.33
CA THR C 143 0.76 31.01 4.98
C THR C 143 -0.12 31.70 6.04
N LYS C 144 0.30 31.75 7.30
CA LYS C 144 -0.44 32.65 8.21
C LYS C 144 -0.11 34.14 8.12
N ILE C 145 0.93 34.50 7.38
CA ILE C 145 1.31 35.90 7.34
C ILE C 145 1.27 36.50 5.96
N ASN C 146 1.22 35.65 4.92
CA ASN C 146 1.34 36.18 3.54
C ASN C 146 0.14 36.98 3.01
N THR C 147 -0.88 37.23 3.85
CA THR C 147 -2.11 37.87 3.37
C THR C 147 -2.14 39.29 3.82
N LEU C 148 -1.07 39.72 4.52
CA LEU C 148 -1.15 40.98 5.18
C LEU C 148 -1.02 42.10 4.15
N PRO C 149 -2.08 42.94 4.06
CA PRO C 149 -2.27 44.05 3.11
C PRO C 149 -1.27 45.22 3.23
N LYS C 150 -0.73 45.47 4.42
CA LYS C 150 0.08 46.70 4.62
C LYS C 150 1.47 46.51 5.13
N VAL C 151 1.78 45.29 5.48
CA VAL C 151 3.10 45.03 6.00
C VAL C 151 4.14 45.44 4.95
N THR C 152 5.10 46.28 5.37
CA THR C 152 6.26 46.64 4.57
C THR C 152 7.63 46.06 5.01
N SER C 153 7.75 45.48 6.20
CA SER C 153 9.00 44.76 6.53
C SER C 153 8.70 43.64 7.46
N ILE C 154 9.35 42.50 7.22
CA ILE C 154 9.13 41.32 8.01
C ILE C 154 10.46 40.77 8.41
N ASP C 155 10.59 40.29 9.64
CA ASP C 155 11.87 39.79 10.17
C ASP C 155 11.56 38.43 10.64
N LEU C 156 12.27 37.48 10.02
CA LEU C 156 12.15 36.08 10.27
C LEU C 156 13.53 35.52 10.60
N SER C 157 14.43 36.43 11.02
CA SER C 157 15.82 35.99 11.26
C SER C 157 15.95 35.09 12.46
N TYR C 158 16.82 34.08 12.33
CA TYR C 158 17.16 33.24 13.46
C TYR C 158 15.98 32.27 13.72
N ASN C 159 15.30 31.87 12.67
CA ASN C 159 14.43 30.74 12.71
C ASN C 159 15.03 29.81 11.75
N GLY C 160 15.94 28.93 12.23
CA GLY C 160 16.70 28.11 11.28
C GLY C 160 15.89 27.10 10.48
N ALA C 161 14.68 26.80 10.93
CA ALA C 161 13.82 25.89 10.22
C ALA C 161 13.04 26.59 9.09
N ILE C 162 13.23 27.91 8.91
CA ILE C 162 12.65 28.54 7.70
C ILE C 162 13.55 28.23 6.47
N THR C 163 12.98 27.59 5.45
CA THR C 163 13.77 27.00 4.35
C THR C 163 13.46 27.62 2.99
N ASP C 164 12.33 28.32 2.92
CA ASP C 164 11.80 28.73 1.60
C ASP C 164 10.78 29.86 1.73
N ILE C 165 11.11 31.00 1.16
CA ILE C 165 10.39 32.27 1.34
C ILE C 165 9.49 32.62 0.17
N MET C 166 9.50 31.81 -0.88
CA MET C 166 8.67 32.09 -2.06
C MET C 166 7.17 32.33 -1.78
N PRO C 167 6.55 31.58 -0.85
CA PRO C 167 5.18 31.90 -0.56
C PRO C 167 4.94 33.32 -0.17
N LEU C 168 5.98 34.10 0.02
CA LEU C 168 5.75 35.45 0.49
C LEU C 168 5.53 36.37 -0.69
N LYS C 169 5.76 35.86 -1.90
CA LYS C 169 5.77 36.69 -3.11
C LYS C 169 4.46 37.44 -3.39
N THR C 170 3.37 37.02 -2.76
CA THR C 170 2.04 37.49 -3.10
C THR C 170 1.71 38.69 -2.24
N MET C 171 2.54 39.01 -1.28
CA MET C 171 2.26 40.13 -0.42
C MET C 171 2.32 41.37 -1.27
N PRO C 172 1.31 42.26 -1.16
CA PRO C 172 1.27 43.48 -1.99
C PRO C 172 2.33 44.50 -1.65
N GLU C 173 2.83 44.53 -0.44
CA GLU C 173 3.54 45.74 -0.01
C GLU C 173 4.87 45.51 0.73
N LEU C 174 5.34 44.27 0.76
CA LEU C 174 6.61 43.94 1.39
C LEU C 174 7.81 44.53 0.62
N LYS C 175 8.52 45.43 1.27
CA LYS C 175 9.81 45.98 0.81
C LYS C 175 11.00 45.25 1.47
N SER C 176 11.00 45.13 2.79
CA SER C 176 12.11 44.43 3.43
C SER C 176 11.77 43.07 4.04
N LEU C 177 12.63 42.10 3.75
CA LEU C 177 12.53 40.83 4.39
C LEU C 177 13.88 40.49 5.06
N ASN C 178 13.81 40.15 6.34
CA ASN C 178 14.98 39.70 7.00
C ASN C 178 14.92 38.22 7.39
N ILE C 179 15.82 37.41 6.83
CA ILE C 179 15.88 35.98 7.15
C ILE C 179 17.29 35.50 7.47
N GLN C 180 18.11 36.39 8.03
CA GLN C 180 19.48 36.05 8.27
C GLN C 180 19.54 34.92 9.27
N PHE C 181 20.42 33.95 8.97
CA PHE C 181 20.60 32.76 9.80
C PHE C 181 19.45 31.69 9.75
N ASP C 182 18.62 31.71 8.71
CA ASP C 182 17.63 30.62 8.50
C ASP C 182 18.22 29.48 7.66
N GLY C 183 17.40 28.62 7.06
CA GLY C 183 17.92 27.59 6.15
C GLY C 183 17.46 27.82 4.71
N VAL C 184 17.50 29.05 4.23
CA VAL C 184 17.06 29.32 2.87
C VAL C 184 18.13 28.95 1.85
N HIS C 185 17.70 28.39 0.71
CA HIS C 185 18.68 27.86 -0.28
C HIS C 185 18.51 28.27 -1.74
N ASP C 186 17.29 28.64 -2.14
CA ASP C 186 16.97 28.77 -3.55
C ASP C 186 16.32 30.13 -3.72
N TYR C 187 16.97 30.96 -4.52
CA TYR C 187 16.54 32.34 -4.68
C TYR C 187 15.72 32.58 -5.98
N ARG C 188 15.45 31.49 -6.69
CA ARG C 188 14.65 31.53 -7.93
C ARG C 188 13.24 31.91 -7.66
N GLY C 189 12.75 32.92 -8.37
CA GLY C 189 11.40 33.49 -8.17
C GLY C 189 11.38 34.84 -7.48
N ILE C 190 12.46 35.14 -6.77
CA ILE C 190 12.59 36.33 -5.94
C ILE C 190 12.16 37.60 -6.66
N GLU C 191 12.39 37.69 -7.96
CA GLU C 191 11.91 38.85 -8.76
C GLU C 191 10.39 38.97 -8.89
N ASP C 192 9.66 37.89 -8.62
CA ASP C 192 8.21 37.93 -8.56
C ASP C 192 7.70 38.76 -7.38
N PHE C 193 8.46 38.88 -6.29
CA PHE C 193 8.07 39.85 -5.27
C PHE C 193 7.89 41.22 -5.93
N PRO C 194 6.68 41.83 -5.84
CA PRO C 194 6.51 43.05 -6.64
C PRO C 194 7.23 44.23 -6.09
N LYS C 195 7.43 44.29 -4.78
CA LYS C 195 8.10 45.44 -4.20
C LYS C 195 9.32 45.13 -3.34
N LEU C 196 9.70 43.87 -3.16
CA LEU C 196 10.88 43.62 -2.26
C LEU C 196 12.14 44.39 -2.74
N ASN C 197 12.65 45.30 -1.93
CA ASN C 197 13.87 46.01 -2.30
C ASN C 197 15.06 45.76 -1.37
N THR C 198 14.83 44.98 -0.29
CA THR C 198 15.85 44.63 0.69
C THR C 198 15.69 43.19 1.13
N LEU C 199 16.72 42.38 0.94
CA LEU C 199 16.72 41.03 1.47
C LEU C 199 18.00 40.71 2.24
N LEU C 200 17.82 40.43 3.54
CA LEU C 200 19.00 40.21 4.38
C LEU C 200 19.06 38.78 4.61
N ALA C 201 19.98 38.08 3.95
CA ALA C 201 19.95 36.62 3.99
C ALA C 201 21.26 35.93 4.36
N TYR C 202 22.23 36.74 4.73
CA TYR C 202 23.52 36.33 5.26
C TYR C 202 23.50 35.13 6.21
N SER C 203 24.46 34.23 5.97
CA SER C 203 24.79 33.14 6.85
C SER C 203 23.61 32.14 7.08
N GLN C 204 22.96 31.67 6.00
CA GLN C 204 21.95 30.56 6.06
C GLN C 204 22.62 29.26 6.32
N THR C 205 21.92 28.40 7.07
CA THR C 205 22.36 27.04 7.31
C THR C 205 21.38 25.98 6.82
N ILE C 206 21.74 25.47 5.66
CA ILE C 206 20.84 24.69 4.85
C ILE C 206 20.78 23.32 5.51
N GLY C 207 19.65 23.03 6.14
CA GLY C 207 19.50 21.80 6.92
C GLY C 207 20.16 21.93 8.26
N GLY C 208 20.10 23.13 8.82
CA GLY C 208 20.51 23.39 10.18
C GLY C 208 19.46 22.91 11.18
N LYS C 209 18.18 23.14 10.89
CA LYS C 209 17.07 22.81 11.78
C LYS C 209 16.16 21.80 11.12
N LYS C 210 15.63 22.11 9.95
CA LYS C 210 14.95 21.09 9.13
C LYS C 210 16.00 20.18 8.44
N LEU C 211 16.17 18.94 8.89
CA LEU C 211 17.32 18.16 8.47
C LEU C 211 17.19 17.55 7.08
N ILE C 212 18.33 17.34 6.44
CA ILE C 212 18.35 16.89 5.06
C ILE C 212 18.90 15.48 5.00
N ASN C 213 18.15 14.60 4.39
CA ASN C 213 18.59 13.21 4.38
C ASN C 213 18.21 12.45 3.12
N SER C 214 19.17 11.68 2.61
CA SER C 214 18.93 10.95 1.40
C SER C 214 19.22 9.46 1.56
N ASP C 215 18.29 8.65 1.07
CA ASP C 215 18.49 7.21 0.95
C ASP C 215 19.02 6.88 -0.42
N ILE C 216 20.25 6.40 -0.45
CA ILE C 216 20.91 6.23 -1.72
C ILE C 216 21.47 4.82 -1.90
N LYS C 217 21.29 4.27 -3.10
CA LYS C 217 21.99 3.05 -3.49
C LYS C 217 23.49 3.31 -3.58
N SER C 218 24.31 2.30 -3.24
CA SER C 218 25.78 2.46 -3.28
C SER C 218 26.35 2.58 -4.71
N SER C 219 25.46 2.50 -5.70
CA SER C 219 25.78 2.71 -7.11
C SER C 219 25.98 4.18 -7.47
N LYS C 220 25.41 5.06 -6.66
CA LYS C 220 25.56 6.52 -6.83
C LYS C 220 26.98 7.03 -6.52
N LEU C 221 27.74 6.28 -5.70
CA LEU C 221 29.14 6.62 -5.42
C LEU C 221 30.11 5.91 -6.39
N THR C 222 31.39 6.26 -6.34
CA THR C 222 32.37 5.63 -7.22
C THR C 222 33.59 5.14 -6.44
N TYR C 223 33.75 3.81 -6.38
CA TYR C 223 34.91 3.21 -5.70
C TYR C 223 36.00 2.73 -6.66
N ASN C 224 37.24 2.78 -6.17
CA ASN C 224 38.40 2.38 -6.94
C ASN C 224 39.28 1.43 -6.12
N ALA C 225 39.40 0.18 -6.59
CA ALA C 225 40.21 -0.85 -5.91
C ALA C 225 41.72 -0.54 -5.89
N GLU C 226 42.36 -0.43 -7.06
CA GLU C 226 43.80 -0.10 -7.13
C GLU C 226 44.22 1.17 -6.35
N ASN C 227 43.53 2.30 -6.56
CA ASN C 227 43.86 3.59 -5.90
C ASN C 227 43.28 3.76 -4.51
N GLN C 228 42.25 2.97 -4.21
CA GLN C 228 41.59 2.96 -2.91
C GLN C 228 41.00 4.31 -2.57
N THR C 229 40.24 4.85 -3.52
CA THR C 229 39.66 6.17 -3.39
C THR C 229 38.16 6.06 -3.47
N LEU C 230 37.49 6.82 -2.61
CA LEU C 230 36.03 6.98 -2.66
C LEU C 230 35.69 8.36 -3.19
N TYR C 231 34.75 8.41 -4.14
CA TYR C 231 34.34 9.67 -4.74
C TYR C 231 32.83 9.87 -4.66
N VAL C 232 32.46 10.94 -3.98
CA VAL C 232 31.07 11.34 -3.86
C VAL C 232 30.79 12.48 -4.83
N PRO C 233 29.85 12.26 -5.78
CA PRO C 233 29.32 13.28 -6.70
C PRO C 233 28.51 14.35 -5.97
N PHE C 234 28.83 15.62 -6.23
CA PHE C 234 28.11 16.75 -5.62
C PHE C 234 26.72 16.96 -6.23
N SER C 235 26.34 16.06 -7.14
CA SER C 235 24.96 16.01 -7.64
C SER C 235 24.01 15.40 -6.62
N LEU C 236 24.53 14.95 -5.49
CA LEU C 236 23.71 14.40 -4.42
C LEU C 236 23.31 15.51 -3.48
N MET C 237 24.13 16.58 -3.44
CA MET C 237 23.91 17.76 -2.61
C MET C 237 22.78 18.62 -3.19
N THR C 238 21.56 18.09 -3.10
CA THR C 238 20.46 18.58 -3.89
C THR C 238 19.81 19.87 -3.39
N GLU C 239 20.10 20.24 -2.15
CA GLU C 239 19.55 21.46 -1.58
C GLU C 239 20.54 22.61 -1.55
N ARG C 240 21.64 22.47 -2.29
CA ARG C 240 22.68 23.49 -2.37
C ARG C 240 22.15 24.86 -2.85
N THR C 241 22.75 25.95 -2.40
CA THR C 241 22.32 27.25 -2.83
C THR C 241 22.33 27.41 -4.36
N VAL C 242 21.31 28.08 -4.89
CA VAL C 242 21.21 28.48 -6.30
C VAL C 242 20.69 29.93 -6.34
N ASN C 243 21.48 30.82 -6.93
CA ASN C 243 21.08 32.23 -7.00
C ASN C 243 19.95 32.49 -8.02
N TYR C 244 19.21 33.58 -7.85
CA TYR C 244 18.07 33.85 -8.75
C TYR C 244 18.31 33.55 -10.23
N ASP C 245 19.52 33.78 -10.69
CA ASP C 245 19.91 33.80 -12.11
C ASP C 245 20.48 32.43 -12.55
N GLY C 246 20.51 31.47 -11.62
CA GLY C 246 20.90 30.09 -11.96
C GLY C 246 22.24 29.77 -11.36
N TYR C 247 22.94 30.81 -10.96
CA TYR C 247 24.31 30.64 -10.56
C TYR C 247 24.45 29.71 -9.33
N VAL C 248 25.28 28.67 -9.52
CA VAL C 248 25.43 27.65 -8.49
C VAL C 248 26.83 27.69 -7.93
N PRO C 249 27.01 28.48 -6.87
CA PRO C 249 28.32 28.63 -6.29
C PRO C 249 28.89 27.28 -5.89
N ASP C 250 30.20 27.12 -6.04
CA ASP C 250 30.88 25.88 -5.59
C ASP C 250 31.01 25.79 -4.09
N PHE C 251 31.15 24.55 -3.59
CA PHE C 251 31.61 24.30 -2.21
C PHE C 251 33.09 24.69 -2.04
N VAL C 252 33.50 25.11 -0.83
CA VAL C 252 34.89 25.52 -0.62
C VAL C 252 35.73 24.28 -0.77
N LYS C 253 37.01 24.46 -1.11
CA LYS C 253 37.93 23.32 -1.31
C LYS C 253 38.80 23.03 -0.09
N SER C 254 38.87 23.99 0.83
CA SER C 254 39.61 23.83 2.11
C SER C 254 39.21 22.56 2.88
N THR C 255 40.21 21.82 3.39
CA THR C 255 39.93 20.57 4.10
C THR C 255 40.05 20.69 5.62
N ALA C 256 40.19 21.92 6.12
CA ALA C 256 40.19 22.18 7.57
C ALA C 256 38.81 22.02 8.21
N SER C 257 38.81 21.70 9.50
CA SER C 257 37.60 21.26 10.18
C SER C 257 36.57 22.33 10.37
N SER C 258 36.90 23.55 9.94
CA SER C 258 36.05 24.68 10.21
C SER C 258 35.58 25.19 8.85
N ASP C 259 36.04 24.50 7.82
CA ASP C 259 35.52 24.69 6.48
C ASP C 259 34.79 23.46 6.01
N THR C 260 35.38 22.29 6.29
CA THR C 260 34.80 21.02 5.83
C THR C 260 34.76 19.93 6.91
N TYR C 261 33.68 19.15 6.92
CA TYR C 261 33.42 18.18 7.95
C TYR C 261 32.78 16.98 7.27
N PHE C 262 33.61 16.08 6.75
CA PHE C 262 33.06 14.86 6.20
C PHE C 262 32.92 13.74 7.23
N THR C 263 31.78 13.06 7.18
CA THR C 263 31.46 11.93 8.07
C THR C 263 31.30 10.62 7.30
N MET C 264 31.88 9.55 7.85
CA MET C 264 31.65 8.20 7.33
C MET C 264 31.20 7.31 8.46
N ASN C 265 29.96 6.81 8.34
CA ASN C 265 29.30 6.04 9.40
C ASN C 265 29.58 6.65 10.78
N GLU C 266 29.07 7.87 10.95
CA GLU C 266 29.29 8.73 12.12
C GLU C 266 30.75 8.94 12.55
N GLN C 267 31.69 8.78 11.63
CA GLN C 267 33.10 8.98 11.96
C GLN C 267 33.75 9.99 11.05
N GLN C 268 34.21 11.10 11.64
CA GLN C 268 34.76 12.20 10.86
C GLN C 268 36.04 11.79 10.18
N VAL C 269 36.05 11.90 8.86
CA VAL C 269 37.25 11.69 8.06
C VAL C 269 38.20 12.82 8.34
N ASN C 270 39.47 12.49 8.55
CA ASN C 270 40.50 13.49 8.70
C ASN C 270 40.66 14.27 7.39
N GLY C 271 40.95 15.57 7.52
CA GLY C 271 41.13 16.48 6.40
C GLY C 271 42.11 16.02 5.33
N ASN C 272 43.22 15.42 5.78
CA ASN C 272 44.32 15.00 4.89
C ASN C 272 43.94 13.89 3.93
N ARG C 273 42.81 13.24 4.21
CA ARG C 273 42.29 12.17 3.36
C ARG C 273 41.44 12.70 2.20
N LEU C 274 41.18 14.01 2.22
CA LEU C 274 40.14 14.62 1.38
C LEU C 274 40.62 15.54 0.24
N THR C 275 39.98 15.32 -0.94
CA THR C 275 40.19 16.10 -2.17
C THR C 275 38.83 16.56 -2.77
N ILE C 276 38.63 17.85 -2.80
CA ILE C 276 37.40 18.40 -3.25
C ILE C 276 37.60 19.19 -4.51
N THR C 277 36.70 19.05 -5.45
CA THR C 277 36.78 19.82 -6.66
C THR C 277 35.40 20.29 -6.96
N SER C 278 35.14 20.77 -8.15
CA SER C 278 33.82 21.35 -8.29
C SER C 278 32.80 20.24 -8.40
N ASP C 279 33.25 19.07 -8.83
CA ASP C 279 32.34 17.97 -9.21
C ASP C 279 32.17 16.94 -8.11
N GLY C 280 33.09 16.91 -7.15
CA GLY C 280 32.91 16.01 -6.06
C GLY C 280 33.95 16.01 -4.97
N LEU C 281 33.71 15.13 -4.01
CA LEU C 281 34.59 14.86 -2.88
C LEU C 281 35.31 13.52 -3.08
N THR C 282 36.61 13.49 -2.77
CA THR C 282 37.48 12.33 -3.05
C THR C 282 38.20 11.86 -1.77
N VAL C 283 37.90 10.63 -1.33
CA VAL C 283 38.53 10.04 -0.11
C VAL C 283 39.65 9.07 -0.44
N SER C 284 40.87 9.37 0.01
CA SER C 284 41.99 8.44 -0.08
C SER C 284 41.93 7.38 1.03
N ASP C 285 42.71 6.30 0.88
CA ASP C 285 42.89 5.25 1.91
C ASP C 285 41.61 4.48 2.29
N VAL C 286 40.77 4.16 1.29
CA VAL C 286 39.56 3.37 1.53
C VAL C 286 39.63 2.00 0.87
N SER C 287 39.61 0.96 1.70
CA SER C 287 39.71 -0.41 1.23
C SER C 287 38.34 -0.92 0.81
N LYS C 288 38.31 -2.06 0.13
CA LYS C 288 37.05 -2.66 -0.35
C LYS C 288 36.14 -3.08 0.80
N THR C 289 36.74 -3.37 1.96
CA THR C 289 35.98 -3.67 3.18
C THR C 289 35.35 -2.40 3.76
N ASP C 290 36.12 -1.32 3.84
CA ASP C 290 35.59 -0.04 4.32
C ASP C 290 34.35 0.36 3.53
N PHE C 291 34.41 0.16 2.21
CA PHE C 291 33.35 0.55 1.26
C PHE C 291 32.17 -0.42 1.32
N ASP C 292 32.48 -1.67 1.65
CA ASP C 292 31.45 -2.67 1.88
C ASP C 292 30.70 -2.30 3.16
N ASN C 293 31.47 -2.02 4.21
CA ASN C 293 30.95 -1.55 5.50
C ASN C 293 30.67 -0.05 5.49
N LEU C 294 29.53 0.32 4.94
CA LEU C 294 29.21 1.73 4.79
C LEU C 294 27.70 1.96 4.72
N GLU C 295 27.16 2.51 5.80
CA GLU C 295 25.74 2.77 5.93
C GLU C 295 25.40 4.25 6.03
N LYS C 296 26.28 5.02 6.66
CA LYS C 296 26.03 6.44 6.92
C LYS C 296 27.07 7.42 6.38
N MET C 297 26.61 8.57 5.89
CA MET C 297 27.48 9.68 5.53
C MET C 297 26.89 11.02 6.00
N GLU C 298 27.75 12.05 6.18
CA GLU C 298 27.30 13.45 6.35
C GLU C 298 28.27 14.46 5.75
N TYR C 299 27.79 15.21 4.74
CA TYR C 299 28.57 16.31 4.19
C TYR C 299 28.11 17.64 4.83
N ASN C 300 29.01 18.32 5.54
CA ASN C 300 28.72 19.58 6.22
C ASN C 300 29.85 20.59 5.94
N ALA C 301 29.54 21.64 5.19
CA ALA C 301 30.62 22.40 4.55
C ALA C 301 30.19 23.78 4.10
N ARG C 302 31.11 24.73 4.17
CA ARG C 302 30.84 26.11 3.75
C ARG C 302 30.70 26.20 2.23
N ILE C 303 29.72 26.97 1.74
CA ILE C 303 29.64 27.30 0.30
C ILE C 303 30.39 28.61 0.01
N ASP C 304 31.27 28.55 -1.00
CA ASP C 304 32.06 29.71 -1.39
C ASP C 304 31.17 30.66 -2.16
N LEU C 305 30.35 31.41 -1.44
CA LEU C 305 29.53 32.45 -2.04
C LEU C 305 29.87 33.74 -1.30
N SER C 306 30.93 34.36 -1.79
CA SER C 306 31.44 35.60 -1.27
C SER C 306 30.68 36.83 -1.79
N TYR C 307 30.90 37.96 -1.10
CA TYR C 307 30.14 39.17 -1.38
C TYR C 307 30.22 39.64 -2.83
N GLN C 308 31.35 39.49 -3.50
CA GLN C 308 31.40 40.04 -4.83
C GLN C 308 31.36 38.97 -5.91
N SER C 309 31.06 37.74 -5.56
CA SER C 309 31.05 36.67 -6.52
C SER C 309 29.68 36.44 -7.20
N TYR C 310 28.70 37.31 -6.98
CA TYR C 310 27.35 36.96 -7.45
C TYR C 310 26.57 38.16 -7.83
N ASN C 311 25.61 37.96 -8.70
CA ASN C 311 24.76 39.04 -9.21
C ASN C 311 23.53 39.25 -8.39
N THR C 312 23.27 40.51 -8.01
CA THR C 312 22.01 40.92 -7.42
C THR C 312 20.97 41.42 -8.47
N PRO C 313 19.69 41.05 -8.29
CA PRO C 313 18.64 41.40 -9.25
C PRO C 313 18.40 42.89 -9.24
N GLU C 314 17.76 43.42 -10.27
CA GLU C 314 17.63 44.87 -10.40
C GLU C 314 16.89 45.59 -9.26
N GLN C 315 15.81 44.99 -8.77
CA GLN C 315 14.93 45.73 -7.82
C GLN C 315 15.61 46.10 -6.50
N PHE C 316 16.74 45.43 -6.25
CA PHE C 316 17.60 45.70 -5.11
C PHE C 316 18.68 46.70 -5.33
N GLN C 317 18.90 47.17 -6.57
CA GLN C 317 20.12 47.98 -6.86
C GLN C 317 19.96 49.46 -6.63
N ASN C 318 18.99 49.89 -5.84
CA ASN C 318 18.84 51.31 -5.71
C ASN C 318 18.90 51.88 -4.29
N GLY C 319 19.91 51.49 -3.53
CA GLY C 319 19.88 51.75 -2.08
C GLY C 319 19.24 50.59 -1.30
N GLY C 320 18.89 49.48 -1.96
CA GLY C 320 18.37 48.35 -1.24
C GLY C 320 19.47 47.35 -0.96
N SER C 321 19.11 46.17 -0.46
CA SER C 321 20.14 45.19 -0.18
C SER C 321 19.78 43.87 -0.73
N TYR C 322 20.81 43.10 -1.05
CA TYR C 322 20.58 41.75 -1.46
C TYR C 322 21.76 40.93 -1.01
N THR C 323 21.79 40.51 0.24
CA THR C 323 22.98 39.79 0.80
C THR C 323 22.67 38.32 1.02
N ILE C 324 23.27 37.45 0.20
CA ILE C 324 22.98 36.04 0.29
C ILE C 324 24.27 35.27 0.56
N SER C 325 25.25 35.97 1.13
CA SER C 325 26.64 35.46 1.24
C SER C 325 26.87 34.36 2.25
N MET C 326 27.95 33.63 2.04
CA MET C 326 28.49 32.65 2.95
C MET C 326 27.47 31.71 3.58
N PRO C 327 26.75 30.94 2.74
CA PRO C 327 25.90 29.95 3.40
C PRO C 327 26.70 28.68 3.70
N ILE C 328 26.16 27.86 4.58
CA ILE C 328 26.72 26.58 5.05
C ILE C 328 25.78 25.45 4.61
N TYR C 329 26.29 24.27 4.31
CA TYR C 329 25.45 23.14 3.87
C TYR C 329 25.64 21.95 4.81
N ASP C 330 24.54 21.23 5.06
CA ASP C 330 24.55 20.05 5.91
C ASP C 330 23.56 19.00 5.39
N HIS C 331 24.07 17.85 4.99
CA HIS C 331 23.30 16.82 4.30
C HIS C 331 23.72 15.47 4.82
N TYR C 332 22.74 14.66 5.23
CA TYR C 332 22.96 13.30 5.76
C TYR C 332 22.60 12.23 4.73
N PHE C 333 23.22 11.06 4.87
CA PHE C 333 23.14 10.03 3.88
C PHE C 333 23.03 8.63 4.46
N THR C 334 22.06 7.86 3.95
CA THR C 334 21.95 6.43 4.25
C THR C 334 22.22 5.58 2.98
N VAL C 335 23.07 4.58 3.12
CA VAL C 335 23.62 3.84 1.99
C VAL C 335 23.18 2.38 1.90
N ASP C 336 22.55 2.00 0.80
CA ASP C 336 22.28 0.60 0.51
C ASP C 336 23.57 -0.15 0.17
N ASP D 26 43.35 38.16 26.49
CA ASP D 26 42.04 37.62 26.10
C ASP D 26 41.06 37.10 27.20
N ASN D 27 40.86 37.85 28.28
CA ASN D 27 39.64 37.59 29.10
C ASN D 27 38.81 38.83 29.22
N VAL D 28 37.56 38.79 28.82
CA VAL D 28 36.75 40.00 28.88
C VAL D 28 36.16 40.23 30.31
N ASN D 29 36.30 41.45 30.77
CA ASN D 29 35.72 41.87 32.01
C ASN D 29 34.30 42.33 31.80
N ILE D 30 33.35 41.57 32.37
CA ILE D 30 31.94 41.87 32.30
C ILE D 30 31.29 41.93 33.72
N PRO D 31 31.32 43.10 34.36
CA PRO D 31 31.01 43.20 35.79
C PRO D 31 29.58 42.95 36.21
N ASP D 32 28.63 43.22 35.33
CA ASP D 32 27.25 42.95 35.67
C ASP D 32 26.96 41.46 35.52
N SER D 33 26.64 40.83 36.66
CA SER D 33 26.35 39.43 36.72
C SER D 33 25.22 39.07 35.75
N THR D 34 24.11 39.82 35.74
CA THR D 34 23.04 39.55 34.74
C THR D 34 23.62 39.51 33.29
N PHE D 35 24.41 40.52 32.93
CA PHE D 35 24.90 40.73 31.55
C PHE D 35 25.79 39.62 31.07
N LYS D 36 26.82 39.31 31.89
CA LYS D 36 27.62 38.07 31.79
C LYS D 36 26.92 36.69 31.71
N ALA D 37 25.88 36.46 32.52
CA ALA D 37 25.01 35.29 32.31
C ALA D 37 24.33 35.33 30.94
N TYR D 38 23.79 36.48 30.54
CA TYR D 38 23.18 36.60 29.18
C TYR D 38 24.18 36.14 28.10
N LEU D 39 25.45 36.59 28.24
CA LEU D 39 26.46 36.32 27.21
C LEU D 39 26.94 34.92 27.19
N ASN D 40 27.21 34.37 28.36
CA ASN D 40 27.37 32.94 28.42
C ASN D 40 26.16 32.20 27.78
N GLY D 41 24.96 32.74 27.91
CA GLY D 41 23.75 32.08 27.39
C GLY D 41 23.89 31.92 25.89
N LEU D 42 24.32 32.98 25.23
CA LEU D 42 24.50 32.97 23.79
C LEU D 42 25.63 32.07 23.43
N LEU D 43 26.60 31.94 24.34
CA LEU D 43 27.74 31.09 24.08
C LEU D 43 27.59 29.61 24.44
N GLY D 44 26.40 29.27 25.01
CA GLY D 44 26.12 27.93 25.53
C GLY D 44 27.03 27.60 26.70
N GLN D 45 27.25 28.54 27.59
CA GLN D 45 28.01 28.29 28.81
C GLN D 45 27.20 28.60 30.10
N ALA D 46 27.78 28.24 31.26
CA ALA D 46 27.18 28.43 32.59
C ALA D 46 27.14 29.88 32.91
N SER D 47 26.20 30.24 33.75
CA SER D 47 25.92 31.60 34.12
C SER D 47 27.15 32.47 34.46
N THR D 48 28.13 31.87 35.12
CA THR D 48 29.32 32.60 35.54
C THR D 48 30.61 32.01 34.97
N ALA D 49 30.58 31.61 33.70
CA ALA D 49 31.77 31.10 33.04
C ALA D 49 32.53 32.26 32.40
N ASN D 50 33.83 32.07 32.15
CA ASN D 50 34.62 33.15 31.60
C ASN D 50 34.35 33.33 30.12
N ILE D 51 34.56 34.55 29.63
CA ILE D 51 34.37 34.88 28.24
C ILE D 51 35.65 35.55 27.68
N THR D 52 36.17 35.04 26.56
CA THR D 52 37.35 35.58 25.89
C THR D 52 36.96 36.58 24.81
N GLU D 53 37.97 37.32 24.34
CA GLU D 53 37.76 38.34 23.32
C GLU D 53 37.32 37.82 21.97
N ALA D 54 37.90 36.72 21.51
CA ALA D 54 37.41 36.00 20.31
C ALA D 54 35.93 35.65 20.44
N GLN D 55 35.54 35.04 21.54
CA GLN D 55 34.15 34.70 21.74
C GLN D 55 33.32 36.00 21.54
N MET D 56 33.76 37.11 22.14
CA MET D 56 32.94 38.32 22.13
C MET D 56 32.71 38.79 20.68
N ASP D 57 33.80 38.71 19.91
CA ASP D 57 33.83 38.92 18.48
C ASP D 57 32.95 37.98 17.65
N SER D 58 32.59 36.80 18.16
CA SER D 58 31.73 35.85 17.42
C SER D 58 30.22 36.21 17.44
N LEU D 59 29.85 37.09 18.35
CA LEU D 59 28.46 37.44 18.55
C LEU D 59 27.91 38.21 17.34
N THR D 60 26.68 37.92 16.93
CA THR D 60 26.04 38.63 15.80
C THR D 60 24.97 39.63 16.29
N TYR D 61 24.42 39.39 17.49
CA TYR D 61 23.41 40.26 18.11
C TYR D 61 23.52 40.12 19.62
N ILE D 62 22.85 41.02 20.34
CA ILE D 62 22.69 41.02 21.79
C ILE D 62 21.41 41.77 21.99
N THR D 63 20.53 41.23 22.84
CA THR D 63 19.24 41.81 23.17
C THR D 63 19.11 41.80 24.70
N LEU D 64 18.99 42.97 25.33
CA LEU D 64 18.80 43.07 26.79
C LEU D 64 17.38 43.57 27.04
N ALA D 65 16.45 42.66 27.26
CA ALA D 65 15.08 43.07 27.25
C ALA D 65 14.46 42.79 28.62
N ASN D 66 14.14 43.88 29.31
CA ASN D 66 13.52 43.85 30.64
C ASN D 66 14.23 42.92 31.61
N ILE D 67 15.56 43.03 31.69
CA ILE D 67 16.34 42.26 32.66
C ILE D 67 17.18 43.29 33.32
N ASN D 68 17.71 43.01 34.50
CA ASN D 68 18.36 44.11 35.14
C ASN D 68 19.83 44.05 35.06
N VAL D 69 20.32 44.65 33.98
CA VAL D 69 21.70 44.93 33.78
C VAL D 69 21.87 46.41 34.17
N THR D 70 22.71 46.68 35.17
CA THR D 70 22.94 48.07 35.64
C THR D 70 24.12 48.70 34.96
N ASP D 71 24.93 47.84 34.35
CA ASP D 71 26.19 48.29 33.82
C ASP D 71 26.61 47.52 32.57
N LEU D 72 26.90 48.29 31.53
CA LEU D 72 27.07 47.74 30.19
C LEU D 72 28.48 47.36 29.80
N THR D 73 29.43 47.65 30.68
CA THR D 73 30.86 47.38 30.49
C THR D 73 31.09 45.96 30.02
N GLY D 74 31.92 45.86 28.99
CA GLY D 74 32.10 44.62 28.28
C GLY D 74 31.44 44.66 26.91
N ILE D 75 30.41 45.46 26.74
CA ILE D 75 29.67 45.42 25.42
C ILE D 75 30.57 45.93 24.29
N GLU D 76 31.59 46.75 24.68
CA GLU D 76 32.57 47.37 23.73
C GLU D 76 33.35 46.31 22.99
N TYR D 77 33.26 45.06 23.44
CA TYR D 77 34.07 44.03 22.84
C TYR D 77 33.33 43.19 21.81
N ALA D 78 32.05 43.45 21.64
CA ALA D 78 31.27 42.74 20.61
C ALA D 78 31.47 43.46 19.28
N HIS D 79 32.67 43.39 18.72
CA HIS D 79 32.98 44.28 17.60
C HIS D 79 32.09 44.03 16.38
N ASN D 80 31.45 42.87 16.35
CA ASN D 80 30.87 42.37 15.11
C ASN D 80 29.37 42.27 15.11
N ILE D 81 28.70 42.59 16.23
CA ILE D 81 27.24 42.44 16.32
C ILE D 81 26.61 43.40 15.28
N LYS D 82 25.58 42.92 14.57
CA LYS D 82 24.85 43.75 13.59
C LYS D 82 23.59 44.38 14.18
N ASP D 83 23.09 43.79 15.26
CA ASP D 83 21.80 44.09 15.83
C ASP D 83 21.94 44.22 17.34
N LEU D 84 21.39 45.29 17.90
CA LEU D 84 21.49 45.49 19.31
C LEU D 84 20.21 46.06 19.83
N THR D 85 19.64 45.36 20.81
CA THR D 85 18.31 45.69 21.24
C THR D 85 18.33 45.83 22.74
N ILE D 86 17.95 46.98 23.26
CA ILE D 86 17.91 47.16 24.69
C ILE D 86 16.63 47.83 25.17
N ASN D 87 15.96 47.15 26.09
CA ASN D 87 14.64 47.55 26.45
C ASN D 87 14.50 47.49 27.95
N ASN D 88 14.28 48.65 28.55
CA ASN D 88 13.93 48.82 29.95
C ASN D 88 14.99 48.30 30.88
N ILE D 89 16.22 48.81 30.78
CA ILE D 89 17.24 48.09 31.54
C ILE D 89 17.87 48.84 32.74
N HIS D 90 17.68 50.15 32.83
CA HIS D 90 17.99 50.86 34.07
C HIS D 90 19.48 51.01 34.28
N ALA D 91 20.25 51.16 33.22
CA ALA D 91 21.66 51.47 33.41
C ALA D 91 21.73 52.95 33.45
N THR D 92 22.74 53.39 34.18
CA THR D 92 23.14 54.76 34.27
C THR D 92 23.21 55.48 32.89
N ASN D 93 23.87 54.86 31.93
CA ASN D 93 24.00 55.37 30.56
C ASN D 93 24.33 54.19 29.67
N TYR D 94 24.32 54.39 28.36
CA TYR D 94 24.64 53.28 27.46
C TYR D 94 25.88 53.61 26.66
N ASN D 95 26.85 54.23 27.32
CA ASN D 95 27.97 54.90 26.66
C ASN D 95 28.91 53.99 25.91
N GLN D 96 28.88 52.70 26.21
CA GLN D 96 29.81 51.79 25.52
C GLN D 96 29.34 51.32 24.19
N ILE D 97 28.24 51.85 23.71
CA ILE D 97 27.80 51.41 22.40
C ILE D 97 28.45 52.27 21.36
N SER D 98 28.85 53.44 21.79
CA SER D 98 29.40 54.48 20.94
C SER D 98 30.52 54.14 19.94
N GLY D 99 31.29 53.07 20.08
CA GLY D 99 32.22 52.67 19.01
C GLY D 99 31.92 51.30 18.34
N LEU D 100 30.68 50.83 18.41
CA LEU D 100 30.28 49.67 17.67
C LEU D 100 30.04 50.04 16.19
N SER D 101 31.02 50.73 15.62
CA SER D 101 30.94 51.16 14.23
C SER D 101 30.41 50.05 13.34
N ASN D 102 30.36 48.83 13.89
CA ASN D 102 29.86 47.68 13.14
C ASN D 102 28.47 47.25 13.61
N LEU D 103 27.58 48.22 13.76
CA LEU D 103 26.24 47.95 14.19
C LEU D 103 25.27 48.49 13.09
N GLU D 104 24.35 47.65 12.65
CA GLU D 104 23.42 47.97 11.55
C GLU D 104 22.04 48.50 12.04
N ARG D 105 21.49 47.86 13.09
CA ARG D 105 20.20 48.19 13.70
C ARG D 105 20.21 48.33 15.26
N LEU D 106 19.38 49.22 15.77
CA LEU D 106 19.48 49.61 17.13
C LEU D 106 18.11 50.07 17.64
N ARG D 107 17.67 49.39 18.70
CA ARG D 107 16.52 49.81 19.50
C ARG D 107 16.99 50.06 20.90
N ILE D 108 16.70 51.24 21.41
CA ILE D 108 16.78 51.46 22.82
C ILE D 108 15.41 52.01 23.20
N MET D 109 14.79 51.41 24.21
CA MET D 109 13.50 51.83 24.71
C MET D 109 13.48 51.63 26.22
N GLY D 110 12.59 52.36 26.87
CA GLY D 110 12.18 52.17 28.23
C GLY D 110 11.83 53.55 28.71
N ALA D 111 10.87 53.59 29.63
CA ALA D 111 10.34 54.84 30.15
C ALA D 111 11.35 55.61 31.01
N ASP D 112 12.43 54.95 31.41
CA ASP D 112 13.49 55.61 32.21
C ASP D 112 14.61 56.17 31.32
N VAL D 113 14.49 55.96 30.02
CA VAL D 113 15.57 56.36 29.10
C VAL D 113 15.53 57.84 28.69
N THR D 114 16.36 58.62 29.38
CA THR D 114 16.53 60.05 29.14
C THR D 114 17.71 60.34 28.22
N SER D 115 17.71 61.54 27.65
CA SER D 115 18.72 61.92 26.69
C SER D 115 20.19 61.87 27.18
N ASP D 116 20.43 62.16 28.45
CA ASP D 116 21.82 62.12 28.91
C ASP D 116 22.30 60.68 28.99
N LYS D 117 21.41 59.74 28.76
CA LYS D 117 21.77 58.34 28.83
C LYS D 117 22.35 57.77 27.54
N ILE D 118 22.07 58.43 26.42
CA ILE D 118 22.53 57.99 25.12
C ILE D 118 23.73 58.85 24.70
N PRO D 119 24.90 58.20 24.46
CA PRO D 119 26.09 58.97 24.02
C PRO D 119 25.93 59.54 22.60
N ASN D 120 26.93 60.29 22.13
CA ASN D 120 26.95 60.64 20.77
C ASN D 120 26.98 59.37 19.97
N LEU D 121 26.08 59.28 18.99
CA LEU D 121 25.98 58.10 18.17
C LEU D 121 26.73 58.20 16.80
N SER D 122 27.39 59.37 16.55
CA SER D 122 28.07 59.59 15.23
C SER D 122 29.09 58.55 14.76
N GLY D 123 29.61 57.70 15.67
CA GLY D 123 30.64 56.71 15.32
C GLY D 123 30.04 55.33 14.98
N LEU D 124 28.71 55.31 14.81
CA LEU D 124 28.01 54.09 14.34
C LEU D 124 27.75 54.29 12.86
N THR D 125 28.82 54.23 12.08
CA THR D 125 28.73 54.63 10.68
C THR D 125 27.98 53.68 9.77
N ASN D 126 27.70 52.48 10.25
CA ASN D 126 26.97 51.49 9.46
C ASN D 126 25.48 51.43 9.81
N LEU D 127 25.13 52.19 10.83
CA LEU D 127 23.80 52.22 11.34
C LEU D 127 22.76 52.69 10.28
N THR D 128 21.77 51.85 9.98
CA THR D 128 20.75 52.12 8.99
C THR D 128 19.41 52.34 9.68
N LEU D 129 19.07 51.56 10.71
CA LEU D 129 17.85 51.77 11.51
C LEU D 129 18.13 52.12 12.95
N LEU D 130 17.49 53.21 13.41
CA LEU D 130 17.53 53.74 14.73
C LEU D 130 16.04 53.82 15.33
N ASP D 131 15.88 53.32 16.55
CA ASP D 131 14.56 53.32 17.21
C ASP D 131 14.74 53.77 18.67
N LEU D 132 14.31 54.98 18.96
CA LEU D 132 14.48 55.49 20.27
C LEU D 132 13.10 55.70 20.91
N SER D 133 12.15 54.92 20.45
CA SER D 133 10.74 55.02 20.83
C SER D 133 10.44 54.57 22.29
N HIS D 134 9.31 55.03 22.82
CA HIS D 134 8.93 54.81 24.24
C HIS D 134 10.00 55.14 25.22
N SER D 135 10.41 56.39 25.24
CA SER D 135 11.43 56.80 26.22
C SER D 135 11.03 58.19 26.67
N ALA D 136 12.01 58.94 27.16
CA ALA D 136 11.82 60.22 27.87
C ALA D 136 12.66 61.28 27.22
N HIS D 137 12.67 61.26 25.91
CA HIS D 137 13.62 62.03 25.18
C HIS D 137 13.15 63.46 25.06
N ASP D 138 14.12 64.36 25.03
CA ASP D 138 13.88 65.73 24.81
C ASP D 138 14.65 66.05 23.55
N ASP D 139 14.69 67.32 23.23
CA ASP D 139 15.28 67.79 22.00
C ASP D 139 16.78 67.58 21.80
N SER D 140 17.55 67.45 22.87
CA SER D 140 18.99 67.32 22.71
C SER D 140 19.42 65.98 22.14
N ILE D 141 18.51 65.01 22.14
CA ILE D 141 18.84 63.76 21.50
C ILE D 141 19.19 63.90 20.01
N LEU D 142 18.57 64.87 19.32
CA LEU D 142 18.74 65.01 17.90
C LEU D 142 20.19 65.31 17.57
N THR D 143 20.78 66.31 18.24
CA THR D 143 22.19 66.66 18.02
C THR D 143 23.13 65.45 18.16
N LYS D 144 22.70 64.42 18.85
CA LYS D 144 23.55 63.25 18.88
C LYS D 144 23.37 62.24 17.75
N ILE D 145 22.39 62.44 16.89
CA ILE D 145 22.01 61.41 15.99
C ILE D 145 21.89 62.04 14.64
N ASN D 146 22.04 63.36 14.58
CA ASN D 146 21.82 64.07 13.34
C ASN D 146 23.07 64.14 12.46
N THR D 147 24.03 63.26 12.75
CA THR D 147 25.22 63.09 11.93
C THR D 147 25.19 61.78 11.17
N LEU D 148 24.38 60.85 11.65
CA LEU D 148 24.40 59.46 11.15
C LEU D 148 24.26 59.40 9.64
N PRO D 149 25.29 58.84 8.98
CA PRO D 149 25.45 59.01 7.53
C PRO D 149 24.67 58.00 6.73
N LYS D 150 24.34 56.87 7.34
CA LYS D 150 23.56 55.80 6.64
C LYS D 150 22.12 55.57 7.09
N VAL D 151 21.65 56.28 8.10
CA VAL D 151 20.38 55.96 8.77
C VAL D 151 19.23 56.37 7.87
N THR D 152 18.32 55.44 7.59
CA THR D 152 17.27 55.76 6.68
C THR D 152 15.94 55.83 7.38
N SER D 153 15.87 55.39 8.65
CA SER D 153 14.62 55.52 9.44
C SER D 153 14.90 55.69 10.86
N ILE D 154 14.23 56.67 11.45
CA ILE D 154 14.32 56.89 12.85
C ILE D 154 12.92 56.75 13.46
N ASP D 155 12.81 56.14 14.63
CA ASP D 155 11.50 56.12 15.34
C ASP D 155 11.66 56.75 16.69
N LEU D 156 11.04 57.92 16.84
CA LEU D 156 11.12 58.69 18.06
C LEU D 156 9.70 58.91 18.53
N SER D 157 8.82 58.00 18.14
CA SER D 157 7.43 58.04 18.59
C SER D 157 7.38 57.70 20.07
N TYR D 158 6.42 58.31 20.75
CA TYR D 158 6.13 58.07 22.18
C TYR D 158 7.21 58.73 23.04
N ASN D 159 7.83 59.76 22.52
CA ASN D 159 8.59 60.64 23.34
C ASN D 159 7.87 61.97 23.39
N GLY D 160 6.98 62.11 24.35
CA GLY D 160 6.14 63.28 24.40
C GLY D 160 6.87 64.61 24.42
N ALA D 161 8.14 64.57 24.84
CA ALA D 161 8.94 65.80 25.00
C ALA D 161 9.80 66.14 23.79
N ILE D 162 9.67 65.41 22.71
CA ILE D 162 10.29 65.87 21.47
C ILE D 162 9.40 66.84 20.73
N THR D 163 9.92 68.03 20.46
CA THR D 163 9.08 69.20 20.08
C THR D 163 9.45 69.84 18.75
N ASP D 164 10.68 69.54 18.33
CA ASP D 164 11.20 70.12 17.15
C ASP D 164 12.15 69.14 16.50
N ILE D 165 11.67 68.43 15.50
CA ILE D 165 12.54 67.60 14.65
C ILE D 165 13.36 68.33 13.55
N MET D 166 13.22 69.63 13.40
CA MET D 166 13.98 70.29 12.33
C MET D 166 15.51 69.97 12.31
N PRO D 167 16.16 69.85 13.49
CA PRO D 167 17.59 69.52 13.41
C PRO D 167 17.99 68.25 12.66
N LEU D 168 17.07 67.35 12.37
CA LEU D 168 17.39 66.20 11.53
C LEU D 168 17.57 66.57 10.04
N LYS D 169 17.26 67.79 9.67
CA LYS D 169 17.28 68.14 8.26
C LYS D 169 18.65 67.87 7.61
N THR D 170 19.71 67.85 8.42
CA THR D 170 21.09 67.68 7.96
C THR D 170 21.47 66.23 7.65
N MET D 171 20.67 65.29 8.15
CA MET D 171 20.85 63.85 7.92
C MET D 171 20.72 63.56 6.45
N PRO D 172 21.61 62.71 5.92
CA PRO D 172 21.61 62.71 4.47
C PRO D 172 20.80 61.57 3.85
N GLU D 173 20.57 60.50 4.57
CA GLU D 173 19.81 59.38 4.01
C GLU D 173 18.48 59.13 4.72
N LEU D 174 18.05 60.05 5.56
CA LEU D 174 16.81 59.80 6.25
C LEU D 174 15.60 59.82 5.27
N LYS D 175 14.90 58.67 5.25
CA LYS D 175 13.75 58.45 4.41
C LYS D 175 12.43 58.46 5.17
N SER D 176 12.44 57.79 6.33
CA SER D 176 11.30 57.75 7.21
C SER D 176 11.57 58.32 8.57
N LEU D 177 10.68 59.21 9.02
CA LEU D 177 10.65 59.54 10.42
C LEU D 177 9.27 59.32 11.10
N ASN D 178 9.28 58.64 12.25
CA ASN D 178 8.13 58.44 13.10
C ASN D 178 8.28 59.22 14.41
N ILE D 179 7.38 60.19 14.55
CA ILE D 179 7.31 60.97 15.76
C ILE D 179 5.92 60.97 16.40
N GLN D 180 5.19 59.88 16.26
CA GLN D 180 3.81 59.82 16.72
C GLN D 180 3.67 59.94 18.21
N PHE D 181 2.74 60.79 18.65
CA PHE D 181 2.54 61.02 20.08
C PHE D 181 3.53 62.03 20.64
N ASP D 182 4.30 62.67 19.75
CA ASP D 182 5.28 63.67 20.17
C ASP D 182 4.63 65.03 20.39
N GLY D 183 5.43 66.05 20.67
CA GLY D 183 4.89 67.38 20.90
C GLY D 183 5.46 68.36 19.91
N VAL D 184 5.54 67.93 18.66
CA VAL D 184 6.02 68.77 17.57
C VAL D 184 4.84 69.61 17.05
N HIS D 185 5.12 70.88 16.76
CA HIS D 185 4.14 71.89 16.44
C HIS D 185 4.44 72.65 15.16
N ASP D 186 5.71 72.70 14.75
CA ASP D 186 6.08 73.47 13.54
C ASP D 186 6.74 72.67 12.41
N TYR D 187 6.04 72.67 11.26
CA TYR D 187 6.36 71.85 10.12
C TYR D 187 7.03 72.62 8.99
N ARG D 188 7.19 73.92 9.16
CA ARG D 188 8.03 74.73 8.23
C ARG D 188 9.47 74.29 8.23
N GLY D 189 10.06 74.10 7.07
CA GLY D 189 11.45 73.66 6.96
C GLY D 189 11.55 72.18 6.60
N ILE D 190 10.41 71.49 6.57
CA ILE D 190 10.39 70.05 6.36
C ILE D 190 10.94 69.72 4.97
N GLU D 191 10.77 70.60 4.01
CA GLU D 191 11.26 70.29 2.67
C GLU D 191 12.77 70.35 2.58
N ASP D 192 13.43 70.92 3.59
CA ASP D 192 14.91 70.98 3.62
C ASP D 192 15.50 69.60 3.75
N PHE D 193 14.76 68.74 4.42
CA PHE D 193 14.96 67.30 4.37
C PHE D 193 15.15 66.72 2.98
N PRO D 194 16.35 66.15 2.72
CA PRO D 194 16.85 65.70 1.40
C PRO D 194 16.16 64.48 0.81
N LYS D 195 15.80 63.54 1.69
CA LYS D 195 15.31 62.26 1.24
C LYS D 195 14.08 61.82 2.02
N LEU D 196 13.69 62.58 3.03
CA LEU D 196 12.48 62.30 3.77
C LEU D 196 11.25 62.14 2.86
N ASN D 197 10.66 60.94 2.87
CA ASN D 197 9.51 60.65 2.07
C ASN D 197 8.37 60.07 2.90
N THR D 198 8.66 59.83 4.19
CA THR D 198 7.66 59.36 5.12
C THR D 198 7.75 60.09 6.44
N LEU D 199 6.60 60.63 6.87
CA LEU D 199 6.46 61.30 8.17
C LEU D 199 5.19 60.98 8.95
N LEU D 200 5.30 60.18 10.00
CA LEU D 200 4.17 59.75 10.81
C LEU D 200 4.11 60.60 12.08
N ALA D 201 3.22 61.60 12.06
CA ALA D 201 3.21 62.54 13.14
C ALA D 201 1.82 62.63 13.81
N TYR D 202 1.06 61.55 13.68
CA TYR D 202 -0.29 61.45 14.21
C TYR D 202 -0.37 61.82 15.69
N SER D 203 -1.34 62.66 16.08
CA SER D 203 -1.63 62.94 17.49
C SER D 203 -0.46 63.50 18.36
N GLN D 204 0.02 64.63 17.89
CA GLN D 204 0.94 65.43 18.65
C GLN D 204 0.21 66.06 19.84
N THR D 205 0.88 66.13 21.01
CA THR D 205 0.38 66.92 22.12
C THR D 205 1.37 68.03 22.43
N ILE D 206 1.01 69.23 21.99
CA ILE D 206 1.88 70.36 22.09
C ILE D 206 1.88 70.89 23.52
N GLY D 207 3.03 70.77 24.19
CA GLY D 207 3.17 71.16 25.60
C GLY D 207 2.62 70.10 26.57
N GLY D 208 2.65 68.82 26.13
CA GLY D 208 2.17 67.67 26.92
C GLY D 208 3.22 67.13 27.87
N LYS D 209 4.50 67.32 27.55
CA LYS D 209 5.61 67.05 28.50
C LYS D 209 6.47 68.28 28.70
N LYS D 210 6.97 68.85 27.60
CA LYS D 210 7.70 70.06 27.75
C LYS D 210 6.65 71.17 27.82
N LEU D 211 6.62 71.83 28.97
CA LEU D 211 5.50 72.70 29.35
C LEU D 211 5.57 74.10 28.76
N ILE D 212 4.45 74.56 28.21
CA ILE D 212 4.37 75.93 27.73
C ILE D 212 3.66 76.82 28.71
N ASN D 213 4.41 77.80 29.22
CA ASN D 213 3.85 78.88 30.02
C ASN D 213 4.15 80.25 29.44
N SER D 214 3.22 81.18 29.61
CA SER D 214 3.44 82.55 29.18
C SER D 214 3.11 83.53 30.28
N ASP D 215 4.00 84.49 30.43
CA ASP D 215 3.82 85.59 31.35
C ASP D 215 3.21 86.82 30.69
N ILE D 216 1.92 87.00 30.95
CA ILE D 216 1.16 88.02 30.20
C ILE D 216 0.46 89.08 31.06
N LYS D 217 0.42 90.29 30.49
CA LYS D 217 -0.26 91.43 31.12
C LYS D 217 -1.76 91.31 30.94
N SER D 218 -2.53 91.79 31.92
CA SER D 218 -3.99 91.71 31.81
C SER D 218 -4.51 92.66 30.73
N SER D 219 -3.60 93.38 30.09
CA SER D 219 -3.95 94.19 28.94
C SER D 219 -4.16 93.32 27.68
N LYS D 220 -3.44 92.20 27.59
CA LYS D 220 -3.57 91.27 26.45
C LYS D 220 -4.96 90.67 26.34
N LEU D 221 -5.69 90.70 27.45
CA LEU D 221 -7.07 90.21 27.52
C LEU D 221 -8.08 91.32 27.27
N THR D 222 -9.34 90.95 27.05
CA THR D 222 -10.42 91.93 26.86
C THR D 222 -11.58 91.64 27.80
N TYR D 223 -11.88 92.59 28.67
CA TYR D 223 -13.05 92.43 29.55
C TYR D 223 -14.23 93.24 29.05
N ASN D 224 -15.39 92.60 29.04
CA ASN D 224 -16.67 93.29 28.80
C ASN D 224 -17.38 93.56 30.11
N ALA D 225 -17.41 94.83 30.49
CA ALA D 225 -18.13 95.29 31.68
C ALA D 225 -19.63 94.92 31.62
N GLU D 226 -20.30 95.37 30.56
CA GLU D 226 -21.76 95.21 30.40
C GLU D 226 -22.22 93.76 30.27
N ASN D 227 -21.61 93.06 29.32
CA ASN D 227 -21.94 91.66 29.03
C ASN D 227 -21.26 90.66 29.96
N GLN D 228 -20.29 91.19 30.73
CA GLN D 228 -19.54 90.41 31.71
C GLN D 228 -18.95 89.18 31.03
N THR D 229 -18.15 89.48 30.01
CA THR D 229 -17.56 88.47 29.17
C THR D 229 -16.04 88.63 29.10
N LEU D 230 -15.34 87.50 29.22
CA LEU D 230 -13.86 87.45 29.13
C LEU D 230 -13.42 86.94 27.76
N TYR D 231 -12.43 87.63 27.17
CA TYR D 231 -11.91 87.28 25.83
C TYR D 231 -10.42 87.04 25.76
N VAL D 232 -10.07 85.78 25.45
CA VAL D 232 -8.69 85.34 25.19
C VAL D 232 -8.44 85.16 23.68
N PRO D 233 -7.66 86.09 23.07
CA PRO D 233 -7.30 85.98 21.67
C PRO D 233 -6.36 84.81 21.47
N PHE D 234 -6.69 83.93 20.53
CA PHE D 234 -5.82 82.82 20.17
C PHE D 234 -4.44 83.25 19.65
N SER D 235 -4.15 84.56 19.67
CA SER D 235 -2.83 85.06 19.28
C SER D 235 -1.81 84.88 20.39
N LEU D 236 -2.28 84.54 21.59
CA LEU D 236 -1.39 84.17 22.71
C LEU D 236 -0.92 82.71 22.69
N MET D 237 -1.57 81.90 21.83
CA MET D 237 -1.30 80.48 21.65
C MET D 237 -0.12 80.23 20.70
N THR D 238 1.07 80.57 21.18
CA THR D 238 2.20 80.83 20.31
C THR D 238 2.81 79.57 19.73
N GLU D 239 2.46 78.43 20.29
CA GLU D 239 3.06 77.18 19.81
C GLU D 239 2.12 76.30 19.03
N ARG D 240 1.01 76.85 18.56
CA ARG D 240 0.06 76.08 17.75
C ARG D 240 0.62 75.53 16.44
N THR D 241 -0.10 74.57 15.85
CA THR D 241 0.34 73.81 14.68
C THR D 241 0.43 74.75 13.52
N VAL D 242 1.52 74.69 12.79
CA VAL D 242 1.71 75.50 11.59
C VAL D 242 2.23 74.55 10.56
N ASN D 243 1.47 74.36 9.49
CA ASN D 243 1.87 73.38 8.51
C ASN D 243 3.05 73.90 7.71
N TYR D 244 3.61 73.07 6.82
CA TYR D 244 4.83 73.53 6.09
C TYR D 244 4.54 74.75 5.22
N ASP D 245 3.32 74.78 4.66
CA ASP D 245 2.82 75.79 3.72
C ASP D 245 2.28 77.10 4.38
N GLY D 246 2.37 77.17 5.70
CA GLY D 246 1.88 78.36 6.39
C GLY D 246 0.53 78.13 7.04
N TYR D 247 -0.17 77.10 6.61
CA TYR D 247 -1.53 76.91 7.09
C TYR D 247 -1.58 76.78 8.64
N VAL D 248 -2.32 77.69 9.26
CA VAL D 248 -2.58 77.66 10.69
C VAL D 248 -3.97 77.10 11.03
N PRO D 249 -4.05 75.80 11.22
CA PRO D 249 -5.36 75.22 11.41
C PRO D 249 -6.08 75.80 12.64
N ASP D 250 -7.41 75.71 12.62
CA ASP D 250 -8.27 76.21 13.70
C ASP D 250 -8.41 75.25 14.88
N PHE D 251 -8.77 75.79 16.04
CA PHE D 251 -9.07 74.99 17.20
C PHE D 251 -10.50 74.47 17.05
N VAL D 252 -10.77 73.26 17.55
CA VAL D 252 -12.16 72.79 17.55
C VAL D 252 -13.06 73.83 18.23
N LYS D 253 -14.35 73.75 17.90
CA LYS D 253 -15.39 74.64 18.38
C LYS D 253 -16.20 74.01 19.50
N SER D 254 -16.25 72.68 19.52
CA SER D 254 -16.87 71.93 20.59
C SER D 254 -16.42 72.44 21.98
N THR D 255 -17.37 72.59 22.89
CA THR D 255 -17.08 73.00 24.26
C THR D 255 -17.13 71.80 25.25
N ALA D 256 -17.33 70.59 24.71
CA ALA D 256 -17.35 69.34 25.46
C ALA D 256 -16.04 69.11 26.18
N SER D 257 -16.11 68.47 27.34
CA SER D 257 -14.92 68.27 28.18
C SER D 257 -13.86 67.40 27.53
N SER D 258 -14.27 66.72 26.45
CA SER D 258 -13.37 65.83 25.74
C SER D 258 -12.77 66.54 24.52
N ASP D 259 -13.13 67.80 24.32
CA ASP D 259 -12.55 68.59 23.24
C ASP D 259 -11.89 69.87 23.72
N THR D 260 -12.50 70.47 24.73
CA THR D 260 -11.99 71.72 25.24
C THR D 260 -11.95 71.62 26.75
N TYR D 261 -11.00 72.34 27.35
CA TYR D 261 -10.66 72.25 28.75
C TYR D 261 -10.06 73.58 29.11
N PHE D 262 -10.92 74.48 29.58
CA PHE D 262 -10.48 75.81 29.94
C PHE D 262 -10.53 76.03 31.44
N THR D 263 -9.66 76.89 31.92
CA THR D 263 -9.32 76.93 33.32
C THR D 263 -9.00 78.38 33.72
N MET D 264 -9.60 78.80 34.85
CA MET D 264 -9.36 80.10 35.49
C MET D 264 -8.92 79.85 36.92
N ASN D 265 -7.74 80.36 37.25
CA ASN D 265 -7.12 80.11 38.56
C ASN D 265 -7.27 78.63 38.96
N GLU D 266 -6.70 77.78 38.09
CA GLU D 266 -6.77 76.29 38.10
C GLU D 266 -8.17 75.68 38.34
N GLN D 267 -9.20 76.38 37.85
CA GLN D 267 -10.59 75.97 38.07
C GLN D 267 -11.31 75.87 36.75
N GLN D 268 -11.88 74.70 36.48
CA GLN D 268 -12.49 74.44 35.18
C GLN D 268 -13.77 75.26 35.00
N VAL D 269 -13.70 76.27 34.12
CA VAL D 269 -14.87 76.98 33.59
C VAL D 269 -15.78 76.00 32.85
N ASN D 270 -17.08 76.15 33.09
CA ASN D 270 -18.09 75.25 32.56
C ASN D 270 -18.20 75.41 31.05
N GLY D 271 -18.36 74.29 30.35
CA GLY D 271 -18.54 74.28 28.91
C GLY D 271 -19.59 75.29 28.45
N ASN D 272 -20.67 75.37 29.23
CA ASN D 272 -21.85 76.21 28.97
C ASN D 272 -21.50 77.67 28.90
N ARG D 273 -20.37 78.03 29.47
CA ARG D 273 -20.08 79.43 29.66
C ARG D 273 -19.17 79.96 28.56
N LEU D 274 -18.81 79.10 27.61
CA LEU D 274 -17.74 79.42 26.63
C LEU D 274 -18.11 79.43 25.15
N THR D 275 -17.57 80.44 24.46
CA THR D 275 -17.77 80.63 23.03
C THR D 275 -16.43 80.71 22.27
N ILE D 276 -16.22 79.81 21.33
CA ILE D 276 -15.03 79.83 20.53
C ILE D 276 -15.35 80.27 19.14
N THR D 277 -14.42 81.02 18.56
CA THR D 277 -14.44 81.44 17.19
C THR D 277 -13.11 81.14 16.57
N SER D 278 -12.78 81.90 15.55
CA SER D 278 -11.58 81.61 14.78
C SER D 278 -10.46 82.55 15.18
N ASP D 279 -10.79 83.50 16.05
CA ASP D 279 -9.84 84.49 16.56
C ASP D 279 -9.74 84.45 18.08
N GLY D 280 -10.73 83.88 18.75
CA GLY D 280 -10.64 83.75 20.20
C GLY D 280 -11.63 82.90 20.95
N LEU D 281 -11.45 82.92 22.27
CA LEU D 281 -12.36 82.26 23.21
C LEU D 281 -13.08 83.31 24.05
N THR D 282 -14.36 83.06 24.33
CA THR D 282 -15.27 84.02 24.97
C THR D 282 -15.97 83.38 26.17
N VAL D 283 -15.84 84.02 27.32
CA VAL D 283 -16.38 83.47 28.55
C VAL D 283 -17.49 84.33 29.12
N SER D 284 -18.66 83.72 29.28
CA SER D 284 -19.82 84.38 29.90
C SER D 284 -19.77 84.41 31.45
N ASP D 285 -20.61 85.26 32.04
CA ASP D 285 -20.87 85.32 33.50
C ASP D 285 -19.61 85.69 34.29
N VAL D 286 -18.84 86.63 33.77
CA VAL D 286 -17.58 87.04 34.39
C VAL D 286 -17.72 88.44 34.98
N SER D 287 -17.84 88.52 36.31
CA SER D 287 -17.92 89.82 36.95
C SER D 287 -16.55 90.48 36.95
N LYS D 288 -16.54 91.81 37.00
CA LYS D 288 -15.31 92.59 37.10
C LYS D 288 -14.47 92.10 38.29
N THR D 289 -15.17 91.52 39.26
CA THR D 289 -14.59 90.87 40.43
C THR D 289 -13.73 89.66 40.04
N ASP D 290 -14.36 88.76 39.27
CA ASP D 290 -13.69 87.57 38.82
C ASP D 290 -12.47 87.92 37.98
N PHE D 291 -12.57 89.02 37.22
CA PHE D 291 -11.47 89.49 36.38
C PHE D 291 -10.30 90.10 37.14
N ASP D 292 -10.58 90.78 38.23
CA ASP D 292 -9.53 91.40 39.03
C ASP D 292 -8.69 90.29 39.69
N ASN D 293 -9.37 89.26 40.22
CA ASN D 293 -8.73 88.03 40.71
C ASN D 293 -8.62 86.99 39.61
N LEU D 294 -7.67 87.20 38.70
CA LEU D 294 -7.36 86.22 37.66
C LEU D 294 -5.87 86.18 37.53
N GLU D 295 -5.32 85.02 37.86
CA GLU D 295 -3.87 84.88 37.97
C GLU D 295 -3.40 83.82 36.99
N LYS D 296 -4.12 82.71 36.96
CA LYS D 296 -3.78 81.62 36.07
C LYS D 296 -4.88 81.30 35.09
N MET D 297 -4.44 80.90 33.90
CA MET D 297 -5.27 80.22 32.90
C MET D 297 -4.60 78.93 32.44
N GLU D 298 -5.42 78.04 31.90
CA GLU D 298 -4.95 76.98 31.03
C GLU D 298 -5.92 76.75 29.87
N TYR D 299 -5.38 76.78 28.64
CA TYR D 299 -6.05 76.33 27.41
C TYR D 299 -5.56 74.93 26.92
N ASN D 300 -6.40 73.91 27.11
CA ASN D 300 -6.17 72.54 26.62
C ASN D 300 -7.26 72.19 25.59
N ALA D 301 -6.91 72.17 24.30
CA ALA D 301 -7.92 71.95 23.29
C ALA D 301 -7.40 71.22 22.01
N ARG D 302 -8.30 70.47 21.35
CA ARG D 302 -7.97 69.81 20.08
C ARG D 302 -7.84 70.81 18.94
N ILE D 303 -6.81 70.66 18.09
CA ILE D 303 -6.72 71.47 16.86
C ILE D 303 -7.39 70.74 15.70
N ASP D 304 -8.22 71.49 14.98
CA ASP D 304 -8.98 70.95 13.88
C ASP D 304 -8.09 70.75 12.68
N LEU D 305 -7.29 69.69 12.71
CA LEU D 305 -6.44 69.37 11.59
C LEU D 305 -6.71 67.93 11.19
N SER D 306 -7.73 67.76 10.36
CA SER D 306 -8.21 66.45 9.96
C SER D 306 -7.44 66.00 8.73
N TYR D 307 -7.36 64.70 8.49
CA TYR D 307 -6.51 64.20 7.39
C TYR D 307 -6.69 64.86 6.02
N GLN D 308 -7.91 65.15 5.60
CA GLN D 308 -8.05 65.69 4.27
C GLN D 308 -7.94 67.22 4.21
N SER D 309 -7.78 67.86 5.35
CA SER D 309 -7.93 69.30 5.43
C SER D 309 -6.63 70.05 5.11
N TYR D 310 -5.54 69.32 4.87
CA TYR D 310 -4.24 70.01 4.68
C TYR D 310 -3.50 69.55 3.47
N ASN D 311 -2.72 70.45 2.89
CA ASN D 311 -1.77 70.09 1.84
C ASN D 311 -0.51 69.33 2.30
N THR D 312 -0.12 68.34 1.50
CA THR D 312 1.10 67.62 1.72
C THR D 312 2.19 68.11 0.74
N PRO D 313 3.46 68.16 1.20
CA PRO D 313 4.46 68.60 0.25
C PRO D 313 4.83 67.47 -0.73
N GLU D 314 5.45 67.88 -1.83
CA GLU D 314 5.66 67.03 -2.99
C GLU D 314 6.46 65.73 -2.72
N GLN D 315 7.58 65.84 -1.98
CA GLN D 315 8.44 64.70 -1.69
C GLN D 315 7.73 63.59 -0.92
N PHE D 316 6.62 63.91 -0.26
CA PHE D 316 5.78 62.88 0.35
C PHE D 316 4.74 62.19 -0.58
N GLN D 317 4.41 62.79 -1.72
CA GLN D 317 3.31 62.28 -2.59
C GLN D 317 3.63 61.09 -3.54
N ASN D 318 4.69 60.36 -3.37
CA ASN D 318 4.91 59.38 -4.42
C ASN D 318 4.86 57.93 -3.99
N GLY D 319 4.07 57.65 -2.96
CA GLY D 319 4.15 56.41 -2.22
C GLY D 319 4.69 56.75 -0.86
N GLY D 320 4.92 58.05 -0.63
CA GLY D 320 5.24 58.61 0.70
C GLY D 320 4.02 58.90 1.57
N SER D 321 4.22 59.16 2.86
CA SER D 321 3.09 59.46 3.76
C SER D 321 3.46 60.63 4.51
N TYR D 322 2.44 61.43 4.83
CA TYR D 322 2.62 62.69 5.54
C TYR D 322 1.37 62.92 6.33
N THR D 323 1.42 62.50 7.60
CA THR D 323 0.28 62.53 8.47
C THR D 323 0.64 63.37 9.67
N ILE D 324 0.00 64.54 9.80
CA ILE D 324 0.23 65.41 10.93
C ILE D 324 -1.05 65.69 11.70
N SER D 325 -1.95 64.72 11.65
CA SER D 325 -3.36 64.88 12.01
C SER D 325 -3.64 64.94 13.50
N MET D 326 -4.77 65.56 13.82
CA MET D 326 -5.36 65.54 15.16
C MET D 326 -4.40 65.88 16.29
N PRO D 327 -3.82 67.09 16.25
CA PRO D 327 -2.98 67.41 17.37
C PRO D 327 -3.82 67.97 18.51
N ILE D 328 -3.18 68.12 19.66
CA ILE D 328 -3.74 68.73 20.87
C ILE D 328 -2.78 69.83 21.37
N TYR D 329 -3.35 70.87 21.95
CA TYR D 329 -2.59 72.00 22.41
C TYR D 329 -2.80 72.16 23.90
N ASP D 330 -1.74 72.49 24.61
CA ASP D 330 -1.84 72.79 26.03
C ASP D 330 -0.96 74.00 26.35
N HIS D 331 -1.57 75.10 26.79
CA HIS D 331 -0.86 76.34 27.10
C HIS D 331 -1.23 76.91 28.47
N TYR D 332 -0.24 77.13 29.36
CA TYR D 332 -0.50 77.75 30.70
C TYR D 332 -0.19 79.22 30.74
N PHE D 333 -0.98 79.97 31.51
CA PHE D 333 -0.80 81.41 31.61
C PHE D 333 -0.78 81.91 33.04
N THR D 334 -0.13 83.06 33.19
CA THR D 334 -0.12 83.80 34.42
C THR D 334 -0.35 85.26 34.05
N VAL D 335 -1.26 85.89 34.78
CA VAL D 335 -1.73 87.24 34.45
C VAL D 335 -1.36 88.25 35.54
N ASP D 336 -0.83 89.39 35.11
CA ASP D 336 -0.50 90.48 36.01
C ASP D 336 -1.71 91.18 36.61
N ASP E 26 18.10 -52.61 -58.37
CA ASP E 26 19.13 -51.81 -57.64
C ASP E 26 19.82 -50.71 -58.46
N ASN E 27 19.17 -49.55 -58.59
CA ASN E 27 19.84 -48.40 -59.18
C ASN E 27 19.25 -47.18 -58.56
N VAL E 28 20.09 -46.20 -58.27
CA VAL E 28 19.62 -45.15 -57.36
C VAL E 28 19.36 -43.84 -58.10
N ASN E 29 18.17 -43.28 -57.89
CA ASN E 29 17.86 -41.98 -58.48
C ASN E 29 18.39 -40.88 -57.60
N ILE E 30 19.41 -40.19 -58.14
CA ILE E 30 20.00 -39.01 -57.52
C ILE E 30 19.94 -37.82 -58.49
N PRO E 31 18.86 -37.01 -58.43
CA PRO E 31 18.62 -36.04 -59.50
C PRO E 31 19.58 -34.85 -59.48
N ASP E 32 20.30 -34.63 -58.41
CA ASP E 32 21.15 -33.45 -58.41
C ASP E 32 22.50 -33.82 -58.92
N SER E 33 22.92 -33.20 -60.02
CA SER E 33 24.15 -33.59 -60.69
C SER E 33 25.43 -33.43 -59.89
N THR E 34 25.55 -32.36 -59.10
CA THR E 34 26.71 -32.12 -58.24
C THR E 34 26.90 -33.25 -57.22
N PHE E 35 25.77 -33.64 -56.64
CA PHE E 35 25.70 -34.60 -55.55
C PHE E 35 26.15 -35.91 -56.11
N LYS E 36 25.69 -36.19 -57.32
CA LYS E 36 25.99 -37.41 -58.03
C LYS E 36 27.46 -37.48 -58.40
N ALA E 37 27.97 -36.37 -58.92
CA ALA E 37 29.41 -36.29 -59.17
C ALA E 37 30.21 -36.57 -57.89
N TYR E 38 29.79 -36.02 -56.77
CA TYR E 38 30.51 -36.26 -55.50
C TYR E 38 30.46 -37.73 -55.14
N LEU E 39 29.27 -38.31 -55.15
CA LEU E 39 29.16 -39.76 -54.85
C LEU E 39 29.99 -40.62 -55.83
N ASN E 40 29.84 -40.33 -57.12
CA ASN E 40 30.62 -41.02 -58.15
C ASN E 40 32.11 -40.93 -57.85
N GLY E 41 32.51 -39.83 -57.22
CA GLY E 41 33.89 -39.62 -56.84
C GLY E 41 34.31 -40.59 -55.74
N LEU E 42 33.58 -40.57 -54.63
CA LEU E 42 33.85 -41.48 -53.54
C LEU E 42 34.01 -42.89 -54.07
N LEU E 43 33.15 -43.25 -55.03
CA LEU E 43 33.22 -44.57 -55.68
C LEU E 43 34.35 -44.72 -56.75
N GLY E 44 35.04 -43.63 -57.07
CA GLY E 44 36.05 -43.66 -58.18
C GLY E 44 35.41 -43.94 -59.55
N GLN E 45 34.35 -43.19 -59.86
CA GLN E 45 33.61 -43.36 -61.09
C GLN E 45 33.54 -41.99 -61.70
N ALA E 46 33.39 -41.95 -63.03
CA ALA E 46 33.27 -40.70 -63.75
C ALA E 46 32.06 -39.97 -63.25
N SER E 47 32.05 -38.67 -63.46
CA SER E 47 31.00 -37.80 -62.91
C SER E 47 29.52 -38.25 -63.00
N THR E 48 29.13 -38.83 -64.14
CA THR E 48 27.72 -38.95 -64.45
C THR E 48 27.30 -40.42 -64.48
N ALA E 49 28.24 -41.28 -64.02
CA ALA E 49 28.05 -42.72 -63.90
C ALA E 49 26.81 -43.05 -63.05
N ASN E 50 26.39 -44.32 -63.13
CA ASN E 50 25.23 -44.73 -62.35
C ASN E 50 25.66 -45.38 -61.06
N ILE E 51 24.83 -45.25 -60.03
CA ILE E 51 25.14 -45.76 -58.69
C ILE E 51 24.02 -46.71 -58.17
N THR E 52 24.42 -47.95 -57.88
CA THR E 52 23.50 -48.94 -57.40
C THR E 52 23.21 -48.78 -55.92
N GLU E 53 22.15 -49.43 -55.47
CA GLU E 53 21.80 -49.48 -54.07
C GLU E 53 22.95 -50.11 -53.26
N ALA E 54 23.58 -51.14 -53.85
CA ALA E 54 24.74 -51.77 -53.25
C ALA E 54 25.77 -50.70 -52.96
N GLN E 55 26.17 -49.97 -54.00
CA GLN E 55 27.25 -49.01 -53.87
C GLN E 55 26.95 -47.92 -52.78
N MET E 56 25.73 -47.36 -52.78
CA MET E 56 25.28 -46.47 -51.70
C MET E 56 25.44 -47.07 -50.29
N ASP E 57 25.11 -48.34 -50.14
CA ASP E 57 25.23 -49.05 -48.88
C ASP E 57 26.67 -49.23 -48.43
N SER E 58 27.60 -49.04 -49.36
CA SER E 58 29.00 -49.29 -49.13
C SER E 58 29.68 -48.06 -48.54
N LEU E 59 29.02 -46.91 -48.66
CA LEU E 59 29.52 -45.64 -48.13
C LEU E 59 29.60 -45.58 -46.60
N THR E 60 30.62 -44.91 -46.08
CA THR E 60 30.71 -44.73 -44.61
C THR E 60 30.61 -43.30 -44.08
N TYR E 61 31.09 -42.34 -44.86
CA TYR E 61 30.77 -40.98 -44.50
C TYR E 61 30.23 -40.31 -45.75
N ILE E 62 29.52 -39.19 -45.58
CA ILE E 62 29.38 -38.22 -46.67
C ILE E 62 29.80 -36.77 -46.25
N THR E 63 30.55 -36.07 -47.12
CA THR E 63 30.84 -34.63 -46.93
C THR E 63 30.50 -33.64 -48.09
N LEU E 64 29.51 -32.80 -47.82
CA LEU E 64 29.00 -31.83 -48.74
C LEU E 64 29.33 -30.47 -48.23
N ALA E 65 30.49 -29.95 -48.62
CA ALA E 65 30.94 -28.69 -48.07
C ALA E 65 31.10 -27.72 -49.19
N ASN E 66 30.17 -26.76 -49.22
CA ASN E 66 30.37 -25.54 -49.98
C ASN E 66 30.37 -25.87 -51.44
N ILE E 67 29.60 -26.90 -51.79
CA ILE E 67 29.30 -27.26 -53.16
C ILE E 67 27.77 -27.12 -53.34
N ASN E 68 27.28 -26.63 -54.46
CA ASN E 68 25.82 -26.43 -54.53
C ASN E 68 24.99 -27.70 -54.78
N VAL E 69 24.33 -28.20 -53.75
CA VAL E 69 23.48 -29.36 -53.90
C VAL E 69 22.11 -28.86 -53.55
N THR E 70 21.22 -28.75 -54.52
CA THR E 70 19.87 -28.25 -54.20
C THR E 70 18.84 -29.31 -53.72
N ASP E 71 19.18 -30.58 -53.85
CA ASP E 71 18.21 -31.66 -53.60
C ASP E 71 18.89 -32.99 -53.22
N LEU E 72 18.56 -33.47 -52.01
CA LEU E 72 19.40 -34.46 -51.40
C LEU E 72 18.92 -35.82 -51.81
N THR E 73 17.92 -35.85 -52.70
CA THR E 73 17.29 -37.11 -53.07
C THR E 73 18.39 -38.09 -53.45
N GLY E 74 18.32 -39.30 -52.91
CA GLY E 74 19.36 -40.32 -53.12
C GLY E 74 20.11 -40.64 -51.82
N ILE E 75 20.27 -39.64 -50.98
CA ILE E 75 21.01 -39.83 -49.74
C ILE E 75 20.30 -40.82 -48.76
N GLU E 76 19.01 -40.99 -48.97
CA GLU E 76 18.25 -41.93 -48.14
C GLU E 76 18.65 -43.38 -48.37
N TYR E 77 19.46 -43.61 -49.39
CA TYR E 77 20.00 -44.96 -49.65
C TYR E 77 21.36 -45.28 -49.06
N ALA E 78 22.00 -44.33 -48.41
CA ALA E 78 23.30 -44.66 -47.86
C ALA E 78 23.04 -45.06 -46.42
N HIS E 79 22.43 -46.21 -46.29
CA HIS E 79 22.02 -46.68 -44.97
C HIS E 79 23.12 -46.79 -43.94
N ASN E 80 24.30 -47.21 -44.35
CA ASN E 80 25.38 -47.46 -43.36
C ASN E 80 26.32 -46.31 -43.01
N ILE E 81 26.00 -45.06 -43.38
CA ILE E 81 26.99 -43.97 -43.13
C ILE E 81 27.05 -43.56 -41.66
N LYS E 82 28.27 -43.43 -41.17
CA LYS E 82 28.45 -43.11 -39.76
C LYS E 82 28.45 -41.61 -39.53
N ASP E 83 28.80 -40.87 -40.57
CA ASP E 83 29.13 -39.45 -40.43
C ASP E 83 28.56 -38.68 -41.61
N LEU E 84 27.71 -37.71 -41.34
CA LEU E 84 27.30 -36.85 -42.40
C LEU E 84 27.74 -35.46 -42.04
N THR E 85 28.54 -34.84 -42.91
CA THR E 85 28.88 -33.43 -42.76
C THR E 85 28.33 -32.62 -43.96
N ILE E 86 27.49 -31.62 -43.66
CA ILE E 86 26.88 -30.76 -44.73
C ILE E 86 27.06 -29.30 -44.46
N ASN E 87 27.68 -28.59 -45.38
CA ASN E 87 28.06 -27.21 -45.05
C ASN E 87 27.79 -26.31 -46.21
N ASN E 88 26.81 -25.42 -46.03
CA ASN E 88 26.51 -24.35 -46.98
C ASN E 88 26.13 -24.94 -48.33
N ILE E 89 25.13 -25.83 -48.38
CA ILE E 89 24.76 -26.42 -49.66
C ILE E 89 23.50 -25.83 -50.31
N HIS E 90 22.82 -24.96 -49.57
CA HIS E 90 21.53 -24.40 -50.02
C HIS E 90 20.57 -25.44 -50.53
N ALA E 91 20.39 -26.57 -49.82
CA ALA E 91 19.22 -27.42 -50.13
C ALA E 91 17.96 -26.75 -49.60
N THR E 92 16.81 -27.10 -50.18
CA THR E 92 15.50 -26.54 -49.82
C THR E 92 15.12 -26.97 -48.41
N ASN E 93 15.41 -28.23 -48.11
CA ASN E 93 15.27 -28.81 -46.76
C ASN E 93 16.21 -30.01 -46.61
N TYR E 94 16.33 -30.54 -45.40
CA TYR E 94 17.19 -31.70 -45.16
C TYR E 94 16.38 -32.92 -44.71
N ASN E 95 15.11 -32.91 -45.12
CA ASN E 95 14.12 -33.92 -44.73
C ASN E 95 14.56 -35.38 -44.92
N GLN E 96 15.34 -35.73 -45.96
CA GLN E 96 15.67 -37.16 -46.22
C GLN E 96 16.83 -37.73 -45.40
N ILE E 97 17.26 -36.99 -44.38
CA ILE E 97 18.35 -37.43 -43.53
C ILE E 97 17.83 -37.99 -42.21
N SER E 98 16.51 -37.94 -42.02
CA SER E 98 15.88 -38.44 -40.81
C SER E 98 15.71 -39.96 -40.88
N GLY E 99 16.22 -40.57 -41.94
CA GLY E 99 16.12 -42.01 -42.11
C GLY E 99 17.47 -42.69 -42.01
N LEU E 100 18.50 -41.92 -41.66
CA LEU E 100 19.86 -42.46 -41.52
C LEU E 100 20.24 -42.83 -40.07
N SER E 101 19.51 -43.82 -39.58
CA SER E 101 19.44 -44.23 -38.17
C SER E 101 20.77 -44.77 -37.70
N ASN E 102 21.66 -45.08 -38.63
CA ASN E 102 23.00 -45.49 -38.24
C ASN E 102 23.97 -44.33 -38.14
N LEU E 103 23.47 -43.10 -38.15
CA LEU E 103 24.36 -41.96 -37.97
C LEU E 103 24.96 -41.79 -36.54
N GLU E 104 26.24 -41.47 -36.46
CA GLU E 104 26.81 -41.22 -35.15
C GLU E 104 27.09 -39.75 -34.97
N ARG E 105 27.74 -39.17 -35.97
CA ARG E 105 28.09 -37.74 -36.02
C ARG E 105 27.37 -37.03 -37.19
N LEU E 106 26.67 -35.94 -36.90
CA LEU E 106 25.97 -35.14 -37.93
C LEU E 106 26.32 -33.65 -37.80
N ARG E 107 26.86 -33.05 -38.88
CA ARG E 107 27.04 -31.60 -38.96
C ARG E 107 26.14 -31.04 -40.06
N ILE E 108 25.40 -29.97 -39.76
CA ILE E 108 24.64 -29.24 -40.77
C ILE E 108 24.76 -27.78 -40.49
N MET E 109 25.41 -27.07 -41.42
CA MET E 109 25.64 -25.62 -41.32
C MET E 109 25.24 -24.95 -42.60
N GLY E 110 24.77 -23.73 -42.47
CA GLY E 110 24.51 -22.90 -43.62
C GLY E 110 23.81 -21.66 -43.15
N ALA E 111 24.20 -20.52 -43.69
CA ALA E 111 23.71 -19.26 -43.20
C ALA E 111 22.26 -19.10 -43.59
N ASP E 112 21.83 -20.01 -44.46
CA ASP E 112 20.49 -20.09 -44.99
C ASP E 112 19.66 -21.25 -44.42
N VAL E 113 20.20 -22.04 -43.49
CA VAL E 113 19.44 -23.18 -42.99
C VAL E 113 18.61 -22.67 -41.80
N THR E 114 17.30 -22.63 -42.04
CA THR E 114 16.30 -22.18 -41.08
C THR E 114 15.62 -23.42 -40.52
N SER E 115 14.85 -23.23 -39.46
CA SER E 115 14.53 -24.33 -38.61
C SER E 115 13.49 -25.28 -39.19
N ASP E 116 12.73 -24.80 -40.16
CA ASP E 116 11.74 -25.60 -40.90
C ASP E 116 12.46 -26.47 -41.92
N LYS E 117 13.72 -26.12 -42.23
CA LYS E 117 14.47 -26.88 -43.22
C LYS E 117 14.90 -28.22 -42.65
N ILE E 118 15.02 -28.27 -41.32
CA ILE E 118 15.41 -29.48 -40.60
C ILE E 118 14.16 -30.20 -40.09
N PRO E 119 14.00 -31.50 -40.39
CA PRO E 119 12.90 -32.31 -39.85
C PRO E 119 13.20 -32.79 -38.49
N ASN E 120 12.26 -33.57 -37.95
CA ASN E 120 12.40 -34.10 -36.63
C ASN E 120 13.42 -35.23 -36.63
N LEU E 121 14.41 -35.15 -35.74
CA LEU E 121 15.52 -36.10 -35.80
C LEU E 121 15.32 -37.31 -34.91
N SER E 122 14.17 -37.40 -34.23
CA SER E 122 13.88 -38.55 -33.33
C SER E 122 14.15 -39.94 -33.89
N GLY E 123 14.31 -40.07 -35.21
CA GLY E 123 14.68 -41.34 -35.79
C GLY E 123 16.17 -41.67 -35.80
N LEU E 124 16.99 -40.76 -35.31
CA LEU E 124 18.39 -40.94 -35.39
C LEU E 124 18.81 -41.37 -34.00
N THR E 125 18.63 -42.66 -33.73
CA THR E 125 18.67 -43.13 -32.36
C THR E 125 20.08 -43.58 -31.94
N ASN E 126 21.03 -43.51 -32.86
CA ASN E 126 22.41 -43.82 -32.52
C ASN E 126 23.28 -42.61 -32.52
N LEU E 127 22.69 -41.44 -32.57
CA LEU E 127 23.43 -40.21 -32.86
C LEU E 127 24.15 -39.81 -31.59
N THR E 128 25.44 -39.64 -31.63
CA THR E 128 26.13 -39.24 -30.38
C THR E 128 26.57 -37.80 -30.42
N LEU E 129 26.87 -37.26 -31.60
CA LEU E 129 27.25 -35.82 -31.76
C LEU E 129 26.48 -35.04 -32.87
N LEU E 130 26.05 -33.80 -32.57
CA LEU E 130 25.06 -33.06 -33.37
C LEU E 130 25.53 -31.64 -33.48
N ASP E 131 25.68 -31.17 -34.71
CA ASP E 131 26.26 -29.84 -34.98
C ASP E 131 25.36 -29.04 -35.97
N LEU E 132 24.49 -28.17 -35.46
CA LEU E 132 23.85 -27.17 -36.30
C LEU E 132 24.43 -25.72 -36.08
N SER E 133 25.72 -25.60 -35.76
CA SER E 133 26.34 -24.26 -35.63
C SER E 133 26.30 -23.43 -36.94
N HIS E 134 26.46 -22.11 -36.87
CA HIS E 134 26.66 -21.25 -38.05
C HIS E 134 25.51 -21.32 -39.00
N SER E 135 24.32 -21.34 -38.41
CA SER E 135 23.09 -21.37 -39.19
C SER E 135 22.14 -20.28 -38.75
N ALA E 136 20.89 -20.37 -39.21
CA ALA E 136 19.91 -19.37 -38.84
C ALA E 136 18.73 -19.96 -38.00
N HIS E 137 19.04 -20.87 -37.09
CA HIS E 137 17.97 -21.49 -36.27
C HIS E 137 17.28 -20.59 -35.28
N ASP E 138 16.02 -20.93 -35.00
CA ASP E 138 15.27 -20.34 -33.86
C ASP E 138 14.92 -21.40 -32.77
N ASP E 139 14.32 -20.97 -31.66
CA ASP E 139 13.85 -21.89 -30.59
C ASP E 139 13.07 -23.21 -30.94
N SER E 140 12.23 -23.22 -31.99
CA SER E 140 11.50 -24.40 -32.40
C SER E 140 12.43 -25.52 -32.89
N ILE E 141 13.69 -25.19 -33.10
CA ILE E 141 14.63 -26.24 -33.46
C ILE E 141 14.76 -27.19 -32.28
N LEU E 142 14.54 -26.63 -31.08
CA LEU E 142 14.83 -27.39 -29.84
C LEU E 142 13.90 -28.56 -29.68
N THR E 143 12.66 -28.40 -30.10
CA THR E 143 11.73 -29.55 -30.02
C THR E 143 12.02 -30.63 -31.03
N LYS E 144 12.85 -30.29 -32.02
CA LYS E 144 13.18 -31.22 -33.07
C LYS E 144 14.37 -32.08 -32.73
N ILE E 145 15.14 -31.67 -31.72
CA ILE E 145 16.40 -32.33 -31.39
C ILE E 145 16.40 -32.87 -29.98
N ASN E 146 15.44 -32.41 -29.15
CA ASN E 146 15.40 -32.76 -27.71
C ASN E 146 14.97 -34.17 -27.36
N THR E 147 14.82 -35.01 -28.37
CA THR E 147 14.35 -36.39 -28.15
C THR E 147 15.52 -37.36 -28.20
N LEU E 148 16.64 -36.89 -28.74
CA LEU E 148 17.68 -37.82 -29.14
C LEU E 148 18.27 -38.44 -27.88
N PRO E 149 18.06 -39.77 -27.73
CA PRO E 149 18.43 -40.57 -26.56
C PRO E 149 19.94 -40.69 -26.38
N LYS E 150 20.72 -40.71 -27.45
CA LYS E 150 22.13 -40.97 -27.27
C LYS E 150 23.05 -39.75 -27.37
N VAL E 151 22.51 -38.57 -27.61
CA VAL E 151 23.38 -37.45 -28.00
C VAL E 151 24.09 -36.87 -26.81
N THR E 152 25.42 -36.89 -26.83
CA THR E 152 26.19 -36.37 -25.66
C THR E 152 26.79 -34.96 -25.86
N SER E 153 26.82 -34.45 -27.09
CA SER E 153 27.15 -33.02 -27.35
C SER E 153 26.33 -32.36 -28.43
N ILE E 154 26.00 -31.08 -28.26
CA ILE E 154 25.35 -30.32 -29.28
C ILE E 154 26.17 -29.06 -29.45
N ASP E 155 26.41 -28.65 -30.70
CA ASP E 155 26.87 -27.30 -31.00
C ASP E 155 25.78 -26.45 -31.72
N LEU E 156 25.11 -25.57 -30.99
CA LEU E 156 24.21 -24.59 -31.62
C LEU E 156 24.82 -23.17 -31.71
N SER E 157 26.13 -23.06 -31.68
CA SER E 157 26.79 -21.76 -31.62
C SER E 157 26.67 -20.98 -32.94
N TYR E 158 26.67 -19.65 -32.87
CA TYR E 158 26.57 -18.78 -34.07
C TYR E 158 25.18 -18.93 -34.69
N ASN E 159 24.19 -19.15 -33.82
CA ASN E 159 22.77 -19.06 -34.20
C ASN E 159 22.23 -18.08 -33.25
N GLY E 160 22.03 -16.87 -33.76
CA GLY E 160 21.87 -15.71 -32.90
C GLY E 160 20.52 -15.73 -32.24
N ALA E 161 19.62 -16.57 -32.78
CA ALA E 161 18.20 -16.41 -32.50
C ALA E 161 17.68 -17.53 -31.60
N ILE E 162 18.60 -18.31 -31.08
CA ILE E 162 18.33 -19.21 -29.99
C ILE E 162 18.50 -18.44 -28.65
N THR E 163 17.40 -18.38 -27.86
CA THR E 163 17.26 -17.47 -26.69
C THR E 163 17.00 -18.18 -25.42
N ASP E 164 16.58 -19.43 -25.55
CA ASP E 164 16.17 -20.26 -24.43
C ASP E 164 16.46 -21.70 -24.74
N ILE E 165 17.34 -22.30 -23.94
CA ILE E 165 17.85 -23.65 -24.16
C ILE E 165 17.23 -24.65 -23.17
N MET E 166 16.27 -24.18 -22.38
CA MET E 166 15.76 -24.98 -21.28
C MET E 166 15.01 -26.20 -21.80
N PRO E 167 14.33 -26.09 -22.98
CA PRO E 167 13.71 -27.33 -23.48
C PRO E 167 14.70 -28.50 -23.77
N LEU E 168 15.98 -28.39 -23.46
CA LEU E 168 16.85 -29.53 -23.74
C LEU E 168 17.13 -30.26 -22.47
N LYS E 169 16.53 -29.80 -21.37
CA LYS E 169 16.69 -30.52 -20.10
C LYS E 169 16.26 -31.96 -20.17
N THR E 170 15.40 -32.30 -21.12
CA THR E 170 14.78 -33.63 -21.21
C THR E 170 15.79 -34.62 -21.81
N MET E 171 16.87 -34.11 -22.38
CA MET E 171 17.81 -34.99 -23.09
C MET E 171 18.51 -35.86 -22.06
N PRO E 172 18.57 -37.19 -22.30
CA PRO E 172 19.03 -38.02 -21.19
C PRO E 172 20.53 -38.06 -21.05
N GLU E 173 21.27 -38.06 -22.17
CA GLU E 173 22.70 -38.13 -22.09
C GLU E 173 23.49 -36.86 -22.47
N LEU E 174 22.86 -35.70 -22.61
CA LEU E 174 23.55 -34.47 -23.08
C LEU E 174 24.56 -34.00 -22.07
N LYS E 175 25.84 -34.07 -22.43
CA LYS E 175 26.95 -33.56 -21.56
C LYS E 175 27.42 -32.15 -21.87
N SER E 176 27.68 -31.89 -23.14
CA SER E 176 28.22 -30.61 -23.59
C SER E 176 27.24 -29.81 -24.47
N LEU E 177 26.92 -28.59 -24.08
CA LEU E 177 26.11 -27.72 -24.90
C LEU E 177 26.92 -26.48 -25.26
N ASN E 178 27.09 -26.22 -26.54
CA ASN E 178 27.82 -25.02 -26.97
C ASN E 178 26.87 -24.07 -27.69
N ILE E 179 26.71 -22.91 -27.09
CA ILE E 179 25.77 -21.92 -27.60
C ILE E 179 26.43 -20.56 -27.70
N GLN E 180 27.75 -20.55 -27.90
CA GLN E 180 28.53 -19.30 -28.02
C GLN E 180 27.97 -18.43 -29.14
N PHE E 181 27.94 -17.11 -28.92
CA PHE E 181 27.37 -16.13 -29.84
C PHE E 181 25.85 -16.29 -30.16
N ASP E 182 25.10 -17.04 -29.36
CA ASP E 182 23.62 -17.02 -29.49
C ASP E 182 22.97 -15.91 -28.68
N GLY E 183 21.67 -16.08 -28.42
CA GLY E 183 20.86 -15.04 -27.77
C GLY E 183 20.26 -15.39 -26.42
N VAL E 184 21.05 -15.99 -25.53
CA VAL E 184 20.50 -16.58 -24.31
C VAL E 184 20.69 -15.63 -23.11
N HIS E 185 19.65 -15.48 -22.29
CA HIS E 185 19.71 -14.60 -21.11
C HIS E 185 19.41 -15.24 -19.77
N ASP E 186 18.58 -16.31 -19.72
CA ASP E 186 18.14 -16.93 -18.43
C ASP E 186 18.76 -18.31 -18.22
N TYR E 187 19.37 -18.56 -17.07
CA TYR E 187 20.09 -19.84 -16.82
C TYR E 187 19.45 -20.67 -15.68
N ARG E 188 18.38 -20.12 -15.10
CA ARG E 188 17.60 -20.80 -14.07
C ARG E 188 16.86 -21.99 -14.71
N GLY E 189 17.20 -23.18 -14.24
CA GLY E 189 16.64 -24.43 -14.74
C GLY E 189 17.80 -25.33 -15.08
N ILE E 190 18.96 -24.70 -15.32
CA ILE E 190 20.15 -25.37 -15.79
C ILE E 190 20.51 -26.59 -14.94
N GLU E 191 20.07 -26.58 -13.69
CA GLU E 191 20.41 -27.70 -12.83
C GLU E 191 19.49 -28.88 -13.04
N ASP E 192 18.47 -28.68 -13.87
CA ASP E 192 17.51 -29.75 -14.24
C ASP E 192 18.11 -30.70 -15.26
N PHE E 193 18.98 -30.18 -16.12
CA PHE E 193 19.78 -31.03 -17.04
C PHE E 193 20.42 -32.15 -16.23
N PRO E 194 20.07 -33.40 -16.53
CA PRO E 194 20.64 -34.49 -15.74
C PRO E 194 22.14 -34.67 -15.94
N LYS E 195 22.66 -34.38 -17.13
CA LYS E 195 24.02 -34.80 -17.43
C LYS E 195 24.94 -33.71 -17.94
N LEU E 196 24.42 -32.49 -18.02
CA LEU E 196 25.20 -31.40 -18.58
C LEU E 196 26.41 -31.11 -17.71
N ASN E 197 27.62 -31.26 -18.24
CA ASN E 197 28.83 -30.96 -17.45
C ASN E 197 29.71 -29.85 -18.03
N THR E 198 29.32 -29.38 -19.21
CA THR E 198 30.03 -28.34 -19.95
C THR E 198 28.99 -27.46 -20.62
N LEU E 199 29.02 -26.16 -20.34
CA LEU E 199 28.22 -25.14 -21.03
C LEU E 199 29.14 -24.00 -21.55
N LEU E 200 29.18 -23.85 -22.87
CA LEU E 200 29.98 -22.80 -23.51
C LEU E 200 29.02 -21.72 -23.98
N ALA E 201 29.00 -20.58 -23.25
CA ALA E 201 27.98 -19.54 -23.43
C ALA E 201 28.56 -18.14 -23.62
N TYR E 202 29.89 -18.05 -23.79
CA TYR E 202 30.57 -16.78 -24.13
C TYR E 202 29.80 -15.91 -25.10
N SER E 203 29.74 -14.63 -24.78
CA SER E 203 29.39 -13.58 -25.73
C SER E 203 28.01 -13.70 -26.38
N GLN E 204 26.98 -13.89 -25.57
CA GLN E 204 25.61 -13.86 -26.04
C GLN E 204 25.17 -12.43 -26.36
N THR E 205 24.42 -12.24 -27.43
CA THR E 205 23.79 -10.95 -27.72
C THR E 205 22.27 -11.15 -27.59
N ILE E 206 21.76 -10.91 -26.38
CA ILE E 206 20.34 -10.91 -26.03
C ILE E 206 19.61 -9.85 -26.84
N GLY E 207 18.70 -10.29 -27.71
CA GLY E 207 17.95 -9.36 -28.57
C GLY E 207 18.73 -8.95 -29.81
N GLY E 208 19.72 -9.75 -30.18
CA GLY E 208 20.53 -9.49 -31.38
C GLY E 208 19.92 -9.90 -32.70
N LYS E 209 19.28 -11.06 -32.74
CA LYS E 209 18.52 -11.50 -33.93
C LYS E 209 17.02 -11.47 -33.65
N LYS E 210 16.60 -12.11 -32.55
CA LYS E 210 15.21 -12.06 -32.08
C LYS E 210 15.00 -10.78 -31.27
N LEU E 211 14.32 -9.81 -31.88
CA LEU E 211 14.33 -8.42 -31.42
C LEU E 211 13.39 -8.18 -30.27
N ILE E 212 13.87 -7.37 -29.33
CA ILE E 212 13.10 -7.10 -28.14
C ILE E 212 12.65 -5.66 -28.16
N ASN E 213 11.35 -5.52 -27.98
CA ASN E 213 10.71 -4.23 -28.07
C ASN E 213 9.68 -4.12 -26.98
N SER E 214 9.65 -2.96 -26.32
CA SER E 214 8.63 -2.70 -25.29
C SER E 214 7.83 -1.45 -25.60
N ASP E 215 6.51 -1.57 -25.41
CA ASP E 215 5.56 -0.47 -25.53
C ASP E 215 5.26 0.04 -24.13
N ILE E 216 5.77 1.22 -23.81
CA ILE E 216 5.63 1.79 -22.47
C ILE E 216 5.04 3.21 -22.51
N LYS E 217 4.35 3.56 -21.44
CA LYS E 217 3.76 4.89 -21.28
C LYS E 217 4.84 5.84 -20.78
N SER E 218 4.57 7.15 -20.86
CA SER E 218 5.52 8.17 -20.44
C SER E 218 5.81 8.11 -18.94
N SER E 219 4.79 7.71 -18.17
CA SER E 219 4.85 7.54 -16.72
C SER E 219 5.91 6.56 -16.22
N LYS E 220 6.35 5.65 -17.07
CA LYS E 220 7.35 4.66 -16.68
C LYS E 220 8.74 5.29 -16.61
N LEU E 221 8.91 6.42 -17.32
CA LEU E 221 10.16 7.16 -17.33
C LEU E 221 10.14 8.25 -16.26
N THR E 222 11.32 8.81 -15.92
CA THR E 222 11.43 9.87 -14.90
C THR E 222 12.06 11.15 -15.43
N TYR E 223 11.24 12.19 -15.56
CA TYR E 223 11.72 13.50 -16.03
C TYR E 223 11.82 14.56 -14.91
N ASN E 224 12.99 15.21 -14.86
CA ASN E 224 13.22 16.34 -13.97
C ASN E 224 13.26 17.66 -14.75
N ALA E 225 12.28 18.52 -14.47
CA ALA E 225 12.16 19.82 -15.14
C ALA E 225 13.37 20.73 -14.86
N GLU E 226 13.73 20.86 -13.58
CA GLU E 226 14.77 21.80 -13.14
C GLU E 226 16.19 21.50 -13.67
N ASN E 227 16.71 20.30 -13.41
CA ASN E 227 18.07 19.95 -13.85
C ASN E 227 18.13 19.51 -15.29
N GLN E 228 16.95 19.38 -15.89
CA GLN E 228 16.79 18.97 -17.28
C GLN E 228 17.37 17.57 -17.55
N THR E 229 16.91 16.61 -16.73
CA THR E 229 17.45 15.26 -16.73
C THR E 229 16.36 14.22 -16.98
N LEU E 230 16.71 13.20 -17.77
CA LEU E 230 15.82 12.07 -18.07
C LEU E 230 16.37 10.78 -17.48
N TYR E 231 15.55 10.12 -16.67
CA TYR E 231 16.00 8.90 -16.00
C TYR E 231 15.30 7.65 -16.51
N VAL E 232 16.11 6.68 -16.92
CA VAL E 232 15.63 5.41 -17.46
C VAL E 232 16.01 4.22 -16.58
N PRO E 233 15.03 3.67 -15.83
CA PRO E 233 15.31 2.61 -14.87
C PRO E 233 15.60 1.27 -15.52
N PHE E 234 16.61 0.58 -15.01
CA PHE E 234 16.97 -0.75 -15.50
C PHE E 234 15.97 -1.87 -15.22
N SER E 235 14.98 -1.56 -14.38
CA SER E 235 13.80 -2.38 -14.20
C SER E 235 13.00 -2.56 -15.53
N LEU E 236 13.24 -1.69 -16.51
CA LEU E 236 12.67 -1.83 -17.87
C LEU E 236 13.37 -2.89 -18.78
N MET E 237 14.64 -3.17 -18.49
CA MET E 237 15.42 -4.16 -19.23
C MET E 237 15.06 -5.61 -18.86
N THR E 238 13.85 -6.04 -19.20
CA THR E 238 13.30 -7.31 -18.70
C THR E 238 14.03 -8.59 -19.07
N GLU E 239 14.88 -8.55 -20.09
CA GLU E 239 15.48 -9.79 -20.60
C GLU E 239 16.93 -9.97 -20.20
N ARG E 240 17.39 -9.19 -19.25
CA ARG E 240 18.81 -9.17 -18.89
C ARG E 240 19.29 -10.52 -18.40
N THR E 241 20.61 -10.70 -18.42
CA THR E 241 21.24 -11.95 -17.96
C THR E 241 20.90 -12.18 -16.49
N VAL E 242 20.31 -13.36 -16.22
CA VAL E 242 20.10 -13.91 -14.87
C VAL E 242 20.83 -15.25 -14.78
N ASN E 243 21.80 -15.36 -13.87
CA ASN E 243 22.50 -16.65 -13.62
C ASN E 243 21.61 -17.60 -12.83
N TYR E 244 22.00 -18.87 -12.80
CA TYR E 244 21.16 -19.92 -12.26
C TYR E 244 20.69 -19.64 -10.84
N ASP E 245 21.49 -18.87 -10.11
CA ASP E 245 21.30 -18.61 -8.68
C ASP E 245 20.60 -17.28 -8.41
N GLY E 246 20.01 -16.70 -9.46
CA GLY E 246 19.33 -15.41 -9.35
C GLY E 246 20.23 -14.18 -9.45
N TYR E 247 21.54 -14.41 -9.54
CA TYR E 247 22.52 -13.31 -9.65
C TYR E 247 22.31 -12.53 -10.93
N VAL E 248 22.19 -11.22 -10.78
CA VAL E 248 21.88 -10.34 -11.89
C VAL E 248 23.01 -9.34 -12.08
N PRO E 249 24.01 -9.69 -12.93
CA PRO E 249 25.14 -8.81 -13.20
C PRO E 249 24.73 -7.44 -13.72
N ASP E 250 25.56 -6.45 -13.36
CA ASP E 250 25.32 -5.05 -13.69
C ASP E 250 25.74 -4.77 -15.13
N PHE E 251 25.11 -3.78 -15.76
CA PHE E 251 25.57 -3.24 -17.07
C PHE E 251 26.86 -2.44 -16.86
N VAL E 252 27.79 -2.48 -17.82
CA VAL E 252 29.04 -1.69 -17.72
C VAL E 252 28.79 -0.23 -17.31
N LYS E 253 29.77 0.34 -16.58
CA LYS E 253 29.71 1.72 -16.07
C LYS E 253 30.01 2.73 -17.19
N SER E 254 30.88 2.29 -18.11
CA SER E 254 31.40 3.06 -19.24
C SER E 254 30.36 3.76 -20.15
N THR E 255 30.66 4.97 -20.63
CA THR E 255 29.81 5.69 -21.62
C THR E 255 30.45 5.76 -23.02
N ALA E 256 31.53 5.01 -23.22
CA ALA E 256 32.24 4.95 -24.50
C ALA E 256 31.42 4.16 -25.52
N SER E 257 31.61 4.45 -26.81
CA SER E 257 30.78 3.88 -27.89
C SER E 257 31.02 2.38 -28.22
N SER E 258 32.12 1.82 -27.73
CA SER E 258 32.35 0.37 -27.79
C SER E 258 31.74 -0.31 -26.56
N ASP E 259 31.13 0.48 -25.68
CA ASP E 259 30.58 -0.05 -24.44
C ASP E 259 29.09 0.22 -24.32
N THR E 260 28.68 1.43 -24.64
CA THR E 260 27.30 1.84 -24.46
C THR E 260 26.84 2.52 -25.75
N TYR E 261 25.61 2.24 -26.15
CA TYR E 261 25.01 2.85 -27.31
C TYR E 261 23.55 3.19 -27.03
N PHE E 262 23.31 4.41 -26.62
CA PHE E 262 21.97 4.82 -26.29
C PHE E 262 21.36 5.72 -27.36
N THR E 263 20.05 5.60 -27.54
CA THR E 263 19.35 6.23 -28.65
C THR E 263 18.04 6.83 -28.22
N MET E 264 17.76 8.03 -28.72
CA MET E 264 16.46 8.69 -28.59
C MET E 264 15.97 9.08 -29.97
N ASN E 265 14.78 8.57 -30.32
CA ASN E 265 14.18 8.75 -31.64
C ASN E 265 15.23 8.53 -32.73
N GLU E 266 15.84 7.36 -32.64
CA GLU E 266 16.87 6.86 -33.57
C GLU E 266 18.15 7.73 -33.66
N GLN E 267 18.37 8.60 -32.68
CA GLN E 267 19.59 9.41 -32.63
C GLN E 267 20.50 8.93 -31.50
N GLN E 268 21.74 8.56 -31.84
CA GLN E 268 22.71 8.16 -30.81
C GLN E 268 23.06 9.36 -29.88
N VAL E 269 22.76 9.22 -28.60
CA VAL E 269 23.09 10.26 -27.62
C VAL E 269 24.58 10.24 -27.31
N ASN E 270 25.17 11.42 -27.19
CA ASN E 270 26.56 11.54 -26.80
C ASN E 270 26.90 10.89 -25.45
N GLY E 271 28.06 10.22 -25.38
CA GLY E 271 28.57 9.59 -24.16
C GLY E 271 28.64 10.49 -22.93
N ASN E 272 28.97 11.77 -23.16
CA ASN E 272 29.14 12.77 -22.09
C ASN E 272 27.84 13.17 -21.39
N ARG E 273 26.71 12.85 -22.03
CA ARG E 273 25.39 13.22 -21.55
C ARG E 273 24.81 12.15 -20.64
N LEU E 274 25.58 11.09 -20.46
CA LEU E 274 25.08 9.87 -19.83
C LEU E 274 25.69 9.55 -18.46
N THR E 275 24.82 9.21 -17.53
CA THR E 275 25.25 8.73 -16.22
C THR E 275 24.58 7.38 -15.95
N ILE E 276 25.41 6.36 -15.77
CA ILE E 276 24.90 5.02 -15.56
C ILE E 276 25.15 4.55 -14.13
N THR E 277 24.08 4.18 -13.43
CA THR E 277 24.17 3.60 -12.07
C THR E 277 23.95 2.07 -12.15
N SER E 278 23.53 1.46 -11.05
CA SER E 278 23.06 0.07 -11.07
C SER E 278 21.56 0.02 -11.30
N ASP E 279 20.88 1.12 -10.94
CA ASP E 279 19.42 1.19 -10.96
C ASP E 279 18.90 1.80 -12.23
N GLY E 280 19.82 2.23 -13.09
CA GLY E 280 19.44 2.84 -14.34
C GLY E 280 20.34 3.92 -14.87
N LEU E 281 19.86 4.56 -15.93
CA LEU E 281 20.62 5.52 -16.72
C LEU E 281 19.96 6.90 -16.72
N THR E 282 20.82 7.92 -16.62
CA THR E 282 20.40 9.33 -16.55
C THR E 282 21.02 10.18 -17.68
N VAL E 283 20.18 11.00 -18.31
CA VAL E 283 20.62 11.85 -19.42
C VAL E 283 20.40 13.32 -19.07
N SER E 284 21.46 14.11 -19.26
CA SER E 284 21.47 15.55 -19.03
C SER E 284 21.02 16.31 -20.29
N ASP E 285 20.79 17.61 -20.13
CA ASP E 285 20.47 18.51 -21.24
C ASP E 285 19.21 18.05 -21.97
N VAL E 286 18.20 17.68 -21.19
CA VAL E 286 16.94 17.30 -21.76
C VAL E 286 15.86 18.29 -21.36
N SER E 287 15.44 19.11 -22.32
CA SER E 287 14.34 20.06 -22.13
C SER E 287 12.96 19.35 -22.16
N LYS E 288 11.97 19.99 -21.55
CA LYS E 288 10.59 19.49 -21.52
C LYS E 288 10.06 19.25 -22.93
N THR E 289 10.56 20.03 -23.89
CA THR E 289 10.21 19.86 -25.30
C THR E 289 10.82 18.56 -25.82
N ASP E 290 12.06 18.27 -25.41
CA ASP E 290 12.75 17.06 -25.85
C ASP E 290 12.04 15.83 -25.30
N PHE E 291 11.62 15.92 -24.03
CA PHE E 291 10.86 14.87 -23.33
C PHE E 291 9.42 14.65 -23.85
N ASP E 292 8.75 15.70 -24.30
CA ASP E 292 7.46 15.57 -25.00
C ASP E 292 7.69 14.89 -26.34
N ASN E 293 8.77 15.31 -27.00
CA ASN E 293 9.18 14.79 -28.31
C ASN E 293 10.03 13.53 -28.23
N LEU E 294 9.42 12.46 -27.68
CA LEU E 294 10.11 11.19 -27.46
C LEU E 294 9.21 9.98 -27.75
N GLU E 295 9.52 9.25 -28.81
CA GLU E 295 8.71 8.10 -29.26
C GLU E 295 9.50 6.80 -29.28
N LYS E 296 10.80 6.90 -29.52
CA LYS E 296 11.64 5.71 -29.71
C LYS E 296 12.94 5.78 -28.91
N MET E 297 13.38 4.62 -28.42
CA MET E 297 14.64 4.46 -27.67
C MET E 297 15.36 3.17 -28.11
N GLU E 298 16.63 3.02 -27.71
CA GLU E 298 17.37 1.75 -27.79
C GLU E 298 18.56 1.75 -26.85
N TYR E 299 18.58 0.80 -25.93
CA TYR E 299 19.73 0.61 -25.05
C TYR E 299 20.50 -0.63 -25.50
N ASN E 300 21.68 -0.37 -26.03
CA ASN E 300 22.60 -1.39 -26.45
C ASN E 300 23.83 -1.27 -25.56
N ALA E 301 24.03 -2.23 -24.68
CA ALA E 301 25.17 -2.20 -23.77
C ALA E 301 25.72 -3.57 -23.37
N ARG E 302 27.00 -3.61 -23.07
CA ARG E 302 27.63 -4.79 -22.51
C ARG E 302 27.22 -5.01 -21.05
N ILE E 303 27.21 -6.27 -20.64
CA ILE E 303 26.82 -6.66 -19.29
C ILE E 303 28.09 -7.03 -18.50
N ASP E 304 28.27 -6.39 -17.35
CA ASP E 304 29.51 -6.58 -16.59
C ASP E 304 29.52 -7.95 -15.91
N LEU E 305 29.69 -9.00 -16.70
CA LEU E 305 29.70 -10.35 -16.18
C LEU E 305 31.04 -10.96 -16.51
N SER E 306 31.96 -10.81 -15.57
CA SER E 306 33.35 -11.10 -15.86
C SER E 306 33.59 -12.52 -15.41
N TYR E 307 34.64 -13.16 -15.92
CA TYR E 307 34.84 -14.59 -15.61
C TYR E 307 34.86 -14.92 -14.12
N GLN E 308 35.37 -14.02 -13.31
CA GLN E 308 35.57 -14.32 -11.91
C GLN E 308 34.36 -13.98 -11.05
N SER E 309 33.30 -13.53 -11.71
CA SER E 309 32.26 -12.75 -11.03
C SER E 309 30.98 -13.51 -10.71
N TYR E 310 30.94 -14.81 -11.00
CA TYR E 310 29.70 -15.63 -10.83
C TYR E 310 29.95 -17.05 -10.37
N ASN E 311 29.04 -17.58 -9.55
CA ASN E 311 29.13 -18.98 -9.15
C ASN E 311 28.76 -19.92 -10.28
N THR E 312 29.50 -21.02 -10.40
CA THR E 312 29.17 -22.08 -11.31
C THR E 312 28.51 -23.22 -10.51
N PRO E 313 27.43 -23.84 -11.08
CA PRO E 313 26.76 -24.91 -10.33
C PRO E 313 27.65 -26.15 -10.19
N GLU E 314 27.20 -27.09 -9.37
CA GLU E 314 28.05 -28.16 -8.86
C GLU E 314 28.38 -29.25 -9.87
N GLN E 315 27.43 -29.58 -10.74
CA GLN E 315 27.64 -30.57 -11.81
C GLN E 315 28.74 -30.16 -12.82
N PHE E 316 29.00 -28.86 -12.96
CA PHE E 316 30.08 -28.37 -13.85
C PHE E 316 31.45 -28.35 -13.16
N GLN E 317 31.45 -28.61 -11.86
CA GLN E 317 32.59 -28.34 -11.01
C GLN E 317 33.63 -29.44 -10.91
N ASN E 318 33.60 -30.43 -11.77
CA ASN E 318 34.63 -31.44 -11.53
C ASN E 318 35.61 -31.78 -12.66
N GLY E 319 36.01 -30.78 -13.44
CA GLY E 319 36.59 -31.04 -14.76
C GLY E 319 35.70 -30.57 -15.92
N GLY E 320 34.46 -30.21 -15.59
CA GLY E 320 33.57 -29.49 -16.50
C GLY E 320 33.76 -27.97 -16.53
N SER E 321 32.92 -27.32 -17.33
CA SER E 321 33.11 -25.93 -17.74
C SER E 321 31.78 -25.20 -17.79
N TYR E 322 31.78 -23.96 -17.29
CA TYR E 322 30.60 -23.15 -17.24
C TYR E 322 31.02 -21.69 -17.48
N THR E 323 30.94 -21.28 -18.75
CA THR E 323 31.22 -19.91 -19.16
C THR E 323 29.97 -19.26 -19.73
N ILE E 324 29.63 -18.13 -19.12
CA ILE E 324 28.46 -17.37 -19.49
C ILE E 324 28.89 -15.87 -19.56
N SER E 325 30.19 -15.63 -19.51
CA SER E 325 30.78 -14.28 -19.39
C SER E 325 30.39 -13.31 -20.53
N MET E 326 30.41 -12.01 -20.21
CA MET E 326 30.33 -10.84 -21.14
C MET E 326 29.24 -10.88 -22.21
N PRO E 327 28.01 -11.12 -21.78
CA PRO E 327 26.90 -10.93 -22.70
C PRO E 327 26.70 -9.46 -23.05
N ILE E 328 25.89 -9.21 -24.08
CA ILE E 328 25.57 -7.86 -24.56
C ILE E 328 24.07 -7.76 -24.66
N TYR E 329 23.52 -6.63 -24.25
CA TYR E 329 22.08 -6.44 -24.22
C TYR E 329 21.61 -5.44 -25.28
N ASP E 330 20.49 -5.71 -25.93
CA ASP E 330 19.95 -4.77 -26.90
C ASP E 330 18.42 -4.81 -26.89
N HIS E 331 17.81 -3.68 -26.50
CA HIS E 331 16.38 -3.64 -26.23
C HIS E 331 15.78 -2.37 -26.80
N TYR E 332 14.73 -2.52 -27.62
CA TYR E 332 14.08 -1.39 -28.32
C TYR E 332 12.81 -0.92 -27.59
N PHE E 333 12.57 0.40 -27.56
CA PHE E 333 11.38 0.96 -26.87
C PHE E 333 10.54 1.90 -27.72
N THR E 334 9.24 1.91 -27.45
CA THR E 334 8.34 2.86 -28.06
C THR E 334 7.50 3.49 -26.95
N VAL E 335 7.51 4.82 -26.89
CA VAL E 335 6.96 5.53 -25.73
C VAL E 335 5.62 6.22 -26.02
N ASP E 336 4.75 6.24 -25.00
CA ASP E 336 3.40 6.77 -25.11
C ASP E 336 3.10 7.87 -24.09
N ASP F 26 21.29 -70.99 -16.57
CA ASP F 26 22.30 -70.37 -15.68
C ASP F 26 23.02 -69.20 -16.37
N ASN F 27 22.31 -68.10 -16.55
CA ASN F 27 22.83 -66.86 -17.14
C ASN F 27 22.12 -65.68 -16.48
N VAL F 28 22.85 -64.63 -16.14
CA VAL F 28 22.31 -63.67 -15.18
C VAL F 28 21.96 -62.36 -15.84
N ASN F 29 20.86 -61.78 -15.38
CA ASN F 29 20.46 -60.47 -15.85
C ASN F 29 21.08 -59.26 -15.13
N ILE F 30 21.95 -58.56 -15.86
CA ILE F 30 22.66 -57.39 -15.42
C ILE F 30 22.34 -56.24 -16.39
N PRO F 31 21.22 -55.53 -16.18
CA PRO F 31 20.64 -54.60 -17.19
C PRO F 31 21.38 -53.29 -17.39
N ASP F 32 22.23 -52.93 -16.43
CA ASP F 32 23.02 -51.74 -16.49
C ASP F 32 24.31 -52.12 -17.21
N SER F 33 24.55 -51.60 -18.39
CA SER F 33 25.78 -51.95 -19.12
C SER F 33 27.14 -51.69 -18.35
N THR F 34 27.20 -50.64 -17.53
CA THR F 34 28.41 -50.27 -16.80
C THR F 34 28.84 -51.34 -15.78
N PHE F 35 27.92 -51.65 -14.84
CA PHE F 35 28.00 -52.75 -13.88
C PHE F 35 28.48 -54.04 -14.53
N LYS F 36 27.92 -54.40 -15.68
CA LYS F 36 28.27 -55.61 -16.44
C LYS F 36 29.71 -55.55 -16.95
N ALA F 37 30.10 -54.38 -17.45
CA ALA F 37 31.46 -54.23 -17.98
C ALA F 37 32.39 -54.50 -16.80
N TYR F 38 31.97 -54.03 -15.62
CA TYR F 38 32.86 -54.07 -14.46
C TYR F 38 33.07 -55.51 -14.10
N LEU F 39 31.99 -56.27 -14.08
CA LEU F 39 32.06 -57.64 -13.70
C LEU F 39 32.86 -58.51 -14.68
N ASN F 40 32.64 -58.28 -15.97
CA ASN F 40 33.35 -58.97 -17.02
C ASN F 40 34.84 -58.62 -16.94
N GLY F 41 35.09 -57.37 -16.57
CA GLY F 41 36.43 -56.97 -16.12
C GLY F 41 37.01 -58.01 -15.18
N LEU F 42 36.35 -58.20 -14.04
CA LEU F 42 36.87 -59.11 -13.04
C LEU F 42 36.97 -60.51 -13.58
N LEU F 43 36.03 -60.93 -14.45
CA LEU F 43 36.08 -62.30 -14.95
C LEU F 43 37.05 -62.49 -16.15
N GLY F 44 37.64 -61.41 -16.66
CA GLY F 44 38.55 -61.53 -17.82
C GLY F 44 37.86 -61.80 -19.17
N GLN F 45 36.80 -61.03 -19.45
CA GLN F 45 35.78 -61.26 -20.51
C GLN F 45 35.46 -59.96 -21.19
N ALA F 46 34.88 -60.04 -22.37
CA ALA F 46 34.45 -58.83 -23.06
C ALA F 46 33.41 -58.04 -22.32
N SER F 47 33.37 -56.72 -22.57
CA SER F 47 32.49 -55.83 -21.83
C SER F 47 31.06 -56.31 -21.79
N THR F 48 30.59 -56.92 -22.87
CA THR F 48 29.17 -57.23 -23.03
C THR F 48 28.90 -58.71 -22.96
N ALA F 49 29.86 -59.50 -22.51
CA ALA F 49 29.73 -60.95 -22.52
C ALA F 49 28.66 -61.36 -21.53
N ASN F 50 28.27 -62.62 -21.56
CA ASN F 50 27.31 -63.06 -20.58
C ASN F 50 28.00 -63.62 -19.36
N ILE F 51 27.36 -63.50 -18.22
CA ILE F 51 27.93 -63.95 -16.96
C ILE F 51 26.97 -64.96 -16.40
N THR F 52 27.49 -66.12 -16.05
CA THR F 52 26.69 -67.22 -15.55
C THR F 52 26.60 -67.12 -14.04
N GLU F 53 25.61 -67.77 -13.43
CA GLU F 53 25.38 -67.63 -11.98
C GLU F 53 26.60 -68.22 -11.28
N ALA F 54 27.13 -69.34 -11.78
CA ALA F 54 28.32 -69.93 -11.18
C ALA F 54 29.39 -68.83 -11.10
N GLN F 55 29.64 -68.13 -12.21
CA GLN F 55 30.63 -67.05 -12.27
C GLN F 55 30.41 -65.91 -11.25
N MET F 56 29.16 -65.46 -11.11
CA MET F 56 28.81 -64.54 -10.04
C MET F 56 29.14 -65.14 -8.67
N ASP F 57 28.92 -66.44 -8.54
CA ASP F 57 29.18 -67.07 -7.26
C ASP F 57 30.65 -67.10 -6.92
N SER F 58 31.53 -66.85 -7.89
CA SER F 58 32.99 -66.90 -7.67
C SER F 58 33.62 -65.60 -7.19
N LEU F 59 32.91 -64.52 -7.36
CA LEU F 59 33.40 -63.23 -6.89
C LEU F 59 33.52 -63.22 -5.38
N THR F 60 34.57 -62.60 -4.86
CA THR F 60 34.77 -62.46 -3.41
C THR F 60 34.69 -60.98 -2.98
N TYR F 61 35.02 -60.07 -3.90
CA TYR F 61 34.82 -58.67 -3.65
C TYR F 61 34.15 -58.00 -4.84
N ILE F 62 33.41 -56.93 -4.57
CA ILE F 62 33.04 -56.03 -5.59
C ILE F 62 33.40 -54.60 -5.17
N THR F 63 34.18 -53.89 -6.00
CA THR F 63 34.48 -52.43 -5.84
C THR F 63 33.86 -51.52 -6.95
N LEU F 64 32.91 -50.68 -6.59
CA LEU F 64 32.34 -49.79 -7.59
C LEU F 64 32.64 -48.35 -7.25
N ALA F 65 33.53 -47.72 -7.98
CA ALA F 65 33.99 -46.43 -7.50
C ALA F 65 33.88 -45.41 -8.57
N ASN F 66 32.98 -44.47 -8.38
CA ASN F 66 32.97 -43.36 -9.33
C ASN F 66 32.78 -43.83 -10.75
N ILE F 67 31.94 -44.83 -10.87
CA ILE F 67 31.53 -45.24 -12.17
C ILE F 67 30.04 -45.03 -12.15
N ASN F 68 29.46 -44.63 -13.26
CA ASN F 68 28.04 -44.37 -13.22
C ASN F 68 27.20 -45.69 -13.36
N VAL F 69 26.74 -46.27 -12.25
CA VAL F 69 25.93 -47.50 -12.26
C VAL F 69 24.60 -47.12 -11.65
N THR F 70 23.56 -47.06 -12.46
CA THR F 70 22.27 -46.56 -12.03
C THR F 70 21.47 -47.71 -11.37
N ASP F 71 21.78 -48.95 -11.73
CA ASP F 71 20.92 -50.13 -11.38
C ASP F 71 21.78 -51.36 -10.98
N LEU F 72 21.54 -51.81 -9.75
CA LEU F 72 22.39 -52.86 -9.17
C LEU F 72 21.86 -54.28 -9.47
N THR F 73 20.81 -54.34 -10.30
CA THR F 73 20.13 -55.62 -10.57
C THR F 73 21.15 -56.55 -11.08
N GLY F 74 21.22 -57.72 -10.46
CA GLY F 74 22.19 -58.71 -10.80
C GLY F 74 23.14 -59.01 -9.66
N ILE F 75 23.36 -58.06 -8.75
CA ILE F 75 24.32 -58.26 -7.63
C ILE F 75 23.79 -59.34 -6.64
N GLU F 76 22.50 -59.58 -6.62
CA GLU F 76 21.95 -60.63 -5.81
C GLU F 76 22.55 -61.99 -6.05
N TYR F 77 23.23 -62.20 -7.16
CA TYR F 77 23.77 -63.50 -7.39
C TYR F 77 25.22 -63.64 -6.94
N ALA F 78 25.77 -62.55 -6.42
CA ALA F 78 27.10 -62.56 -5.83
C ALA F 78 27.04 -63.11 -4.40
N HIS F 79 26.64 -64.37 -4.30
CA HIS F 79 26.46 -65.03 -3.05
C HIS F 79 27.65 -65.18 -2.15
N ASN F 80 28.85 -65.04 -2.63
CA ASN F 80 30.00 -65.28 -1.76
C ASN F 80 30.89 -64.10 -1.51
N ILE F 81 30.41 -62.94 -1.91
CA ILE F 81 31.29 -61.79 -1.74
C ILE F 81 31.43 -61.44 -0.29
N LYS F 82 32.67 -61.19 0.12
CA LYS F 82 33.01 -60.84 1.52
C LYS F 82 33.03 -59.32 1.74
N ASP F 83 33.42 -58.61 0.69
CA ASP F 83 33.69 -57.17 0.71
C ASP F 83 32.92 -56.50 -0.47
N LEU F 84 32.04 -55.54 -0.16
CA LEU F 84 31.35 -54.73 -1.19
C LEU F 84 31.76 -53.30 -0.89
N THR F 85 32.43 -52.66 -1.87
CA THR F 85 32.77 -51.27 -1.73
C THR F 85 32.12 -50.39 -2.82
N ILE F 86 31.18 -49.53 -2.41
CA ILE F 86 30.58 -48.60 -3.37
C ILE F 86 30.84 -47.12 -3.13
N ASN F 87 31.51 -46.47 -4.10
CA ASN F 87 31.72 -45.01 -4.01
C ASN F 87 31.14 -44.13 -5.10
N ASN F 88 30.13 -43.34 -4.74
CA ASN F 88 29.60 -42.30 -5.61
C ASN F 88 29.20 -42.87 -7.00
N ILE F 89 28.25 -43.81 -7.02
CA ILE F 89 27.81 -44.39 -8.30
C ILE F 89 26.43 -43.95 -8.80
N HIS F 90 25.70 -43.14 -8.01
CA HIS F 90 24.35 -42.68 -8.40
C HIS F 90 23.28 -43.74 -8.62
N ALA F 91 23.31 -44.83 -7.88
CA ALA F 91 22.19 -45.81 -7.95
C ALA F 91 20.90 -45.19 -7.41
N THR F 92 19.75 -45.53 -7.98
CA THR F 92 18.49 -44.98 -7.45
C THR F 92 18.21 -45.46 -6.05
N ASN F 93 18.63 -46.70 -5.77
CA ASN F 93 18.54 -47.34 -4.44
C ASN F 93 19.55 -48.47 -4.35
N TYR F 94 19.69 -49.02 -3.15
CA TYR F 94 20.67 -50.12 -2.99
C TYR F 94 19.91 -51.35 -2.47
N ASN F 95 18.64 -51.40 -2.83
CA ASN F 95 17.80 -52.51 -2.30
C ASN F 95 18.30 -53.90 -2.46
N GLN F 96 19.13 -54.14 -3.47
CA GLN F 96 19.49 -55.54 -3.83
C GLN F 96 20.72 -56.11 -3.14
N ILE F 97 21.21 -55.40 -2.11
CA ILE F 97 22.27 -55.96 -1.26
C ILE F 97 21.68 -56.74 -0.09
N SER F 98 20.36 -56.64 0.09
CA SER F 98 19.76 -57.03 1.37
C SER F 98 19.78 -58.50 1.72
N GLY F 99 20.14 -59.34 0.76
CA GLY F 99 20.24 -60.74 1.01
C GLY F 99 21.67 -61.19 0.88
N LEU F 100 22.65 -60.30 1.07
CA LEU F 100 24.06 -60.72 0.82
C LEU F 100 24.68 -61.07 2.15
N SER F 101 24.18 -62.18 2.64
CA SER F 101 24.29 -62.56 4.03
C SER F 101 25.71 -63.00 4.39
N ASN F 102 26.60 -63.17 3.41
CA ASN F 102 28.01 -63.48 3.71
C ASN F 102 28.87 -62.27 3.60
N LEU F 103 28.24 -61.10 3.61
CA LEU F 103 29.06 -59.86 3.52
C LEU F 103 29.71 -59.54 4.84
N GLU F 104 31.01 -59.24 4.87
CA GLU F 104 31.61 -58.94 6.18
C GLU F 104 31.94 -57.47 6.33
N ARG F 105 32.52 -56.87 5.27
CA ARG F 105 32.71 -55.41 5.16
C ARG F 105 31.83 -54.73 4.07
N LEU F 106 31.17 -53.60 4.35
CA LEU F 106 30.18 -52.97 3.40
C LEU F 106 30.36 -51.49 3.49
N ARG F 107 30.72 -50.87 2.37
CA ARG F 107 30.88 -49.41 2.22
C ARG F 107 29.97 -48.93 1.09
N ILE F 108 29.07 -47.99 1.36
CA ILE F 108 28.24 -47.35 0.35
C ILE F 108 28.42 -45.94 0.77
N MET F 109 29.06 -45.13 -0.11
CA MET F 109 29.28 -43.66 0.12
C MET F 109 28.76 -42.83 -1.08
N GLY F 110 28.38 -41.59 -0.83
CA GLY F 110 27.90 -40.80 -1.96
C GLY F 110 27.09 -39.62 -1.58
N ALA F 111 27.40 -38.48 -2.17
CA ALA F 111 26.67 -37.25 -1.81
C ALA F 111 25.13 -37.37 -2.04
N ASP F 112 24.74 -38.30 -2.93
CA ASP F 112 23.32 -38.51 -3.32
C ASP F 112 22.64 -39.63 -2.52
N VAL F 113 23.43 -40.44 -1.82
CA VAL F 113 22.90 -41.54 -1.00
C VAL F 113 22.03 -41.01 0.20
N THR F 114 20.71 -41.11 0.08
CA THR F 114 19.80 -40.68 1.13
C THR F 114 19.23 -41.92 1.78
N SER F 115 18.58 -41.76 2.92
CA SER F 115 18.33 -42.95 3.77
C SER F 115 17.26 -43.89 3.19
N ASP F 116 16.21 -43.30 2.61
CA ASP F 116 15.30 -44.09 1.87
C ASP F 116 16.02 -45.07 0.90
N LYS F 117 17.24 -44.75 0.46
CA LYS F 117 17.87 -45.56 -0.63
C LYS F 117 18.51 -46.87 -0.17
N ILE F 118 18.56 -47.05 1.15
CA ILE F 118 19.16 -48.21 1.75
C ILE F 118 18.00 -48.97 2.38
N PRO F 119 17.93 -50.27 2.10
CA PRO F 119 17.03 -51.25 2.74
C PRO F 119 17.44 -51.48 4.18
N ASN F 120 16.53 -52.09 4.94
CA ASN F 120 16.82 -52.58 6.29
C ASN F 120 17.85 -53.68 6.12
N LEU F 121 18.82 -53.77 7.01
CA LEU F 121 19.98 -54.63 6.77
C LEU F 121 20.09 -55.82 7.69
N SER F 122 19.05 -56.01 8.49
CA SER F 122 19.02 -57.07 9.49
C SER F 122 19.44 -58.43 8.95
N GLY F 123 19.25 -58.71 7.66
CA GLY F 123 19.67 -60.01 7.12
C GLY F 123 21.11 -60.17 6.74
N LEU F 124 21.86 -59.09 6.90
CA LEU F 124 23.32 -59.10 6.69
C LEU F 124 23.94 -59.57 7.99
N THR F 125 23.76 -60.87 8.27
CA THR F 125 24.06 -61.48 9.58
C THR F 125 25.55 -61.78 9.83
N ASN F 126 26.39 -61.74 8.79
CA ASN F 126 27.85 -61.83 8.97
C ASN F 126 28.62 -60.54 8.88
N LEU F 127 27.91 -59.45 8.67
CA LEU F 127 28.55 -58.16 8.65
C LEU F 127 29.24 -57.78 9.96
N THR F 128 30.54 -57.50 9.88
CA THR F 128 31.29 -56.93 11.03
C THR F 128 31.58 -55.41 10.91
N LEU F 129 31.86 -54.93 9.68
CA LEU F 129 32.09 -53.50 9.41
C LEU F 129 31.03 -52.85 8.45
N LEU F 130 30.56 -51.66 8.82
CA LEU F 130 29.55 -50.90 8.06
C LEU F 130 30.08 -49.50 7.90
N ASP F 131 29.94 -48.99 6.68
CA ASP F 131 30.44 -47.65 6.41
C ASP F 131 29.52 -46.84 5.52
N LEU F 132 28.68 -45.98 6.11
CA LEU F 132 27.87 -45.07 5.25
C LEU F 132 28.31 -43.60 5.32
N SER F 133 29.61 -43.39 5.35
CA SER F 133 30.11 -41.98 5.48
C SER F 133 29.91 -41.13 4.22
N HIS F 134 30.02 -39.81 4.32
CA HIS F 134 30.06 -38.89 3.15
C HIS F 134 28.79 -39.06 2.35
N SER F 135 27.67 -39.18 3.08
CA SER F 135 26.38 -39.39 2.45
C SER F 135 25.34 -38.39 2.87
N ALA F 136 24.07 -38.67 2.53
CA ALA F 136 23.03 -37.72 2.76
C ALA F 136 21.98 -38.24 3.79
N HIS F 137 22.49 -39.00 4.75
CA HIS F 137 21.72 -39.73 5.73
C HIS F 137 21.10 -38.92 6.79
N ASP F 138 19.96 -39.41 7.29
CA ASP F 138 19.21 -38.74 8.36
C ASP F 138 18.90 -39.74 9.46
N ASP F 139 18.19 -39.36 10.51
CA ASP F 139 18.11 -40.28 11.65
C ASP F 139 17.46 -41.63 11.30
N SER F 140 16.67 -41.66 10.23
CA SER F 140 15.89 -42.85 9.93
C SER F 140 16.76 -44.05 9.51
N ILE F 141 17.98 -43.76 9.05
CA ILE F 141 18.95 -44.82 8.75
C ILE F 141 19.23 -45.71 9.98
N LEU F 142 19.29 -45.08 11.16
CA LEU F 142 19.63 -45.81 12.39
C LEU F 142 18.73 -47.08 12.67
N THR F 143 17.43 -46.99 12.40
CA THR F 143 16.55 -48.16 12.68
C THR F 143 16.83 -49.27 11.71
N LYS F 144 17.50 -48.90 10.62
CA LYS F 144 17.80 -49.81 9.54
C LYS F 144 19.07 -50.65 9.81
N ILE F 145 19.92 -50.15 10.70
CA ILE F 145 21.24 -50.70 10.94
C ILE F 145 21.44 -51.10 12.41
N ASN F 146 20.67 -50.50 13.29
CA ASN F 146 20.72 -50.97 14.67
C ASN F 146 20.35 -52.41 14.94
N THR F 147 19.89 -53.18 13.93
CA THR F 147 19.64 -54.66 14.14
C THR F 147 20.86 -55.56 13.93
N LEU F 148 21.80 -55.11 13.12
CA LEU F 148 22.97 -55.89 12.82
C LEU F 148 23.59 -56.63 14.01
N PRO F 149 23.74 -57.95 13.87
CA PRO F 149 24.21 -58.78 14.98
C PRO F 149 25.67 -58.65 15.32
N LYS F 150 26.54 -58.79 14.31
CA LYS F 150 27.99 -58.88 14.56
C LYS F 150 28.74 -57.60 14.22
N VAL F 151 28.01 -56.53 13.92
CA VAL F 151 28.68 -55.34 13.51
C VAL F 151 29.54 -54.74 14.66
N THR F 152 30.82 -54.50 14.43
CA THR F 152 31.69 -53.94 15.52
C THR F 152 32.26 -52.55 15.31
N SER F 153 32.18 -52.01 14.08
CA SER F 153 32.39 -50.59 13.88
C SER F 153 31.43 -50.02 12.85
N ILE F 154 30.94 -48.80 13.09
CA ILE F 154 30.17 -48.10 12.11
C ILE F 154 30.82 -46.73 11.92
N ASP F 155 30.98 -46.33 10.65
CA ASP F 155 31.31 -44.98 10.30
C ASP F 155 30.12 -44.22 9.66
N LEU F 156 29.52 -43.29 10.39
CA LEU F 156 28.46 -42.42 9.83
C LEU F 156 29.04 -40.98 9.68
N SER F 157 30.35 -40.86 9.48
CA SER F 157 30.94 -39.53 9.46
C SER F 157 30.62 -38.71 8.20
N TYR F 158 30.65 -37.37 8.33
CA TYR F 158 30.31 -36.47 7.23
C TYR F 158 28.91 -36.89 6.76
N ASN F 159 27.97 -36.93 7.70
CA ASN F 159 26.59 -37.08 7.39
C ASN F 159 25.95 -36.11 8.28
N GLY F 160 25.96 -34.86 7.84
CA GLY F 160 25.54 -33.69 8.63
C GLY F 160 24.19 -33.82 9.30
N ALA F 161 23.31 -34.66 8.74
CA ALA F 161 21.87 -34.64 9.09
C ALA F 161 21.55 -35.73 10.11
N ILE F 162 22.62 -36.28 10.67
CA ILE F 162 22.54 -37.21 11.76
C ILE F 162 22.69 -36.41 13.04
N THR F 163 21.61 -36.39 13.84
CA THR F 163 21.48 -35.53 15.03
C THR F 163 21.40 -36.27 16.38
N ASP F 164 21.39 -37.59 16.33
CA ASP F 164 21.19 -38.37 17.54
C ASP F 164 21.53 -39.81 17.29
N ILE F 165 22.45 -40.33 18.09
CA ILE F 165 22.92 -41.69 17.90
C ILE F 165 22.50 -42.62 19.04
N MET F 166 21.48 -42.26 19.81
CA MET F 166 21.09 -43.21 20.87
C MET F 166 20.44 -44.53 20.42
N PRO F 167 19.48 -44.50 19.44
CA PRO F 167 18.93 -45.81 19.02
C PRO F 167 19.95 -46.87 18.65
N LEU F 168 21.24 -46.55 18.54
CA LEU F 168 22.19 -47.68 18.33
C LEU F 168 22.70 -48.31 19.64
N LYS F 169 22.19 -47.87 20.80
CA LYS F 169 22.50 -48.52 22.09
C LYS F 169 22.05 -49.97 22.16
N THR F 170 21.07 -50.35 21.35
CA THR F 170 20.61 -51.75 21.36
C THR F 170 21.54 -52.68 20.60
N MET F 171 22.56 -52.13 19.90
CA MET F 171 23.41 -53.07 19.12
C MET F 171 24.27 -53.88 20.07
N PRO F 172 24.24 -55.22 19.95
CA PRO F 172 25.00 -56.14 20.82
C PRO F 172 26.54 -56.00 20.75
N GLU F 173 27.07 -55.77 19.55
CA GLU F 173 28.49 -55.89 19.27
C GLU F 173 29.24 -54.60 18.86
N LEU F 174 28.56 -53.47 18.87
CA LEU F 174 29.19 -52.28 18.37
C LEU F 174 30.28 -51.80 19.34
N LYS F 175 31.52 -51.68 18.83
CA LYS F 175 32.67 -51.14 19.63
C LYS F 175 33.06 -49.71 19.28
N SER F 176 32.90 -49.33 18.01
CA SER F 176 33.42 -48.07 17.51
C SER F 176 32.44 -47.38 16.62
N LEU F 177 32.14 -46.15 16.95
CA LEU F 177 31.18 -45.40 16.21
C LEU F 177 31.81 -44.05 15.87
N ASN F 178 31.99 -43.83 14.57
CA ASN F 178 32.43 -42.57 14.10
C ASN F 178 31.26 -41.75 13.50
N ILE F 179 31.00 -40.57 14.07
CA ILE F 179 29.96 -39.65 13.55
C ILE F 179 30.60 -38.23 13.42
N GLN F 180 31.90 -38.21 13.06
CA GLN F 180 32.69 -36.97 12.90
C GLN F 180 32.03 -36.06 11.85
N PHE F 181 31.87 -34.77 12.19
CA PHE F 181 31.12 -33.80 11.36
C PHE F 181 29.64 -34.03 11.13
N ASP F 182 28.97 -34.77 12.02
CA ASP F 182 27.52 -34.92 11.95
C ASP F 182 26.90 -33.77 12.72
N GLY F 183 25.64 -33.89 13.15
CA GLY F 183 25.09 -32.80 13.96
C GLY F 183 24.52 -33.23 15.30
N VAL F 184 25.34 -33.85 16.14
CA VAL F 184 24.86 -34.59 17.28
C VAL F 184 25.11 -33.60 18.39
N HIS F 185 24.27 -33.65 19.43
CA HIS F 185 24.29 -32.65 20.48
C HIS F 185 24.07 -33.19 21.86
N ASP F 186 23.40 -34.33 22.01
CA ASP F 186 23.10 -34.93 23.34
C ASP F 186 23.80 -36.26 23.61
N TYR F 187 24.72 -36.27 24.57
CA TYR F 187 25.50 -37.50 24.82
C TYR F 187 25.04 -38.39 26.01
N ARG F 188 24.01 -37.95 26.72
CA ARG F 188 23.39 -38.72 27.77
C ARG F 188 22.73 -39.95 27.19
N GLY F 189 23.16 -41.12 27.68
CA GLY F 189 22.64 -42.44 27.31
C GLY F 189 23.71 -43.31 26.71
N ILE F 190 24.87 -42.69 26.46
CA ILE F 190 26.04 -43.32 25.87
C ILE F 190 26.55 -44.44 26.70
N GLU F 191 26.21 -44.43 27.99
CA GLU F 191 26.68 -45.51 28.87
C GLU F 191 25.84 -46.77 28.67
N ASP F 192 24.72 -46.60 27.99
CA ASP F 192 23.89 -47.79 27.71
C ASP F 192 24.44 -48.72 26.63
N PHE F 193 25.32 -48.20 25.77
CA PHE F 193 25.95 -49.01 24.73
C PHE F 193 26.74 -50.08 25.44
N PRO F 194 26.57 -51.35 25.03
CA PRO F 194 27.23 -52.36 25.84
C PRO F 194 28.70 -52.50 25.63
N LYS F 195 29.22 -52.23 24.44
CA LYS F 195 30.64 -52.49 24.22
C LYS F 195 31.35 -51.35 23.49
N LEU F 196 30.61 -50.29 23.24
CA LEU F 196 31.18 -49.21 22.52
C LEU F 196 32.35 -48.73 23.40
N ASN F 197 33.56 -48.86 22.86
CA ASN F 197 34.77 -48.35 23.52
C ASN F 197 35.52 -47.24 22.74
N THR F 198 34.92 -46.79 21.63
CA THR F 198 35.46 -45.71 20.77
C THR F 198 34.34 -44.88 20.13
N LEU F 199 34.29 -43.57 20.36
CA LEU F 199 33.31 -42.67 19.74
C LEU F 199 34.09 -41.47 19.32
N LEU F 200 34.02 -41.20 18.01
CA LEU F 200 34.76 -40.12 17.34
C LEU F 200 33.73 -39.12 16.89
N ALA F 201 33.55 -38.07 17.66
CA ALA F 201 32.49 -37.14 17.38
C ALA F 201 33.09 -35.70 17.22
N TYR F 202 34.31 -35.61 16.69
CA TYR F 202 34.89 -34.27 16.53
C TYR F 202 34.03 -33.41 15.62
N SER F 203 33.79 -32.18 16.06
CA SER F 203 33.33 -31.08 15.25
C SER F 203 31.95 -31.32 14.65
N GLN F 204 30.97 -31.48 15.49
CA GLN F 204 29.63 -31.59 15.03
C GLN F 204 29.08 -30.23 14.68
N THR F 205 28.23 -30.13 13.67
CA THR F 205 27.51 -28.85 13.46
C THR F 205 26.01 -29.01 13.83
N ILE F 206 25.66 -28.67 15.06
CA ILE F 206 24.28 -28.78 15.58
C ILE F 206 23.39 -27.81 14.82
N GLY F 207 22.47 -28.31 14.01
CA GLY F 207 21.55 -27.46 13.23
C GLY F 207 22.08 -27.13 11.86
N GLY F 208 23.16 -27.81 11.49
CA GLY F 208 23.82 -27.63 10.21
C GLY F 208 23.09 -28.09 8.93
N LYS F 209 22.38 -29.23 8.97
CA LYS F 209 21.58 -29.76 7.82
C LYS F 209 20.10 -29.95 8.16
N LYS F 210 19.83 -30.61 9.27
CA LYS F 210 18.50 -30.53 9.87
C LYS F 210 18.39 -29.22 10.70
N LEU F 211 17.60 -28.28 10.18
CA LEU F 211 17.55 -26.91 10.72
C LEU F 211 16.81 -26.77 12.05
N ILE F 212 17.34 -25.95 12.94
CA ILE F 212 16.67 -25.70 14.20
C ILE F 212 16.05 -24.31 14.23
N ASN F 213 14.73 -24.33 14.45
CA ASN F 213 13.92 -23.13 14.46
C ASN F 213 13.02 -23.02 15.70
N SER F 214 12.91 -21.80 16.21
CA SER F 214 12.07 -21.54 17.35
C SER F 214 11.21 -20.33 17.11
N ASP F 215 9.91 -20.54 17.27
CA ASP F 215 8.91 -19.49 17.21
C ASP F 215 8.71 -18.96 18.62
N ILE F 216 9.32 -17.82 18.94
CA ILE F 216 9.19 -17.24 20.29
C ILE F 216 8.48 -15.89 20.35
N LYS F 217 7.78 -15.64 21.45
CA LYS F 217 7.14 -14.35 21.72
C LYS F 217 8.23 -13.35 22.13
N SER F 218 8.00 -12.06 21.86
CA SER F 218 8.96 -10.99 22.23
C SER F 218 9.20 -10.80 23.74
N SER F 219 8.36 -11.41 24.58
CA SER F 219 8.47 -11.38 26.05
C SER F 219 9.58 -12.26 26.60
N LYS F 220 10.08 -13.18 25.78
CA LYS F 220 11.12 -14.08 26.24
C LYS F 220 12.51 -13.44 26.17
N LEU F 221 12.64 -12.37 25.39
CA LEU F 221 13.84 -11.54 25.37
C LEU F 221 13.71 -10.35 26.31
N THR F 222 14.84 -9.70 26.59
CA THR F 222 14.85 -8.57 27.52
C THR F 222 15.32 -7.29 26.82
N TYR F 223 14.37 -6.36 26.63
CA TYR F 223 14.70 -5.03 26.12
C TYR F 223 14.84 -4.00 27.22
N ASN F 224 15.87 -3.17 27.09
CA ASN F 224 16.16 -2.08 28.02
C ASN F 224 16.15 -0.75 27.29
N ALA F 225 15.24 0.13 27.72
CA ALA F 225 15.05 1.43 27.10
C ALA F 225 16.26 2.35 27.28
N GLU F 226 16.72 2.44 28.53
CA GLU F 226 17.74 3.42 28.92
C GLU F 226 19.06 3.18 28.19
N ASN F 227 19.71 2.05 28.46
CA ASN F 227 21.02 1.76 27.85
C ASN F 227 20.92 1.24 26.42
N GLN F 228 19.69 1.04 25.96
CA GLN F 228 19.42 0.65 24.58
C GLN F 228 20.04 -0.71 24.22
N THR F 229 19.74 -1.70 25.05
CA THR F 229 20.36 -3.01 24.96
C THR F 229 19.29 -4.08 24.85
N LEU F 230 19.55 -5.06 24.00
CA LEU F 230 18.70 -6.23 23.82
C LEU F 230 19.42 -7.47 24.31
N TYR F 231 18.83 -8.13 25.31
CA TYR F 231 19.44 -9.29 25.95
C TYR F 231 18.80 -10.56 25.44
N VAL F 232 19.64 -11.47 24.94
CA VAL F 232 19.13 -12.78 24.55
C VAL F 232 19.69 -13.87 25.45
N PRO F 233 18.84 -14.44 26.33
CA PRO F 233 19.24 -15.52 27.21
C PRO F 233 19.50 -16.84 26.47
N PHE F 234 20.55 -17.54 26.89
CA PHE F 234 20.93 -18.82 26.27
C PHE F 234 20.06 -20.02 26.63
N SER F 235 19.03 -19.80 27.44
CA SER F 235 18.12 -20.86 27.79
C SER F 235 17.19 -21.05 26.58
N LEU F 236 17.35 -20.16 25.61
CA LEU F 236 16.68 -20.28 24.34
C LEU F 236 17.37 -21.29 23.40
N MET F 237 18.59 -21.67 23.76
CA MET F 237 19.41 -22.53 22.90
C MET F 237 19.21 -24.03 23.22
N THR F 238 18.01 -24.54 22.96
CA THR F 238 17.54 -25.82 23.51
C THR F 238 18.33 -27.04 23.03
N GLU F 239 19.08 -26.91 21.93
CA GLU F 239 19.77 -28.06 21.36
C GLU F 239 21.24 -28.06 21.62
N ARG F 240 21.71 -27.19 22.50
CA ARG F 240 23.14 -27.03 22.79
C ARG F 240 23.74 -28.36 23.26
N THR F 241 25.06 -28.52 23.09
CA THR F 241 25.79 -29.75 23.53
C THR F 241 25.59 -30.03 25.02
N VAL F 242 25.16 -31.23 25.37
CA VAL F 242 25.21 -31.74 26.74
C VAL F 242 26.07 -33.01 26.77
N ASN F 243 27.00 -33.14 27.69
CA ASN F 243 27.77 -34.37 27.83
C ASN F 243 26.99 -35.42 28.69
N TYR F 244 27.39 -36.72 28.64
CA TYR F 244 26.73 -37.80 29.41
C TYR F 244 26.45 -37.48 30.87
N ASP F 245 27.20 -36.54 31.46
CA ASP F 245 27.05 -36.32 32.89
C ASP F 245 26.15 -35.12 33.18
N GLY F 246 25.54 -34.54 32.15
CA GLY F 246 24.87 -33.26 32.36
C GLY F 246 25.72 -31.98 32.17
N TYR F 247 27.05 -32.10 32.14
CA TYR F 247 27.85 -30.89 31.89
C TYR F 247 27.38 -30.15 30.60
N VAL F 248 26.93 -28.91 30.76
CA VAL F 248 26.63 -28.10 29.59
C VAL F 248 27.71 -27.01 29.30
N PRO F 249 28.55 -27.27 28.28
CA PRO F 249 29.61 -26.34 27.95
C PRO F 249 29.12 -24.97 27.51
N ASP F 250 29.85 -23.95 27.93
CA ASP F 250 29.64 -22.60 27.50
C ASP F 250 29.90 -22.31 26.03
N PHE F 251 29.16 -21.35 25.50
CA PHE F 251 29.49 -20.75 24.23
C PHE F 251 30.75 -19.91 24.41
N VAL F 252 31.71 -20.03 23.48
CA VAL F 252 32.86 -19.11 23.38
C VAL F 252 32.41 -17.67 23.51
N LYS F 253 33.31 -16.87 24.05
CA LYS F 253 33.07 -15.50 24.41
C LYS F 253 33.38 -14.55 23.24
N SER F 254 34.21 -15.01 22.32
CA SER F 254 34.74 -14.20 21.24
C SER F 254 33.64 -13.64 20.28
N THR F 255 33.75 -12.37 19.88
CA THR F 255 32.74 -11.71 19.00
C THR F 255 33.25 -11.53 17.57
N ALA F 256 34.34 -12.22 17.22
CA ALA F 256 34.90 -12.20 15.87
C ALA F 256 34.12 -13.12 14.98
N SER F 257 34.10 -12.80 13.68
CA SER F 257 33.17 -13.41 12.74
C SER F 257 33.41 -14.88 12.41
N SER F 258 34.59 -15.39 12.77
CA SER F 258 34.90 -16.83 12.67
C SER F 258 34.41 -17.58 13.93
N ASP F 259 34.02 -16.84 14.95
CA ASP F 259 33.63 -17.40 16.22
C ASP F 259 32.15 -17.24 16.52
N THR F 260 31.61 -16.06 16.30
CA THR F 260 30.19 -15.83 16.49
C THR F 260 29.59 -15.12 15.27
N TYR F 261 28.31 -15.38 15.02
CA TYR F 261 27.62 -14.85 13.87
C TYR F 261 26.16 -14.67 14.28
N PHE F 262 25.83 -13.45 14.70
CA PHE F 262 24.49 -13.10 15.12
C PHE F 262 23.78 -12.24 14.12
N THR F 263 22.50 -12.57 13.93
CA THR F 263 21.69 -12.06 12.84
C THR F 263 20.39 -11.53 13.41
N MET F 264 20.00 -10.33 12.93
CA MET F 264 18.73 -9.64 13.25
C MET F 264 18.01 -9.33 11.93
N ASN F 265 16.77 -9.82 11.78
CA ASN F 265 16.06 -9.84 10.49
C ASN F 265 16.96 -10.14 9.28
N GLU F 266 17.59 -11.32 9.30
CA GLU F 266 18.58 -11.72 8.29
C GLU F 266 19.75 -10.75 8.13
N GLN F 267 20.11 -10.07 9.22
CA GLN F 267 21.21 -9.13 9.14
C GLN F 267 22.25 -9.36 10.23
N GLN F 268 23.52 -9.50 9.83
CA GLN F 268 24.63 -9.73 10.76
C GLN F 268 24.85 -8.52 11.65
N VAL F 269 24.62 -8.71 12.93
CA VAL F 269 24.98 -7.70 13.90
C VAL F 269 26.48 -7.65 13.89
N ASN F 270 27.00 -6.43 13.91
CA ASN F 270 28.42 -6.19 14.04
C ASN F 270 28.91 -6.74 15.39
N GLY F 271 30.07 -7.39 15.37
CA GLY F 271 30.73 -7.87 16.58
C GLY F 271 30.86 -6.88 17.72
N ASN F 272 31.14 -5.60 17.39
CA ASN F 272 31.37 -4.51 18.40
C ASN F 272 30.20 -4.25 19.30
N ARG F 273 29.04 -4.67 18.85
CA ARG F 273 27.79 -4.44 19.56
C ARG F 273 27.47 -5.52 20.59
N LEU F 274 28.34 -6.51 20.73
CA LEU F 274 27.98 -7.72 21.47
C LEU F 274 28.76 -7.96 22.73
N THR F 275 28.04 -8.38 23.75
CA THR F 275 28.65 -8.87 24.97
C THR F 275 28.07 -10.24 25.26
N ILE F 276 28.96 -11.21 25.39
CA ILE F 276 28.60 -12.62 25.48
C ILE F 276 28.98 -13.13 26.86
N THR F 277 27.99 -13.58 27.62
CA THR F 277 28.25 -14.17 28.95
C THR F 277 28.11 -15.72 28.93
N SER F 278 27.95 -16.30 30.11
CA SER F 278 27.53 -17.69 30.25
C SER F 278 26.03 -17.80 30.14
N ASP F 279 25.34 -16.74 30.56
CA ASP F 279 23.88 -16.74 30.66
C ASP F 279 23.23 -16.15 29.41
N GLY F 280 23.98 -15.30 28.69
CA GLY F 280 23.46 -14.82 27.44
C GLY F 280 24.30 -13.95 26.56
N LEU F 281 23.64 -13.44 25.52
CA LEU F 281 24.20 -12.50 24.60
C LEU F 281 23.49 -11.15 24.77
N THR F 282 24.26 -10.09 24.95
CA THR F 282 23.70 -8.73 25.00
C THR F 282 24.19 -7.85 23.82
N VAL F 283 23.27 -7.07 23.24
CA VAL F 283 23.54 -6.26 22.06
C VAL F 283 23.35 -4.78 22.41
N SER F 284 24.41 -3.99 22.20
CA SER F 284 24.33 -2.53 22.37
C SER F 284 23.61 -1.86 21.18
N ASP F 285 23.23 -0.59 21.38
CA ASP F 285 22.72 0.30 20.32
C ASP F 285 21.42 -0.12 19.67
N VAL F 286 20.45 -0.58 20.47
CA VAL F 286 19.15 -0.93 19.88
C VAL F 286 18.02 -0.05 20.40
N SER F 287 17.42 0.72 19.50
CA SER F 287 16.30 1.59 19.82
C SER F 287 15.00 0.78 19.90
N LYS F 288 13.96 1.41 20.47
CA LYS F 288 12.61 0.82 20.57
C LYS F 288 12.02 0.44 19.22
N THR F 289 12.18 1.33 18.23
CA THR F 289 11.79 1.04 16.83
C THR F 289 12.52 -0.23 16.33
N ASP F 290 13.81 -0.37 16.66
CA ASP F 290 14.53 -1.58 16.30
C ASP F 290 13.93 -2.81 16.97
N PHE F 291 13.69 -2.75 18.28
CA PHE F 291 13.08 -3.89 19.00
C PHE F 291 11.67 -4.20 18.50
N ASP F 292 10.93 -3.19 18.06
CA ASP F 292 9.58 -3.43 17.57
C ASP F 292 9.57 -4.15 16.23
N ASN F 293 10.38 -3.71 15.27
CA ASN F 293 10.54 -4.40 13.97
C ASN F 293 11.61 -5.49 14.05
N LEU F 294 11.21 -6.68 14.48
CA LEU F 294 12.14 -7.79 14.63
C LEU F 294 11.42 -9.12 14.53
N GLU F 295 11.59 -9.78 13.40
CA GLU F 295 10.88 -11.02 13.11
C GLU F 295 11.80 -12.24 13.11
N LYS F 296 13.03 -12.06 12.66
CA LYS F 296 13.97 -13.17 12.54
C LYS F 296 15.25 -12.95 13.32
N MET F 297 15.82 -14.08 13.73
CA MET F 297 17.11 -14.11 14.41
C MET F 297 17.86 -15.37 14.07
N GLU F 298 19.17 -15.33 14.28
CA GLU F 298 19.99 -16.52 14.22
C GLU F 298 21.25 -16.34 15.06
N TYR F 299 21.39 -17.21 16.05
CA TYR F 299 22.64 -17.39 16.79
C TYR F 299 23.45 -18.55 16.22
N ASN F 300 24.60 -18.22 15.64
CA ASN F 300 25.52 -19.22 15.16
C ASN F 300 26.88 -19.02 15.83
N ALA F 301 27.31 -20.02 16.61
CA ALA F 301 28.52 -19.87 17.45
C ALA F 301 29.24 -21.16 17.75
N ARG F 302 30.51 -21.04 18.10
CA ARG F 302 31.29 -22.17 18.51
C ARG F 302 31.03 -22.42 19.97
N ILE F 303 30.96 -23.70 20.36
CA ILE F 303 30.82 -24.10 21.78
C ILE F 303 32.22 -24.39 22.37
N ASP F 304 32.51 -23.78 23.51
CA ASP F 304 33.84 -23.85 24.05
C ASP F 304 34.06 -25.19 24.67
N LEU F 305 34.49 -26.14 23.87
CA LEU F 305 34.54 -27.52 24.38
C LEU F 305 35.80 -28.22 23.95
N SER F 306 36.85 -27.97 24.72
CA SER F 306 38.21 -28.46 24.47
C SER F 306 38.22 -29.90 24.93
N TYR F 307 39.14 -30.69 24.45
CA TYR F 307 39.36 -32.02 24.94
C TYR F 307 39.63 -32.17 26.42
N GLN F 308 40.43 -31.34 27.03
CA GLN F 308 40.75 -31.59 28.42
C GLN F 308 39.78 -30.85 29.30
N SER F 309 38.71 -30.43 28.63
CA SER F 309 37.56 -29.64 29.07
C SER F 309 36.49 -30.48 29.77
N TYR F 310 36.47 -31.79 29.51
CA TYR F 310 35.29 -32.55 29.91
C TYR F 310 35.64 -33.94 30.38
N ASN F 311 34.71 -34.57 31.09
CA ASN F 311 34.90 -35.92 31.56
C ASN F 311 34.42 -36.93 30.57
N THR F 312 35.15 -38.06 30.50
CA THR F 312 34.79 -39.20 29.70
C THR F 312 34.39 -40.45 30.50
N PRO F 313 33.33 -41.14 30.06
CA PRO F 313 32.82 -42.36 30.70
C PRO F 313 33.83 -43.47 30.80
N GLU F 314 33.69 -44.24 31.83
CA GLU F 314 34.64 -45.32 32.08
C GLU F 314 35.00 -46.27 30.93
N GLN F 315 34.01 -46.67 30.14
CA GLN F 315 34.23 -47.63 29.05
C GLN F 315 35.25 -47.21 27.96
N PHE F 316 35.36 -45.92 27.68
CA PHE F 316 36.38 -45.39 26.76
C PHE F 316 37.77 -45.09 27.34
N GLN F 317 37.95 -45.21 28.66
CA GLN F 317 39.25 -44.89 29.24
C GLN F 317 40.19 -46.08 29.16
N ASN F 318 39.98 -47.04 28.27
CA ASN F 318 40.89 -48.20 28.27
C ASN F 318 41.75 -48.52 27.09
N GLY F 319 42.25 -47.51 26.38
CA GLY F 319 42.71 -47.75 25.01
C GLY F 319 41.71 -47.23 23.97
N GLY F 320 40.52 -46.85 24.42
CA GLY F 320 39.52 -46.26 23.52
C GLY F 320 39.56 -44.73 23.37
N SER F 321 38.56 -44.16 22.69
CA SER F 321 38.54 -42.73 22.38
C SER F 321 37.21 -42.25 22.70
N TYR F 322 37.13 -41.02 23.20
CA TYR F 322 35.91 -40.37 23.39
C TYR F 322 36.14 -38.93 23.11
N THR F 323 35.96 -38.54 21.84
CA THR F 323 36.26 -37.19 21.41
C THR F 323 35.00 -36.46 20.92
N ILE F 324 34.65 -35.34 21.58
CA ILE F 324 33.37 -34.70 21.31
C ILE F 324 33.58 -33.21 21.22
N SER F 325 34.86 -32.86 21.07
CA SER F 325 35.38 -31.48 21.10
C SER F 325 34.80 -30.57 20.06
N MET F 326 34.81 -29.27 20.42
CA MET F 326 34.64 -28.16 19.52
C MET F 326 33.40 -28.18 18.58
N PRO F 327 32.19 -28.30 19.14
CA PRO F 327 31.10 -28.30 18.20
C PRO F 327 30.66 -26.88 17.97
N ILE F 328 29.69 -26.72 17.08
CA ILE F 328 29.27 -25.42 16.60
C ILE F 328 27.75 -25.49 16.57
N TYR F 329 27.12 -24.38 16.88
CA TYR F 329 25.69 -24.39 17.08
C TYR F 329 25.03 -23.45 16.12
N ASP F 330 23.89 -23.85 15.58
CA ASP F 330 23.18 -22.98 14.66
C ASP F 330 21.65 -23.14 14.82
N HIS F 331 20.97 -22.02 15.09
CA HIS F 331 19.61 -22.04 15.60
C HIS F 331 18.95 -20.77 15.11
N TYR F 332 17.88 -20.89 14.32
CA TYR F 332 17.16 -19.71 13.81
C TYR F 332 15.94 -19.44 14.66
N PHE F 333 15.55 -18.15 14.76
CA PHE F 333 14.35 -17.74 15.54
C PHE F 333 13.35 -16.93 14.72
N THR F 334 12.06 -17.11 15.02
CA THR F 334 11.00 -16.20 14.55
C THR F 334 10.32 -15.56 15.77
N VAL F 335 10.21 -14.23 15.79
CA VAL F 335 9.68 -13.52 16.98
C VAL F 335 8.28 -12.90 16.83
N ASP F 336 7.49 -13.00 17.90
CA ASP F 336 6.13 -12.50 17.99
C ASP F 336 6.01 -11.34 18.99
N ASP G 26 27.96 -73.12 12.53
CA ASP G 26 26.66 -73.49 11.91
C ASP G 26 25.66 -74.02 12.93
N ASN G 27 25.17 -73.15 13.83
CA ASN G 27 24.07 -73.53 14.72
C ASN G 27 23.25 -72.31 15.02
N VAL G 28 21.93 -72.42 14.93
CA VAL G 28 21.10 -71.25 14.86
C VAL G 28 20.37 -71.04 16.16
N ASN G 29 20.53 -69.84 16.68
CA ASN G 29 19.82 -69.44 17.83
C ASN G 29 18.39 -69.05 17.47
N ILE G 30 17.46 -69.85 18.02
CA ILE G 30 16.03 -69.73 17.87
C ILE G 30 15.42 -69.69 19.31
N PRO G 31 15.40 -68.49 19.97
CA PRO G 31 14.97 -68.23 21.34
C PRO G 31 13.59 -68.72 21.69
N ASP G 32 12.64 -68.59 20.75
CA ASP G 32 11.29 -68.88 21.06
C ASP G 32 11.11 -70.39 20.92
N SER G 33 10.80 -71.08 22.02
CA SER G 33 10.56 -72.56 21.95
C SER G 33 9.53 -73.03 20.93
N THR G 34 8.41 -72.32 20.80
CA THR G 34 7.38 -72.72 19.83
C THR G 34 7.96 -72.73 18.40
N PHE G 35 8.64 -71.67 18.06
CA PHE G 35 9.12 -71.44 16.71
C PHE G 35 10.12 -72.53 16.37
N LYS G 36 11.02 -72.83 17.29
CA LYS G 36 11.99 -73.93 17.10
C LYS G 36 11.39 -75.35 17.03
N ALA G 37 10.36 -75.64 17.80
CA ALA G 37 9.61 -76.88 17.57
C ALA G 37 8.96 -76.91 16.19
N TYR G 38 8.35 -75.81 15.77
CA TYR G 38 7.74 -75.79 14.43
C TYR G 38 8.79 -76.15 13.36
N LEU G 39 9.97 -75.54 13.44
CA LEU G 39 10.99 -75.74 12.40
C LEU G 39 11.56 -77.15 12.48
N ASN G 40 11.71 -77.70 13.70
CA ASN G 40 12.27 -79.03 13.86
C ASN G 40 11.20 -79.94 13.32
N GLY G 41 9.96 -79.51 13.47
CA GLY G 41 8.85 -80.19 12.83
C GLY G 41 8.99 -80.23 11.33
N LEU G 42 9.45 -79.13 10.74
CA LEU G 42 9.65 -79.10 9.28
C LEU G 42 10.86 -79.96 8.92
N LEU G 43 11.89 -79.94 9.75
CA LEU G 43 13.02 -80.86 9.55
C LEU G 43 12.76 -82.34 9.92
N GLY G 44 11.64 -82.62 10.60
CA GLY G 44 11.32 -84.02 11.06
C GLY G 44 12.24 -84.39 12.23
N GLN G 45 12.45 -83.42 13.12
CA GLN G 45 13.23 -83.61 14.35
C GLN G 45 12.34 -83.39 15.62
N ALA G 46 12.82 -83.80 16.79
CA ALA G 46 12.12 -83.55 18.07
C ALA G 46 12.07 -82.08 18.35
N SER G 47 11.18 -81.68 19.26
CA SER G 47 10.81 -80.28 19.46
C SER G 47 11.99 -79.37 19.85
N THR G 48 12.98 -79.96 20.50
CA THR G 48 14.14 -79.20 20.96
C THR G 48 15.45 -79.72 20.37
N ALA G 49 15.41 -80.09 19.10
CA ALA G 49 16.61 -80.55 18.41
C ALA G 49 17.30 -79.39 17.70
N ASN G 50 18.54 -79.12 18.08
CA ASN G 50 19.25 -78.01 17.52
C ASN G 50 19.19 -78.06 16.00
N ILE G 51 19.24 -76.89 15.38
CA ILE G 51 19.14 -76.74 13.92
C ILE G 51 20.34 -75.96 13.38
N THR G 52 20.97 -76.49 12.33
CA THR G 52 22.09 -75.82 11.69
C THR G 52 21.69 -74.85 10.61
N GLU G 53 22.69 -74.05 10.19
CA GLU G 53 22.49 -72.99 9.21
C GLU G 53 22.11 -73.58 7.89
N ALA G 54 22.74 -74.70 7.56
CA ALA G 54 22.45 -75.43 6.35
C ALA G 54 20.99 -75.88 6.30
N GLN G 55 20.54 -76.64 7.33
CA GLN G 55 19.11 -77.00 7.48
C GLN G 55 18.21 -75.77 7.26
N MET G 56 18.46 -74.68 7.99
CA MET G 56 17.70 -73.44 7.80
C MET G 56 17.67 -73.00 6.33
N ASP G 57 18.75 -73.28 5.60
CA ASP G 57 18.83 -72.94 4.21
C ASP G 57 18.05 -73.93 3.35
N SER G 58 17.71 -75.10 3.89
CA SER G 58 16.93 -76.07 3.12
C SER G 58 15.45 -75.75 3.00
N LEU G 59 14.91 -74.98 3.91
CA LEU G 59 13.49 -74.78 4.00
C LEU G 59 13.00 -74.03 2.73
N THR G 60 11.81 -74.39 2.21
CA THR G 60 11.13 -73.63 1.12
C THR G 60 9.96 -72.67 1.51
N TYR G 61 9.33 -72.89 2.66
CA TYR G 61 8.25 -72.02 3.17
C TYR G 61 8.30 -72.19 4.67
N ILE G 62 7.68 -71.22 5.36
CA ILE G 62 7.37 -71.28 6.75
C ILE G 62 5.94 -70.76 6.92
N THR G 63 5.12 -71.44 7.71
CA THR G 63 3.82 -70.96 8.03
C THR G 63 3.60 -71.02 9.54
N LEU G 64 3.29 -69.85 10.09
CA LEU G 64 3.01 -69.68 11.51
C LEU G 64 1.60 -69.23 11.70
N ALA G 65 0.69 -70.18 11.80
CA ALA G 65 -0.68 -69.74 11.89
C ALA G 65 -1.29 -70.16 13.21
N ASN G 66 -1.58 -69.14 14.02
CA ASN G 66 -2.35 -69.24 15.27
C ASN G 66 -1.61 -69.96 16.35
N ILE G 67 -0.29 -69.81 16.38
CA ILE G 67 0.61 -70.35 17.46
C ILE G 67 1.39 -69.21 18.12
N ASN G 68 1.67 -69.28 19.41
CA ASN G 68 2.37 -68.13 19.99
C ASN G 68 3.86 -68.27 19.88
N VAL G 69 4.41 -67.39 19.05
CA VAL G 69 5.81 -67.18 18.90
C VAL G 69 5.92 -65.70 19.16
N THR G 70 6.69 -65.32 20.16
CA THR G 70 6.74 -63.94 20.60
C THR G 70 7.93 -63.30 19.92
N ASP G 71 8.83 -64.16 19.48
CA ASP G 71 10.03 -63.69 18.94
C ASP G 71 10.45 -64.48 17.74
N LEU G 72 10.57 -63.78 16.62
CA LEU G 72 10.88 -64.36 15.32
C LEU G 72 12.37 -64.60 15.07
N THR G 73 13.21 -64.23 16.04
CA THR G 73 14.67 -64.36 15.97
C THR G 73 15.09 -65.74 15.54
N GLY G 74 16.00 -65.82 14.57
CA GLY G 74 16.32 -67.12 13.90
C GLY G 74 15.70 -67.24 12.48
N ILE G 75 14.61 -66.51 12.23
CA ILE G 75 13.97 -66.58 10.90
C ILE G 75 14.90 -66.05 9.76
N GLU G 76 15.92 -65.30 10.17
CA GLU G 76 16.77 -64.61 9.19
C GLU G 76 17.63 -65.62 8.48
N TYR G 77 17.81 -66.79 9.07
CA TYR G 77 18.67 -67.75 8.41
C TYR G 77 17.89 -68.63 7.43
N ALA G 78 16.61 -68.32 7.26
CA ALA G 78 15.81 -69.08 6.30
C ALA G 78 15.94 -68.48 4.90
N HIS G 79 17.15 -68.52 4.39
CA HIS G 79 17.54 -67.57 3.33
C HIS G 79 16.79 -67.79 2.05
N ASN G 80 16.31 -69.01 1.92
CA ASN G 80 15.76 -69.49 0.67
C ASN G 80 14.25 -69.61 0.62
N ILE G 81 13.53 -69.20 1.65
CA ILE G 81 12.09 -69.50 1.61
C ILE G 81 11.45 -68.61 0.56
N LYS G 82 10.42 -69.15 -0.07
CA LYS G 82 9.73 -68.46 -1.16
C LYS G 82 8.43 -67.99 -0.66
N ASP G 83 7.99 -68.54 0.47
CA ASP G 83 6.64 -68.29 0.95
C ASP G 83 6.69 -68.16 2.43
N LEU G 84 6.08 -67.09 2.94
CA LEU G 84 5.97 -67.00 4.35
C LEU G 84 4.61 -66.48 4.69
N THR G 85 3.91 -67.20 5.58
CA THR G 85 2.57 -66.85 6.03
C THR G 85 2.66 -66.77 7.54
N ILE G 86 2.10 -65.72 8.11
CA ILE G 86 2.06 -65.56 9.52
C ILE G 86 0.69 -65.03 9.88
N ASN G 87 0.05 -65.78 10.76
CA ASN G 87 -1.28 -65.42 11.15
C ASN G 87 -1.36 -65.43 12.66
N ASN G 88 -1.56 -64.24 13.21
CA ASN G 88 -1.94 -64.04 14.60
C ASN G 88 -1.00 -64.77 15.52
N ILE G 89 0.16 -64.18 15.75
CA ILE G 89 1.14 -64.89 16.52
C ILE G 89 1.62 -64.01 17.63
N HIS G 90 1.16 -62.77 17.61
CA HIS G 90 1.47 -61.81 18.66
C HIS G 90 2.95 -61.74 18.92
N ALA G 91 3.73 -61.62 17.85
CA ALA G 91 5.12 -61.19 17.96
C ALA G 91 5.14 -59.67 18.08
N THR G 92 6.15 -59.19 18.77
CA THR G 92 6.33 -57.76 19.11
C THR G 92 6.47 -56.93 17.85
N ASN G 93 7.44 -57.37 17.03
CA ASN G 93 7.68 -56.86 15.70
C ASN G 93 8.01 -58.05 14.76
N TYR G 94 8.02 -57.80 13.45
CA TYR G 94 8.36 -58.83 12.46
C TYR G 94 9.60 -58.40 11.73
N ASN G 95 10.39 -57.61 12.43
CA ASN G 95 11.53 -56.95 11.88
C ASN G 95 12.48 -57.84 11.11
N GLN G 96 12.77 -59.05 11.62
CA GLN G 96 13.67 -60.00 10.95
C GLN G 96 13.19 -60.57 9.61
N ILE G 97 12.06 -60.12 9.09
CA ILE G 97 11.72 -60.63 7.74
C ILE G 97 12.49 -59.86 6.66
N SER G 98 13.10 -58.75 7.05
CA SER G 98 13.39 -57.69 6.06
C SER G 98 14.54 -57.94 5.09
N GLY G 99 15.24 -59.05 5.26
CA GLY G 99 16.38 -59.42 4.42
C GLY G 99 16.15 -60.77 3.79
N LEU G 100 14.90 -61.24 3.84
CA LEU G 100 14.46 -62.47 3.17
C LEU G 100 14.16 -62.17 1.69
N SER G 101 15.20 -61.64 1.05
CA SER G 101 15.12 -61.21 -0.33
C SER G 101 14.53 -62.23 -1.29
N ASN G 102 14.56 -63.51 -0.95
CA ASN G 102 14.17 -64.53 -1.94
C ASN G 102 12.71 -64.84 -1.88
N LEU G 103 12.05 -64.09 -1.03
CA LEU G 103 10.66 -64.21 -0.80
C LEU G 103 9.83 -63.78 -2.03
N GLU G 104 8.89 -64.63 -2.45
CA GLU G 104 7.93 -64.30 -3.53
C GLU G 104 6.54 -63.85 -3.00
N ARG G 105 6.11 -64.45 -1.86
CA ARG G 105 4.75 -64.31 -1.36
C ARG G 105 4.70 -64.22 0.13
N LEU G 106 3.99 -63.23 0.65
CA LEU G 106 4.07 -62.93 2.04
C LEU G 106 2.71 -62.54 2.57
N ARG G 107 2.31 -63.18 3.67
CA ARG G 107 1.07 -62.83 4.31
C ARG G 107 1.46 -62.63 5.72
N ILE G 108 1.07 -61.47 6.28
CA ILE G 108 1.06 -61.28 7.71
C ILE G 108 -0.31 -60.77 8.11
N MET G 109 -0.94 -61.39 9.09
CA MET G 109 -2.35 -61.05 9.40
C MET G 109 -2.53 -61.08 10.88
N GLY G 110 -3.64 -60.52 11.37
CA GLY G 110 -3.94 -60.52 12.81
C GLY G 110 -4.32 -59.20 13.46
N ALA G 111 -5.30 -59.30 14.37
CA ALA G 111 -5.97 -58.16 15.01
C ALA G 111 -4.99 -57.24 15.62
N ASP G 112 -3.90 -57.78 16.14
CA ASP G 112 -2.97 -57.02 16.94
C ASP G 112 -1.85 -56.43 16.08
N VAL G 113 -1.87 -56.67 14.78
CA VAL G 113 -0.72 -56.34 13.97
C VAL G 113 -0.90 -54.92 13.50
N THR G 114 0.00 -54.04 13.97
CA THR G 114 -0.13 -52.61 13.74
C THR G 114 1.06 -52.16 12.93
N SER G 115 0.88 -51.07 12.23
CA SER G 115 1.79 -50.74 11.17
C SER G 115 3.22 -50.53 11.64
N ASP G 116 3.41 -50.28 12.94
CA ASP G 116 4.78 -50.02 13.44
C ASP G 116 5.43 -51.35 13.73
N LYS G 117 4.67 -52.42 13.59
CA LYS G 117 5.20 -53.79 13.69
C LYS G 117 5.98 -54.21 12.46
N ILE G 118 5.75 -53.48 11.40
CA ILE G 118 6.19 -53.93 10.12
C ILE G 118 7.37 -53.08 9.70
N PRO G 119 8.47 -53.74 9.39
CA PRO G 119 9.63 -53.01 8.88
C PRO G 119 9.33 -52.47 7.48
N ASN G 120 10.31 -51.78 6.91
CA ASN G 120 10.28 -51.42 5.51
C ASN G 120 10.53 -52.68 4.71
N LEU G 121 9.71 -52.89 3.68
CA LEU G 121 9.84 -54.11 2.93
C LEU G 121 10.67 -53.89 1.67
N SER G 122 11.14 -52.65 1.49
CA SER G 122 11.85 -52.42 0.21
C SER G 122 12.95 -53.44 -0.17
N GLY G 123 13.45 -54.24 0.80
CA GLY G 123 14.55 -55.23 0.53
C GLY G 123 13.97 -56.58 0.09
N LEU G 124 12.66 -56.61 -0.02
CA LEU G 124 11.99 -57.81 -0.54
C LEU G 124 11.87 -57.70 -2.06
N THR G 125 13.00 -57.82 -2.72
CA THR G 125 13.02 -57.45 -4.13
C THR G 125 12.41 -58.43 -5.10
N ASN G 126 12.13 -59.65 -4.64
CA ASN G 126 11.45 -60.67 -5.48
C ASN G 126 9.99 -60.96 -5.12
N LEU G 127 9.49 -60.26 -4.12
CA LEU G 127 8.11 -60.33 -3.64
C LEU G 127 7.07 -59.93 -4.73
N THR G 128 6.23 -60.89 -5.17
CA THR G 128 5.16 -60.61 -6.11
C THR G 128 3.82 -60.46 -5.41
N LEU G 129 3.67 -61.06 -4.21
CA LEU G 129 2.37 -60.92 -3.48
C LEU G 129 2.46 -60.55 -2.00
N LEU G 130 1.79 -59.45 -1.64
CA LEU G 130 1.73 -58.95 -0.33
C LEU G 130 0.30 -59.02 0.19
N ASP G 131 0.12 -59.62 1.36
CA ASP G 131 -1.18 -59.76 2.02
C ASP G 131 -1.03 -59.32 3.49
N LEU G 132 -1.73 -58.28 3.84
CA LEU G 132 -1.58 -57.74 5.17
C LEU G 132 -3.01 -57.53 5.75
N SER G 133 -3.93 -58.37 5.30
CA SER G 133 -5.34 -58.22 5.60
C SER G 133 -5.64 -58.63 7.02
N HIS G 134 -6.88 -58.37 7.42
CA HIS G 134 -7.39 -58.68 8.78
C HIS G 134 -6.46 -58.23 9.86
N SER G 135 -5.92 -56.99 9.74
CA SER G 135 -5.02 -56.42 10.74
C SER G 135 -5.42 -55.03 11.23
N ALA G 136 -4.50 -54.33 11.88
CA ALA G 136 -4.85 -53.03 12.46
C ALA G 136 -3.96 -51.92 11.92
N HIS G 137 -3.77 -51.88 10.63
CA HIS G 137 -2.84 -50.93 10.06
C HIS G 137 -3.53 -49.63 9.89
N ASP G 138 -2.70 -48.61 9.71
CA ASP G 138 -3.17 -47.29 9.38
C ASP G 138 -2.41 -46.87 8.12
N ASP G 139 -2.64 -45.67 7.65
CA ASP G 139 -2.01 -45.20 6.41
C ASP G 139 -0.47 -45.27 6.32
N SER G 140 0.22 -45.36 7.45
CA SER G 140 1.69 -45.31 7.40
C SER G 140 2.29 -46.60 6.84
N ILE G 141 1.48 -47.65 6.75
CA ILE G 141 1.98 -48.88 6.23
C ILE G 141 2.29 -48.67 4.77
N LEU G 142 1.58 -47.74 4.14
CA LEU G 142 1.73 -47.59 2.72
C LEU G 142 3.19 -47.23 2.30
N THR G 143 3.86 -46.31 3.05
CA THR G 143 5.25 -45.94 2.69
C THR G 143 6.28 -47.08 2.81
N LYS G 144 5.93 -48.05 3.63
CA LYS G 144 6.84 -49.16 3.91
C LYS G 144 6.71 -50.24 2.85
N ILE G 145 5.67 -50.10 2.00
CA ILE G 145 5.44 -51.10 0.97
C ILE G 145 5.51 -50.53 -0.44
N ASN G 146 5.40 -49.21 -0.60
CA ASN G 146 5.13 -48.68 -1.92
C ASN G 146 6.38 -48.61 -2.80
N THR G 147 7.44 -49.27 -2.34
CA THR G 147 8.70 -49.26 -3.07
C THR G 147 8.86 -50.58 -3.78
N LEU G 148 8.14 -51.56 -3.28
CA LEU G 148 8.19 -52.92 -3.84
C LEU G 148 8.12 -52.91 -5.37
N PRO G 149 9.21 -53.38 -6.01
CA PRO G 149 9.36 -53.39 -7.48
C PRO G 149 8.55 -54.45 -8.22
N LYS G 150 8.34 -55.61 -7.61
CA LYS G 150 7.64 -56.69 -8.34
C LYS G 150 6.23 -57.08 -7.88
N VAL G 151 5.74 -56.47 -6.82
CA VAL G 151 4.42 -56.77 -6.33
C VAL G 151 3.40 -56.42 -7.40
N THR G 152 2.60 -57.43 -7.76
CA THR G 152 1.45 -57.24 -8.64
C THR G 152 0.08 -57.30 -7.94
N SER G 153 -0.04 -57.95 -6.78
CA SER G 153 -1.24 -57.82 -5.88
C SER G 153 -0.96 -57.56 -4.40
N ILE G 154 -1.74 -56.64 -3.83
CA ILE G 154 -1.66 -56.35 -2.42
C ILE G 154 -3.04 -56.52 -1.81
N ASP G 155 -3.10 -57.12 -0.63
CA ASP G 155 -4.40 -57.28 0.04
C ASP G 155 -4.31 -56.58 1.37
N LEU G 156 -5.16 -55.56 1.52
CA LEU G 156 -5.18 -54.73 2.73
C LEU G 156 -6.61 -54.73 3.30
N SER G 157 -7.44 -55.68 2.84
CA SER G 157 -8.84 -55.70 3.21
C SER G 157 -8.98 -55.95 4.71
N TYR G 158 -10.09 -55.48 5.29
CA TYR G 158 -10.31 -55.64 6.77
C TYR G 158 -9.27 -54.89 7.57
N ASN G 159 -8.82 -53.75 7.03
CA ASN G 159 -8.03 -52.78 7.81
C ASN G 159 -8.78 -51.45 7.93
N GLY G 160 -9.59 -51.32 8.95
CA GLY G 160 -10.62 -50.28 8.94
C GLY G 160 -10.02 -48.88 8.92
N ALA G 161 -8.77 -48.81 9.37
CA ALA G 161 -8.12 -47.52 9.52
C ALA G 161 -7.33 -47.15 8.26
N ILE G 162 -7.54 -47.90 7.17
CA ILE G 162 -6.93 -47.50 5.91
C ILE G 162 -7.92 -46.60 5.13
N THR G 163 -7.50 -45.35 4.82
CA THR G 163 -8.40 -44.25 4.44
C THR G 163 -8.08 -43.64 3.12
N ASP G 164 -6.84 -43.86 2.67
CA ASP G 164 -6.26 -43.20 1.49
C ASP G 164 -5.16 -44.07 0.87
N ILE G 165 -5.38 -44.53 -0.34
CA ILE G 165 -4.48 -45.45 -1.00
C ILE G 165 -3.64 -44.73 -2.03
N MET G 166 -3.76 -43.44 -2.19
CA MET G 166 -3.04 -42.85 -3.31
C MET G 166 -1.49 -43.05 -3.35
N PRO G 167 -0.79 -43.07 -2.18
CA PRO G 167 0.65 -43.34 -2.11
C PRO G 167 1.07 -44.57 -2.80
N LEU G 168 0.12 -45.44 -3.09
CA LEU G 168 0.47 -46.64 -3.77
C LEU G 168 0.61 -46.37 -5.27
N LYS G 169 0.27 -45.17 -5.74
CA LYS G 169 0.36 -44.96 -7.19
C LYS G 169 1.77 -45.15 -7.77
N THR G 170 2.81 -45.09 -6.92
CA THR G 170 4.21 -45.00 -7.36
C THR G 170 4.69 -46.37 -7.72
N MET G 171 4.04 -47.38 -7.14
CA MET G 171 4.36 -48.78 -7.41
C MET G 171 4.36 -49.08 -8.89
N PRO G 172 5.44 -49.71 -9.42
CA PRO G 172 5.54 -50.03 -10.85
C PRO G 172 4.68 -51.21 -11.39
N GLU G 173 4.52 -52.28 -10.60
CA GLU G 173 3.78 -53.47 -11.15
C GLU G 173 2.48 -53.88 -10.44
N LEU G 174 1.97 -53.00 -9.62
CA LEU G 174 0.66 -53.17 -8.95
C LEU G 174 -0.55 -53.21 -9.90
N LYS G 175 -1.27 -54.33 -9.87
CA LYS G 175 -2.27 -54.68 -10.83
C LYS G 175 -3.54 -54.88 -10.02
N SER G 176 -3.39 -55.55 -8.89
CA SER G 176 -4.56 -55.78 -8.07
C SER G 176 -4.47 -55.24 -6.69
N LEU G 177 -5.46 -54.44 -6.28
CA LEU G 177 -5.51 -53.93 -4.90
C LEU G 177 -6.84 -54.21 -4.22
N ASN G 178 -6.75 -54.86 -3.06
CA ASN G 178 -7.93 -55.28 -2.29
C ASN G 178 -8.01 -54.45 -1.02
N ILE G 179 -9.04 -53.61 -0.92
CA ILE G 179 -9.18 -52.76 0.27
C ILE G 179 -10.56 -52.95 0.96
N GLN G 180 -11.17 -54.11 0.78
CA GLN G 180 -12.52 -54.34 1.21
C GLN G 180 -12.66 -54.20 2.70
N PHE G 181 -13.73 -53.49 3.05
CA PHE G 181 -14.04 -53.14 4.44
C PHE G 181 -13.07 -52.16 5.08
N ASP G 182 -12.37 -51.33 4.28
CA ASP G 182 -11.52 -50.24 4.89
C ASP G 182 -12.28 -48.89 5.03
N GLY G 183 -11.61 -47.81 5.38
CA GLY G 183 -12.32 -46.53 5.39
C GLY G 183 -11.92 -45.58 4.27
N VAL G 184 -11.99 -46.03 2.99
CA VAL G 184 -11.52 -45.18 1.83
C VAL G 184 -12.66 -44.40 1.19
N HIS G 185 -12.42 -43.12 0.94
CA HIS G 185 -13.47 -42.22 0.43
C HIS G 185 -13.24 -41.54 -0.89
N ASP G 186 -12.00 -41.53 -1.39
CA ASP G 186 -11.69 -40.62 -2.52
C ASP G 186 -10.89 -41.42 -3.54
N TYR G 187 -11.53 -41.75 -4.66
CA TYR G 187 -10.85 -42.45 -5.76
C TYR G 187 -10.16 -41.54 -6.78
N ARG G 188 -10.07 -40.25 -6.50
CA ARG G 188 -9.42 -39.31 -7.43
C ARG G 188 -7.91 -39.48 -7.41
N GLY G 189 -7.37 -39.82 -8.57
CA GLY G 189 -5.95 -40.09 -8.68
C GLY G 189 -5.79 -41.52 -9.15
N ILE G 190 -6.82 -42.32 -8.97
CA ILE G 190 -6.74 -43.73 -9.34
C ILE G 190 -6.11 -44.00 -10.70
N GLU G 191 -6.36 -43.14 -11.67
CA GLU G 191 -5.76 -43.35 -12.98
C GLU G 191 -4.24 -43.23 -13.08
N ASP G 192 -3.58 -42.63 -12.07
CA ASP G 192 -2.08 -42.49 -12.14
C ASP G 192 -1.37 -43.81 -11.91
N PHE G 193 -2.07 -44.77 -11.29
CA PHE G 193 -1.58 -46.16 -11.10
C PHE G 193 -1.32 -46.68 -12.47
N PRO G 194 -0.02 -46.92 -12.81
CA PRO G 194 0.41 -47.40 -14.13
C PRO G 194 -0.19 -48.74 -14.60
N LYS G 195 -0.46 -49.69 -13.75
CA LYS G 195 -0.98 -50.98 -14.28
C LYS G 195 -2.09 -51.58 -13.45
N LEU G 196 -2.59 -50.88 -12.44
CA LEU G 196 -3.74 -51.35 -11.67
C LEU G 196 -4.93 -51.55 -12.61
N ASN G 197 -5.48 -52.76 -12.59
CA ASN G 197 -6.66 -53.14 -13.37
C ASN G 197 -7.78 -53.88 -12.53
N THR G 198 -7.47 -54.16 -11.26
CA THR G 198 -8.43 -54.74 -10.32
C THR G 198 -8.40 -53.94 -9.02
N LEU G 199 -9.51 -53.28 -8.72
CA LEU G 199 -9.73 -52.60 -7.46
C LEU G 199 -10.99 -53.13 -6.79
N LEU G 200 -10.80 -53.82 -5.68
CA LEU G 200 -11.87 -54.39 -4.88
C LEU G 200 -12.08 -53.56 -3.61
N ALA G 201 -13.06 -52.65 -3.64
CA ALA G 201 -13.32 -51.68 -2.52
C ALA G 201 -14.73 -51.68 -1.93
N TYR G 202 -15.52 -52.72 -2.22
CA TYR G 202 -16.83 -52.89 -1.67
C TYR G 202 -16.90 -52.62 -0.16
N SER G 203 -17.95 -51.90 0.23
CA SER G 203 -18.32 -51.69 1.64
C SER G 203 -17.23 -51.00 2.46
N GLN G 204 -16.75 -49.84 1.98
CA GLN G 204 -15.89 -49.03 2.84
C GLN G 204 -16.71 -48.48 4.01
N THR G 205 -16.10 -48.37 5.20
CA THR G 205 -16.65 -47.55 6.27
C THR G 205 -15.84 -46.33 6.65
N ILE G 206 -16.21 -45.25 6.02
CA ILE G 206 -15.48 -44.03 6.12
C ILE G 206 -15.65 -43.50 7.56
N GLY G 207 -14.53 -43.42 8.29
CA GLY G 207 -14.46 -42.89 9.65
C GLY G 207 -14.91 -43.94 10.66
N GLY G 208 -15.00 -45.18 10.19
CA GLY G 208 -15.22 -46.33 11.03
C GLY G 208 -14.11 -46.62 12.05
N LYS G 209 -12.84 -46.43 11.69
CA LYS G 209 -11.78 -46.63 12.67
C LYS G 209 -11.04 -45.34 12.95
N LYS G 210 -10.61 -44.64 11.89
CA LYS G 210 -9.94 -43.34 12.05
C LYS G 210 -11.10 -42.40 12.08
N LEU G 211 -11.35 -41.82 13.25
CA LEU G 211 -12.61 -41.14 13.50
C LEU G 211 -12.60 -39.76 12.89
N ILE G 212 -13.72 -39.38 12.27
CA ILE G 212 -13.91 -38.05 11.73
C ILE G 212 -14.74 -37.19 12.67
N ASN G 213 -14.14 -36.09 13.09
CA ASN G 213 -14.81 -35.10 13.94
C ASN G 213 -14.65 -33.69 13.36
N SER G 214 -15.74 -32.95 13.28
CA SER G 214 -15.61 -31.54 12.88
C SER G 214 -15.94 -30.58 14.02
N ASP G 215 -15.09 -29.57 14.14
CA ASP G 215 -15.32 -28.52 15.10
C ASP G 215 -16.04 -27.38 14.44
N ILE G 216 -17.31 -27.19 14.77
CA ILE G 216 -18.12 -26.24 13.98
C ILE G 216 -18.95 -25.18 14.74
N LYS G 217 -19.05 -23.97 14.17
CA LYS G 217 -19.86 -22.89 14.77
C LYS G 217 -21.33 -23.16 14.52
N SER G 218 -22.19 -22.70 15.41
CA SER G 218 -23.64 -22.94 15.27
C SER G 218 -24.27 -22.23 14.07
N SER G 219 -23.50 -21.33 13.46
CA SER G 219 -23.92 -20.58 12.26
C SER G 219 -23.88 -21.39 10.94
N LYS G 220 -23.21 -22.55 10.97
CA LYS G 220 -23.19 -23.50 9.84
C LYS G 220 -24.50 -24.29 9.67
N LEU G 221 -25.29 -24.41 10.71
CA LEU G 221 -26.62 -25.02 10.59
C LEU G 221 -27.65 -23.93 10.40
N THR G 222 -28.86 -24.31 10.00
CA THR G 222 -29.97 -23.35 9.94
C THR G 222 -31.15 -23.75 10.80
N TYR G 223 -31.40 -22.97 11.84
CA TYR G 223 -32.58 -23.17 12.67
C TYR G 223 -33.75 -22.32 12.20
N ASN G 224 -34.92 -22.94 12.12
CA ASN G 224 -36.13 -22.21 11.82
C ASN G 224 -37.09 -22.15 13.01
N ALA G 225 -37.40 -20.93 13.42
CA ALA G 225 -38.23 -20.70 14.59
C ALA G 225 -39.64 -21.27 14.43
N GLU G 226 -40.32 -20.85 13.35
CA GLU G 226 -41.76 -21.08 13.19
C GLU G 226 -42.08 -22.57 13.05
N ASN G 227 -41.34 -23.23 12.15
CA ASN G 227 -41.52 -24.65 11.82
C ASN G 227 -40.81 -25.60 12.78
N GLN G 228 -39.89 -25.03 13.56
CA GLN G 228 -39.14 -25.75 14.61
C GLN G 228 -38.37 -26.89 13.96
N THR G 229 -37.47 -26.48 13.06
CA THR G 229 -36.70 -27.44 12.30
C THR G 229 -35.24 -27.05 12.27
N LEU G 230 -34.37 -28.06 12.35
CA LEU G 230 -32.95 -27.90 12.13
C LEU G 230 -32.61 -28.48 10.79
N TYR G 231 -31.89 -27.68 10.01
CA TYR G 231 -31.37 -28.13 8.75
C TYR G 231 -29.84 -28.26 8.79
N VAL G 232 -29.36 -29.43 8.34
CA VAL G 232 -27.95 -29.85 8.34
C VAL G 232 -27.43 -29.97 6.91
N PRO G 233 -26.65 -28.97 6.43
CA PRO G 233 -26.06 -29.03 5.08
C PRO G 233 -25.06 -30.16 4.97
N PHE G 234 -25.22 -31.03 3.96
CA PHE G 234 -24.27 -32.11 3.74
C PHE G 234 -22.97 -31.62 3.15
N SER G 235 -22.80 -30.29 3.10
CA SER G 235 -21.52 -29.73 2.74
C SER G 235 -20.59 -29.81 3.93
N LEU G 236 -21.14 -30.24 5.06
CA LEU G 236 -20.37 -30.45 6.29
C LEU G 236 -19.76 -31.85 6.31
N MET G 237 -20.26 -32.72 5.43
CA MET G 237 -19.78 -34.10 5.35
C MET G 237 -18.56 -34.20 4.44
N THR G 238 -17.48 -33.52 4.82
CA THR G 238 -16.32 -33.33 3.94
C THR G 238 -15.55 -34.58 3.50
N GLU G 239 -15.77 -35.69 4.18
CA GLU G 239 -15.08 -36.94 3.80
C GLU G 239 -15.96 -37.92 3.00
N ARG G 240 -17.12 -37.47 2.49
CA ARG G 240 -18.02 -38.34 1.67
C ARG G 240 -17.32 -38.87 0.44
N THR G 241 -17.86 -39.97 -0.12
CA THR G 241 -17.25 -40.68 -1.24
C THR G 241 -17.21 -39.78 -2.46
N VAL G 242 -16.09 -39.79 -3.17
CA VAL G 242 -15.91 -39.03 -4.41
C VAL G 242 -15.27 -39.95 -5.45
N ASN G 243 -15.95 -40.24 -6.57
CA ASN G 243 -15.39 -41.13 -7.62
C ASN G 243 -14.28 -40.47 -8.47
N TYR G 244 -13.47 -41.26 -9.19
CA TYR G 244 -12.32 -40.70 -9.97
C TYR G 244 -12.72 -39.54 -10.86
N ASP G 245 -13.95 -39.55 -11.36
CA ASP G 245 -14.41 -38.59 -12.38
C ASP G 245 -15.06 -37.37 -11.73
N GLY G 246 -15.25 -37.44 -10.41
CA GLY G 246 -15.76 -36.30 -9.62
C GLY G 246 -17.18 -36.55 -9.12
N TYR G 247 -17.81 -37.61 -9.60
CA TYR G 247 -19.17 -37.90 -9.15
C TYR G 247 -19.26 -38.06 -7.62
N VAL G 248 -20.11 -37.23 -6.98
CA VAL G 248 -20.45 -37.33 -5.56
C VAL G 248 -21.83 -37.95 -5.31
N PRO G 249 -21.88 -39.28 -5.08
CA PRO G 249 -23.17 -39.96 -4.93
C PRO G 249 -23.93 -39.46 -3.73
N ASP G 250 -25.21 -39.81 -3.68
CA ASP G 250 -26.08 -39.32 -2.62
C ASP G 250 -26.09 -40.29 -1.42
N PHE G 251 -26.39 -39.75 -0.23
CA PHE G 251 -26.80 -40.55 0.93
C PHE G 251 -28.21 -41.03 0.65
N VAL G 252 -28.51 -42.25 1.09
CA VAL G 252 -29.84 -42.82 0.87
C VAL G 252 -30.88 -41.94 1.56
N LYS G 253 -32.12 -42.03 1.10
CA LYS G 253 -33.18 -41.15 1.54
C LYS G 253 -33.88 -41.77 2.74
N SER G 254 -33.64 -43.06 2.96
CA SER G 254 -34.24 -43.84 4.06
C SER G 254 -33.98 -43.27 5.45
N THR G 255 -35.01 -43.24 6.30
CA THR G 255 -34.86 -42.78 7.67
C THR G 255 -34.98 -43.96 8.62
N ALA G 256 -35.15 -45.15 8.06
CA ALA G 256 -35.12 -46.41 8.81
C ALA G 256 -33.77 -46.60 9.52
N SER G 257 -33.79 -47.20 10.71
CA SER G 257 -32.58 -47.29 11.57
C SER G 257 -31.38 -48.07 11.00
N SER G 258 -31.59 -48.75 9.89
CA SER G 258 -30.57 -49.62 9.37
C SER G 258 -29.94 -48.96 8.16
N ASP G 259 -30.47 -47.79 7.80
CA ASP G 259 -29.93 -46.97 6.71
C ASP G 259 -29.42 -45.63 7.21
N THR G 260 -30.05 -45.11 8.26
CA THR G 260 -29.68 -43.82 8.81
C THR G 260 -29.76 -43.84 10.35
N TYR G 261 -28.83 -43.16 10.99
CA TYR G 261 -28.77 -43.12 12.43
C TYR G 261 -28.16 -41.79 12.76
N PHE G 262 -29.00 -40.85 13.17
CA PHE G 262 -28.54 -39.52 13.54
C PHE G 262 -28.56 -39.32 15.06
N THR G 263 -27.80 -38.34 15.54
CA THR G 263 -27.62 -38.13 16.95
C THR G 263 -27.52 -36.65 17.30
N MET G 264 -28.27 -36.26 18.32
CA MET G 264 -28.07 -34.95 18.90
C MET G 264 -27.77 -35.14 20.35
N ASN G 265 -26.75 -34.41 20.80
CA ASN G 265 -26.30 -34.49 22.17
C ASN G 265 -26.30 -35.95 22.62
N GLU G 266 -25.69 -36.78 21.76
CA GLU G 266 -25.51 -38.23 21.97
C GLU G 266 -26.79 -39.02 22.14
N GLN G 267 -27.89 -38.48 21.63
CA GLN G 267 -29.20 -39.15 21.69
C GLN G 267 -29.72 -39.49 20.29
N GLN G 268 -29.93 -40.78 20.01
CA GLN G 268 -30.43 -41.16 18.69
C GLN G 268 -31.71 -40.43 18.37
N VAL G 269 -31.71 -39.68 17.28
CA VAL G 269 -32.89 -39.00 16.80
C VAL G 269 -33.81 -39.97 16.10
N ASN G 270 -35.11 -39.86 16.34
CA ASN G 270 -36.07 -40.79 15.77
C ASN G 270 -36.25 -40.58 14.27
N GLY G 271 -36.37 -41.69 13.53
CA GLY G 271 -36.49 -41.69 12.08
C GLY G 271 -37.63 -40.80 11.60
N ASN G 272 -38.67 -40.72 12.42
CA ASN G 272 -39.91 -40.01 12.12
C ASN G 272 -39.74 -38.50 12.04
N ARG G 273 -38.78 -37.98 12.80
CA ARG G 273 -38.52 -36.53 12.84
C ARG G 273 -37.61 -36.01 11.69
N LEU G 274 -37.32 -36.86 10.71
CA LEU G 274 -36.28 -36.57 9.70
C LEU G 274 -36.71 -36.51 8.21
N THR G 275 -36.18 -35.51 7.52
CA THR G 275 -36.31 -35.36 6.05
C THR G 275 -34.93 -35.21 5.40
N ILE G 276 -34.67 -36.04 4.40
CA ILE G 276 -33.37 -36.02 3.73
C ILE G 276 -33.47 -35.51 2.29
N THR G 277 -32.71 -34.44 2.01
CA THR G 277 -32.65 -33.87 0.67
C THR G 277 -31.22 -33.97 0.15
N SER G 278 -31.07 -34.04 -1.18
CA SER G 278 -29.73 -34.19 -1.78
C SER G 278 -28.78 -33.25 -1.08
N ASP G 279 -29.33 -32.14 -0.63
CA ASP G 279 -28.58 -31.02 -0.06
C ASP G 279 -28.41 -31.08 1.47
N GLY G 280 -29.23 -31.91 2.11
CA GLY G 280 -29.13 -32.07 3.55
C GLY G 280 -30.24 -32.79 4.29
N LEU G 281 -30.07 -32.78 5.59
CA LEU G 281 -30.98 -33.42 6.51
C LEU G 281 -31.77 -32.34 7.24
N THR G 282 -33.07 -32.54 7.31
CA THR G 282 -33.92 -31.71 8.18
C THR G 282 -34.51 -32.49 9.38
N VAL G 283 -34.39 -31.87 10.56
CA VAL G 283 -34.91 -32.42 11.79
C VAL G 283 -36.17 -31.66 12.20
N SER G 284 -37.28 -32.37 12.37
CA SER G 284 -38.54 -31.77 12.84
C SER G 284 -38.59 -31.65 14.39
N ASP G 285 -39.56 -30.87 14.87
CA ASP G 285 -39.87 -30.69 16.31
C ASP G 285 -38.70 -30.19 17.20
N VAL G 286 -38.00 -29.14 16.75
CA VAL G 286 -36.90 -28.55 17.52
C VAL G 286 -37.23 -27.14 18.03
N SER G 287 -37.43 -27.00 19.34
CA SER G 287 -37.57 -25.69 19.98
C SER G 287 -36.23 -24.97 20.00
N LYS G 288 -36.28 -23.63 20.07
CA LYS G 288 -35.10 -22.79 20.29
C LYS G 288 -34.30 -23.27 21.49
N THR G 289 -35.03 -23.77 22.50
CA THR G 289 -34.48 -24.47 23.65
C THR G 289 -33.51 -25.57 23.23
N ASP G 290 -34.01 -26.45 22.37
CA ASP G 290 -33.22 -27.54 21.87
C ASP G 290 -31.99 -27.07 21.11
N PHE G 291 -32.17 -26.03 20.28
CA PHE G 291 -31.06 -25.48 19.45
C PHE G 291 -29.95 -24.84 20.27
N ASP G 292 -30.30 -24.06 21.30
CA ASP G 292 -29.26 -23.51 22.17
C ASP G 292 -28.48 -24.66 22.82
N ASN G 293 -29.23 -25.65 23.32
CA ASN G 293 -28.68 -26.85 23.95
C ASN G 293 -28.24 -27.94 22.97
N LEU G 294 -27.22 -27.61 22.17
CA LEU G 294 -26.66 -28.55 21.22
C LEU G 294 -25.15 -28.38 21.17
N GLU G 295 -24.43 -29.44 21.51
CA GLU G 295 -22.98 -29.44 21.48
C GLU G 295 -22.49 -30.51 20.53
N LYS G 296 -23.27 -31.58 20.43
CA LYS G 296 -22.80 -32.78 19.76
C LYS G 296 -23.82 -33.27 18.73
N MET G 297 -23.28 -33.72 17.59
CA MET G 297 -24.07 -34.46 16.60
C MET G 297 -23.27 -35.66 16.10
N GLU G 298 -23.98 -36.69 15.61
CA GLU G 298 -23.37 -37.73 14.79
C GLU G 298 -24.22 -38.12 13.57
N TYR G 299 -23.67 -37.97 12.38
CA TYR G 299 -24.37 -38.48 11.21
C TYR G 299 -23.74 -39.80 10.76
N ASN G 300 -24.54 -40.84 10.86
CA ASN G 300 -24.14 -42.15 10.43
C ASN G 300 -25.10 -42.68 9.36
N ALA G 301 -24.64 -42.71 8.11
CA ALA G 301 -25.49 -42.99 6.96
C ALA G 301 -24.83 -43.83 5.86
N ARG G 302 -25.61 -44.72 5.26
CA ARG G 302 -25.17 -45.43 4.07
C ARG G 302 -25.19 -44.49 2.87
N ILE G 303 -24.27 -44.72 1.94
CA ILE G 303 -24.17 -43.92 0.72
C ILE G 303 -24.74 -44.74 -0.46
N ASP G 304 -25.58 -44.09 -1.25
CA ASP G 304 -26.27 -44.72 -2.37
C ASP G 304 -25.34 -44.85 -3.56
N LEU G 305 -24.38 -45.78 -3.45
CA LEU G 305 -23.44 -46.07 -4.54
C LEU G 305 -23.69 -47.50 -4.93
N SER G 306 -24.76 -47.69 -5.68
CA SER G 306 -25.16 -48.98 -6.18
C SER G 306 -24.30 -49.33 -7.40
N TYR G 307 -24.16 -50.63 -7.68
CA TYR G 307 -23.18 -51.11 -8.70
C TYR G 307 -23.24 -50.41 -10.05
N GLN G 308 -24.44 -50.22 -10.59
CA GLN G 308 -24.52 -49.78 -11.96
C GLN G 308 -24.65 -48.26 -12.04
N SER G 309 -24.53 -47.62 -10.88
CA SER G 309 -24.76 -46.17 -10.79
C SER G 309 -23.53 -45.27 -11.10
N TYR G 310 -22.36 -45.86 -11.39
CA TYR G 310 -21.11 -45.06 -11.53
C TYR G 310 -20.19 -45.53 -12.63
N ASN G 311 -19.41 -44.61 -13.21
CA ASN G 311 -18.44 -45.07 -14.23
C ASN G 311 -17.14 -45.61 -13.69
N THR G 312 -16.69 -46.70 -14.31
CA THR G 312 -15.37 -47.23 -14.07
C THR G 312 -14.39 -46.67 -15.12
N PRO G 313 -13.19 -46.29 -14.67
CA PRO G 313 -12.20 -45.73 -15.59
C PRO G 313 -11.65 -46.83 -16.51
N GLU G 314 -10.95 -46.40 -17.55
CA GLU G 314 -10.64 -47.24 -18.69
C GLU G 314 -9.78 -48.42 -18.38
N GLN G 315 -8.72 -48.17 -17.61
CA GLN G 315 -7.78 -49.24 -17.24
C GLN G 315 -8.41 -50.51 -16.64
N PHE G 316 -9.56 -50.35 -15.96
CA PHE G 316 -10.27 -51.51 -15.36
C PHE G 316 -11.24 -52.23 -16.28
N GLN G 317 -11.54 -51.67 -17.45
CA GLN G 317 -12.59 -52.22 -18.37
C GLN G 317 -12.24 -53.32 -19.35
N ASN G 318 -11.13 -54.00 -19.22
CA ASN G 318 -10.92 -55.05 -20.20
C ASN G 318 -10.66 -56.44 -19.65
N GLY G 319 -11.44 -56.84 -18.65
CA GLY G 319 -11.09 -58.00 -17.86
C GLY G 319 -10.86 -57.56 -16.43
N GLY G 320 -10.70 -56.25 -16.23
CA GLY G 320 -10.52 -55.66 -14.91
C GLY G 320 -11.77 -55.55 -14.08
N SER G 321 -11.58 -55.20 -12.79
CA SER G 321 -12.67 -54.93 -11.86
C SER G 321 -12.47 -53.65 -11.12
N TYR G 322 -13.60 -53.05 -10.77
CA TYR G 322 -13.65 -51.77 -10.10
C TYR G 322 -14.96 -51.68 -9.33
N THR G 323 -14.95 -52.20 -8.10
CA THR G 323 -16.13 -52.27 -7.26
C THR G 323 -15.95 -51.37 -6.05
N ILE G 324 -16.63 -50.24 -6.06
CA ILE G 324 -16.47 -49.26 -4.99
C ILE G 324 -17.80 -49.04 -4.28
N SER G 325 -18.63 -50.10 -4.27
CA SER G 325 -20.05 -50.05 -3.96
C SER G 325 -20.37 -50.01 -2.49
N MET G 326 -21.45 -49.27 -2.21
CA MET G 326 -22.16 -49.31 -0.95
C MET G 326 -21.34 -48.90 0.29
N PRO G 327 -20.70 -47.71 0.24
CA PRO G 327 -20.04 -47.33 1.46
C PRO G 327 -20.99 -46.83 2.55
N ILE G 328 -20.46 -46.86 3.77
CA ILE G 328 -21.05 -46.21 4.89
C ILE G 328 -20.22 -44.96 5.36
N TYR G 329 -20.93 -43.90 5.72
CA TYR G 329 -20.32 -42.69 6.34
C TYR G 329 -20.53 -42.55 7.86
N ASP G 330 -19.51 -42.02 8.55
CA ASP G 330 -19.59 -41.75 9.97
C ASP G 330 -18.83 -40.47 10.37
N HIS G 331 -19.57 -39.45 10.82
CA HIS G 331 -19.06 -38.11 11.08
C HIS G 331 -19.54 -37.61 12.42
N TYR G 332 -18.63 -37.16 13.28
CA TYR G 332 -19.04 -36.58 14.56
C TYR G 332 -18.80 -35.08 14.65
N PHE G 333 -19.65 -34.40 15.42
CA PHE G 333 -19.66 -32.92 15.50
C PHE G 333 -19.72 -32.36 16.90
N THR G 334 -18.92 -31.31 17.10
CA THR G 334 -19.07 -30.39 18.23
C THR G 334 -19.53 -29.03 17.71
N VAL G 335 -20.66 -28.57 18.25
CA VAL G 335 -21.31 -27.28 17.91
C VAL G 335 -20.92 -26.16 18.91
N ASP G 336 -20.54 -24.99 18.38
CA ASP G 336 -20.20 -23.83 19.21
C ASP G 336 -21.34 -22.81 19.24
N ASP H 26 28.68 -61.16 -32.18
CA ASP H 26 27.39 -61.02 -32.88
C ASP H 26 26.22 -61.37 -31.96
N ASN H 27 25.78 -60.45 -31.11
CA ASN H 27 24.75 -60.80 -30.11
C ASN H 27 23.93 -59.58 -29.74
N VAL H 28 22.60 -59.64 -29.92
CA VAL H 28 21.75 -58.43 -29.87
C VAL H 28 21.17 -58.12 -28.49
N ASN H 29 21.31 -56.86 -28.08
CA ASN H 29 20.73 -56.42 -26.87
C ASN H 29 19.26 -56.01 -27.04
N ILE H 30 18.41 -56.67 -26.27
CA ILE H 30 16.98 -56.54 -26.38
C ILE H 30 16.55 -56.52 -24.91
N PRO H 31 16.47 -55.32 -24.33
CA PRO H 31 16.16 -55.00 -22.92
C PRO H 31 14.76 -55.41 -22.45
N ASP H 32 13.77 -55.35 -23.33
CA ASP H 32 12.42 -55.64 -22.92
C ASP H 32 12.24 -57.13 -22.90
N SER H 33 11.84 -57.68 -21.76
CA SER H 33 11.79 -59.15 -21.66
C SER H 33 10.59 -59.82 -22.41
N THR H 34 9.44 -59.16 -22.43
CA THR H 34 8.31 -59.58 -23.35
C THR H 34 8.76 -59.71 -24.80
N PHE H 35 9.37 -58.65 -25.30
CA PHE H 35 9.85 -58.56 -26.70
C PHE H 35 10.83 -59.69 -26.98
N LYS H 36 11.82 -59.86 -26.08
CA LYS H 36 12.81 -60.93 -26.21
C LYS H 36 12.20 -62.32 -26.23
N ALA H 37 11.20 -62.53 -25.37
CA ALA H 37 10.56 -63.82 -25.30
C ALA H 37 9.73 -64.08 -26.55
N TYR H 38 9.11 -63.03 -27.12
CA TYR H 38 8.42 -63.14 -28.42
C TYR H 38 9.36 -63.59 -29.55
N LEU H 39 10.52 -62.92 -29.64
CA LEU H 39 11.48 -63.19 -30.75
C LEU H 39 12.10 -64.54 -30.67
N ASN H 40 12.59 -64.86 -29.48
CA ASN H 40 13.02 -66.23 -29.21
C ASN H 40 11.93 -67.21 -29.56
N GLY H 41 10.69 -66.86 -29.23
CA GLY H 41 9.49 -67.60 -29.69
C GLY H 41 9.55 -67.94 -31.18
N LEU H 42 9.66 -66.92 -32.03
CA LEU H 42 9.82 -67.14 -33.46
C LEU H 42 11.03 -68.02 -33.76
N LEU H 43 12.12 -67.84 -32.99
CA LEU H 43 13.34 -68.63 -33.18
C LEU H 43 13.26 -70.08 -32.66
N GLY H 44 12.27 -70.37 -31.83
CA GLY H 44 12.16 -71.69 -31.25
C GLY H 44 13.23 -71.83 -30.21
N GLN H 45 13.41 -70.82 -29.38
CA GLN H 45 14.38 -70.85 -28.28
C GLN H 45 13.65 -70.43 -27.03
N ALA H 46 14.30 -70.68 -25.90
CA ALA H 46 13.79 -70.38 -24.57
C ALA H 46 13.51 -68.92 -24.51
N SER H 47 12.68 -68.50 -23.55
CA SER H 47 12.22 -67.11 -23.52
C SER H 47 13.33 -66.13 -23.25
N THR H 48 14.27 -66.51 -22.38
CA THR H 48 15.42 -65.63 -22.06
C THR H 48 16.70 -65.85 -22.87
N ALA H 49 16.76 -66.85 -23.75
CA ALA H 49 18.02 -67.12 -24.47
C ALA H 49 18.57 -65.91 -25.24
N ASN H 50 19.75 -66.11 -25.82
CA ASN H 50 20.40 -65.10 -26.59
C ASN H 50 20.09 -65.20 -28.06
N ILE H 51 19.95 -64.02 -28.67
CA ILE H 51 19.64 -63.88 -30.09
C ILE H 51 20.80 -63.25 -30.83
N THR H 52 21.29 -63.91 -31.86
CA THR H 52 22.43 -63.39 -32.62
C THR H 52 21.97 -62.43 -33.70
N GLU H 53 22.94 -61.68 -34.22
CA GLU H 53 22.66 -60.66 -35.21
C GLU H 53 22.12 -61.34 -36.43
N ALA H 54 22.72 -62.47 -36.77
CA ALA H 54 22.24 -63.30 -37.90
C ALA H 54 20.77 -63.73 -37.72
N GLN H 55 20.46 -64.36 -36.59
CA GLN H 55 19.07 -64.67 -36.25
C GLN H 55 18.10 -63.50 -36.50
N MET H 56 18.44 -62.32 -35.99
CA MET H 56 17.59 -61.17 -36.19
C MET H 56 17.39 -60.87 -37.67
N ASP H 57 18.45 -61.15 -38.46
CA ASP H 57 18.44 -60.86 -39.88
C ASP H 57 17.57 -61.87 -40.59
N SER H 58 17.37 -63.05 -39.98
CA SER H 58 16.50 -64.10 -40.58
C SER H 58 14.99 -63.86 -40.57
N LEU H 59 14.52 -62.95 -39.75
CA LEU H 59 13.09 -62.83 -39.51
C LEU H 59 12.53 -62.12 -40.72
N THR H 60 11.31 -62.46 -41.12
CA THR H 60 10.65 -61.84 -42.27
C THR H 60 9.48 -60.94 -41.84
N TYR H 61 8.91 -61.25 -40.66
CA TYR H 61 7.81 -60.48 -40.10
C TYR H 61 7.91 -60.44 -38.59
N ILE H 62 7.24 -59.45 -38.00
CA ILE H 62 7.17 -59.30 -36.61
C ILE H 62 5.79 -58.81 -36.32
N THR H 63 5.07 -59.50 -35.43
CA THR H 63 3.78 -59.06 -34.98
C THR H 63 3.73 -58.99 -33.49
N LEU H 64 3.42 -57.80 -32.99
CA LEU H 64 3.22 -57.59 -31.59
C LEU H 64 1.86 -57.02 -31.33
N ALA H 65 1.00 -57.87 -30.78
CA ALA H 65 -0.38 -57.58 -30.61
C ALA H 65 -0.82 -57.83 -29.15
N ASN H 66 -1.23 -56.79 -28.48
CA ASN H 66 -1.64 -56.95 -27.10
C ASN H 66 -0.67 -57.70 -26.18
N ILE H 67 0.61 -57.45 -26.35
CA ILE H 67 1.56 -57.85 -25.34
C ILE H 67 2.19 -56.56 -24.89
N ASN H 68 2.75 -56.52 -23.69
CA ASN H 68 3.30 -55.29 -23.14
C ASN H 68 4.85 -55.21 -23.34
N VAL H 69 5.21 -54.47 -24.38
CA VAL H 69 6.59 -54.18 -24.80
C VAL H 69 6.71 -52.66 -24.66
N THR H 70 7.41 -52.18 -23.64
CA THR H 70 7.57 -50.75 -23.37
C THR H 70 8.75 -50.18 -24.15
N ASP H 71 9.67 -51.05 -24.55
CA ASP H 71 10.92 -50.70 -25.19
C ASP H 71 11.14 -51.62 -26.38
N LEU H 72 11.28 -51.05 -27.58
CA LEU H 72 11.49 -51.79 -28.82
C LEU H 72 12.96 -51.88 -29.20
N THR H 73 13.87 -51.45 -28.31
CA THR H 73 15.33 -51.57 -28.50
C THR H 73 15.71 -52.97 -28.94
N GLY H 74 16.46 -53.11 -30.03
CA GLY H 74 16.66 -54.41 -30.63
C GLY H 74 15.98 -54.55 -32.01
N ILE H 75 14.93 -53.77 -32.23
CA ILE H 75 14.16 -54.02 -33.43
C ILE H 75 14.94 -53.59 -34.68
N GLU H 76 15.89 -52.66 -34.45
CA GLU H 76 16.80 -52.13 -35.51
C GLU H 76 17.60 -53.20 -36.24
N TYR H 77 17.71 -54.39 -35.64
CA TYR H 77 18.53 -55.46 -36.23
C TYR H 77 17.74 -56.40 -37.15
N ALA H 78 16.42 -56.24 -37.14
CA ALA H 78 15.53 -57.01 -38.06
C ALA H 78 15.64 -56.46 -39.47
N HIS H 79 16.86 -56.40 -40.03
CA HIS H 79 17.07 -55.67 -41.29
C HIS H 79 16.22 -56.16 -42.43
N ASN H 80 15.68 -57.35 -42.30
CA ASN H 80 15.03 -57.98 -43.46
C ASN H 80 13.51 -58.17 -43.37
N ILE H 81 12.91 -57.72 -42.27
CA ILE H 81 11.48 -57.92 -42.11
C ILE H 81 10.71 -57.05 -43.07
N LYS H 82 9.77 -57.71 -43.71
CA LYS H 82 8.91 -57.15 -44.73
C LYS H 82 7.61 -56.62 -44.17
N ASP H 83 7.19 -57.10 -43.01
CA ASP H 83 5.96 -56.63 -42.44
C ASP H 83 6.19 -56.34 -40.99
N LEU H 84 5.65 -55.24 -40.50
CA LEU H 84 5.65 -55.13 -39.10
C LEU H 84 4.29 -54.63 -38.62
N THR H 85 3.68 -55.42 -37.72
CA THR H 85 2.38 -55.18 -37.24
C THR H 85 2.36 -55.01 -35.75
N ILE H 86 1.94 -53.86 -35.33
CA ILE H 86 2.04 -53.58 -33.95
C ILE H 86 0.74 -53.05 -33.41
N ASN H 87 0.20 -53.69 -32.39
CA ASN H 87 -1.10 -53.30 -31.86
C ASN H 87 -1.18 -53.33 -30.31
N ASN H 88 -1.38 -52.13 -29.74
CA ASN H 88 -1.70 -51.94 -28.36
C ASN H 88 -0.59 -52.48 -27.45
N ILE H 89 0.65 -52.11 -27.76
CA ILE H 89 1.80 -52.52 -26.90
C ILE H 89 2.31 -51.52 -25.86
N HIS H 90 1.85 -50.29 -25.89
CA HIS H 90 2.33 -49.33 -24.89
C HIS H 90 3.81 -48.95 -24.85
N ALA H 91 4.41 -48.81 -26.04
CA ALA H 91 5.81 -48.42 -26.12
C ALA H 91 5.82 -46.96 -25.86
N THR H 92 6.89 -46.45 -25.25
CA THR H 92 7.07 -44.99 -25.02
C THR H 92 7.25 -44.30 -26.35
N ASN H 93 7.95 -44.97 -27.27
CA ASN H 93 8.04 -44.51 -28.67
C ASN H 93 8.37 -45.65 -29.61
N TYR H 94 8.28 -45.38 -30.93
CA TYR H 94 8.54 -46.38 -32.01
C TYR H 94 9.74 -45.96 -32.88
N ASN H 95 10.63 -45.12 -32.33
CA ASN H 95 11.71 -44.52 -33.10
C ASN H 95 12.67 -45.42 -33.81
N GLN H 96 12.95 -46.58 -33.24
CA GLN H 96 13.87 -47.51 -33.87
C GLN H 96 13.27 -48.23 -35.07
N ILE H 97 12.11 -47.79 -35.58
CA ILE H 97 11.67 -48.40 -36.83
C ILE H 97 12.36 -47.67 -37.98
N SER H 98 12.98 -46.54 -37.66
CA SER H 98 13.23 -45.50 -38.66
C SER H 98 14.23 -45.77 -39.72
N GLY H 99 15.04 -46.80 -39.54
CA GLY H 99 15.89 -47.36 -40.59
C GLY H 99 15.61 -48.79 -41.05
N LEU H 100 14.36 -49.23 -40.93
CA LEU H 100 13.99 -50.54 -41.45
C LEU H 100 13.57 -50.34 -42.91
N SER H 101 14.57 -49.94 -43.71
CA SER H 101 14.39 -49.67 -45.12
C SER H 101 13.68 -50.75 -45.96
N ASN H 102 13.85 -52.03 -45.61
CA ASN H 102 13.24 -53.12 -46.40
C ASN H 102 11.77 -53.40 -46.12
N LEU H 103 11.18 -52.61 -45.23
CA LEU H 103 9.84 -52.86 -44.75
C LEU H 103 8.81 -52.52 -45.85
N GLU H 104 7.94 -53.48 -46.24
CA GLU H 104 6.89 -53.20 -47.28
C GLU H 104 5.58 -52.70 -46.66
N ARG H 105 5.22 -53.24 -45.51
CA ARG H 105 3.90 -53.02 -44.92
C ARG H 105 3.95 -52.79 -43.39
N LEU H 106 3.30 -51.76 -42.90
CA LEU H 106 3.56 -51.32 -41.56
C LEU H 106 2.31 -50.90 -40.89
N ARG H 107 1.96 -51.50 -39.76
CA ARG H 107 0.79 -51.11 -38.99
C ARG H 107 1.22 -50.80 -37.61
N ILE H 108 0.84 -49.63 -37.11
CA ILE H 108 1.05 -49.37 -35.73
C ILE H 108 -0.29 -48.77 -35.31
N MET H 109 -0.91 -49.29 -34.23
CA MET H 109 -2.23 -48.80 -33.72
C MET H 109 -2.20 -48.96 -32.22
N GLY H 110 -3.09 -48.28 -31.49
CA GLY H 110 -3.26 -48.35 -30.09
C GLY H 110 -3.77 -47.01 -29.65
N ALA H 111 -4.59 -46.99 -28.61
CA ALA H 111 -5.23 -45.74 -28.18
C ALA H 111 -4.20 -44.72 -27.74
N ASP H 112 -3.08 -45.20 -27.19
CA ASP H 112 -2.20 -44.30 -26.48
C ASP H 112 -1.13 -43.74 -27.41
N VAL H 113 -1.12 -44.17 -28.65
CA VAL H 113 -0.06 -43.78 -29.58
C VAL H 113 -0.33 -42.41 -30.19
N THR H 114 0.37 -41.41 -29.67
CA THR H 114 0.23 -40.04 -30.09
C THR H 114 1.24 -39.89 -31.20
N SER H 115 1.12 -38.80 -31.96
CA SER H 115 2.00 -38.58 -33.10
C SER H 115 3.50 -38.35 -32.76
N ASP H 116 3.85 -37.84 -31.58
CA ASP H 116 5.26 -37.60 -31.23
C ASP H 116 5.97 -38.89 -31.04
N LYS H 117 5.25 -40.01 -31.14
CA LYS H 117 5.84 -41.26 -30.72
C LYS H 117 6.42 -41.86 -31.93
N ILE H 118 6.03 -41.27 -33.05
CA ILE H 118 6.31 -41.85 -34.32
C ILE H 118 7.37 -40.99 -34.98
N PRO H 119 8.50 -41.58 -35.36
CA PRO H 119 9.57 -40.80 -36.00
C PRO H 119 9.21 -40.39 -37.42
N ASN H 120 9.94 -39.47 -38.05
CA ASN H 120 9.88 -39.31 -39.52
C ASN H 120 10.06 -40.62 -40.28
N LEU H 121 9.18 -40.92 -41.24
CA LEU H 121 9.27 -42.20 -41.92
C LEU H 121 9.96 -42.18 -43.31
N SER H 122 10.54 -41.03 -43.65
CA SER H 122 11.27 -40.92 -44.94
C SER H 122 12.22 -41.99 -45.35
N GLY H 123 13.01 -42.58 -44.47
CA GLY H 123 13.86 -43.70 -44.91
C GLY H 123 13.17 -45.08 -45.16
N LEU H 124 11.84 -45.20 -45.05
CA LEU H 124 11.21 -46.52 -45.37
C LEU H 124 10.88 -46.49 -46.84
N THR H 125 11.95 -46.66 -47.64
CA THR H 125 11.91 -46.37 -49.10
C THR H 125 11.19 -47.46 -49.91
N ASN H 126 10.88 -48.57 -49.26
CA ASN H 126 10.07 -49.63 -49.85
C ASN H 126 8.65 -49.81 -49.26
N LEU H 127 8.25 -48.95 -48.34
CA LEU H 127 6.89 -48.99 -47.81
C LEU H 127 5.82 -48.77 -48.86
N THR H 128 5.02 -49.82 -49.16
CA THR H 128 3.82 -49.67 -49.99
C THR H 128 2.50 -49.52 -49.17
N LEU H 129 2.42 -50.11 -47.97
CA LEU H 129 1.26 -49.88 -47.06
C LEU H 129 1.56 -49.20 -45.75
N LEU H 130 0.86 -48.12 -45.41
CA LEU H 130 0.95 -47.59 -44.04
C LEU H 130 -0.40 -47.68 -43.40
N ASP H 131 -0.42 -47.98 -42.08
CA ASP H 131 -1.68 -48.13 -41.31
C ASP H 131 -1.50 -47.66 -39.90
N LEU H 132 -2.13 -46.55 -39.56
CA LEU H 132 -1.92 -45.94 -38.25
C LEU H 132 -3.25 -45.78 -37.56
N SER H 133 -4.14 -46.73 -37.80
CA SER H 133 -5.54 -46.54 -37.50
C SER H 133 -5.73 -46.74 -36.02
N HIS H 134 -6.81 -46.22 -35.46
CA HIS H 134 -7.25 -46.51 -34.04
C HIS H 134 -6.29 -46.04 -33.04
N SER H 135 -5.77 -44.83 -33.23
CA SER H 135 -4.78 -44.27 -32.33
C SER H 135 -5.24 -42.86 -31.95
N ALA H 136 -4.35 -42.08 -31.35
CA ALA H 136 -4.68 -40.69 -31.01
C ALA H 136 -3.79 -39.66 -31.79
N HIS H 137 -3.82 -39.78 -33.12
CA HIS H 137 -2.99 -38.92 -33.94
C HIS H 137 -3.63 -37.59 -34.17
N ASP H 138 -2.80 -36.56 -34.27
CA ASP H 138 -3.22 -35.22 -34.57
C ASP H 138 -2.61 -34.90 -35.95
N ASP H 139 -2.83 -33.70 -36.43
CA ASP H 139 -2.38 -33.34 -37.78
C ASP H 139 -0.85 -33.45 -38.06
N SER H 140 -0.02 -33.32 -37.02
CA SER H 140 1.42 -33.24 -37.18
C SER H 140 1.96 -34.55 -37.73
N ILE H 141 1.23 -35.63 -37.54
CA ILE H 141 1.64 -36.91 -38.12
C ILE H 141 1.89 -36.79 -39.61
N LEU H 142 1.15 -35.94 -40.30
CA LEU H 142 1.16 -36.00 -41.73
C LEU H 142 2.52 -35.65 -42.36
N THR H 143 3.23 -34.68 -41.78
CA THR H 143 4.54 -34.25 -42.31
C THR H 143 5.60 -35.33 -42.14
N LYS H 144 5.26 -36.31 -41.31
CA LYS H 144 6.25 -37.31 -40.93
C LYS H 144 6.10 -38.43 -41.88
N ILE H 145 5.00 -38.39 -42.64
CA ILE H 145 4.58 -39.49 -43.53
C ILE H 145 4.33 -39.09 -44.97
N ASN H 146 4.04 -37.81 -45.21
CA ASN H 146 3.84 -37.36 -46.59
C ASN H 146 5.13 -37.34 -47.42
N THR H 147 6.21 -37.93 -46.89
CA THR H 147 7.50 -37.97 -47.59
C THR H 147 7.67 -39.32 -48.27
N LEU H 148 7.10 -40.36 -47.65
CA LEU H 148 7.03 -41.73 -48.20
C LEU H 148 6.86 -41.82 -49.73
N PRO H 149 7.89 -42.38 -50.41
CA PRO H 149 8.00 -42.42 -51.87
C PRO H 149 7.15 -43.46 -52.58
N LYS H 150 6.82 -44.56 -51.90
CA LYS H 150 6.14 -45.68 -52.59
C LYS H 150 4.76 -46.07 -52.07
N VAL H 151 4.45 -45.69 -50.84
CA VAL H 151 3.12 -45.85 -50.25
C VAL H 151 1.95 -45.56 -51.21
N THR H 152 1.11 -46.59 -51.44
CA THR H 152 -0.14 -46.52 -52.24
C THR H 152 -1.44 -46.56 -51.40
N SER H 153 -1.37 -46.98 -50.14
CA SER H 153 -2.56 -46.77 -49.28
C SER H 153 -2.13 -46.41 -47.91
N ILE H 154 -2.80 -45.38 -47.36
CA ILE H 154 -2.75 -45.05 -45.95
C ILE H 154 -4.10 -45.24 -45.28
N ASP H 155 -4.07 -45.66 -44.01
CA ASP H 155 -5.26 -45.78 -43.18
C ASP H 155 -5.02 -45.01 -41.91
N LEU H 156 -5.84 -43.99 -41.73
CA LEU H 156 -5.73 -43.02 -40.66
C LEU H 156 -7.05 -42.94 -39.91
N SER H 157 -7.89 -43.92 -40.19
CA SER H 157 -9.21 -43.92 -39.71
C SER H 157 -9.17 -44.14 -38.22
N TYR H 158 -10.18 -43.55 -37.56
CA TYR H 158 -10.39 -43.71 -36.14
C TYR H 158 -9.28 -43.02 -35.45
N ASN H 159 -8.81 -41.97 -36.11
CA ASN H 159 -8.14 -40.91 -35.40
C ASN H 159 -8.96 -39.63 -35.35
N GLY H 160 -9.93 -39.55 -34.43
CA GLY H 160 -10.70 -38.30 -34.22
C GLY H 160 -10.00 -36.94 -34.37
N ALA H 161 -8.82 -36.77 -33.75
CA ALA H 161 -8.03 -35.51 -33.90
C ALA H 161 -7.29 -35.24 -35.27
N ILE H 162 -7.55 -36.00 -36.32
CA ILE H 162 -7.10 -35.58 -37.66
C ILE H 162 -8.14 -34.68 -38.35
N THR H 163 -7.80 -33.41 -38.68
CA THR H 163 -8.77 -32.36 -39.15
C THR H 163 -8.57 -31.87 -40.59
N ASP H 164 -7.39 -32.12 -41.16
CA ASP H 164 -6.99 -31.64 -42.51
C ASP H 164 -6.01 -32.62 -43.13
N ILE H 165 -6.46 -33.30 -44.17
CA ILE H 165 -5.61 -34.19 -44.95
C ILE H 165 -4.82 -33.50 -46.10
N MET H 166 -5.02 -32.22 -46.36
CA MET H 166 -4.35 -31.67 -47.57
C MET H 166 -2.82 -31.90 -47.71
N PRO H 167 -2.02 -31.72 -46.63
CA PRO H 167 -0.57 -32.04 -46.69
C PRO H 167 -0.21 -33.32 -47.43
N LEU H 168 -1.10 -34.29 -47.46
CA LEU H 168 -0.81 -35.54 -48.12
C LEU H 168 -0.79 -35.40 -49.65
N LYS H 169 -1.21 -34.25 -50.18
CA LYS H 169 -1.34 -34.09 -51.64
C LYS H 169 -0.04 -34.28 -52.41
N THR H 170 1.09 -34.28 -51.69
CA THR H 170 2.42 -34.21 -52.28
C THR H 170 3.02 -35.59 -52.47
N MET H 171 2.36 -36.61 -51.95
CA MET H 171 2.89 -37.94 -52.06
C MET H 171 2.66 -38.35 -53.50
N PRO H 172 3.56 -39.18 -54.04
CA PRO H 172 3.51 -39.38 -55.47
C PRO H 172 2.75 -40.61 -55.83
N GLU H 173 2.61 -41.54 -54.90
CA GLU H 173 2.00 -42.81 -55.24
C GLU H 173 0.74 -43.14 -54.44
N LEU H 174 0.25 -42.19 -53.63
CA LEU H 174 -1.02 -42.35 -52.91
C LEU H 174 -2.29 -42.65 -53.78
N LYS H 175 -2.79 -43.86 -53.69
CA LYS H 175 -4.03 -44.28 -54.36
C LYS H 175 -5.26 -44.24 -53.42
N SER H 176 -5.07 -44.73 -52.19
CA SER H 176 -6.11 -44.83 -51.18
C SER H 176 -5.81 -44.14 -49.84
N LEU H 177 -6.70 -43.23 -49.46
CA LEU H 177 -6.68 -42.68 -48.10
C LEU H 177 -7.95 -43.05 -47.32
N ASN H 178 -7.76 -43.67 -46.16
CA ASN H 178 -8.95 -43.96 -45.37
C ASN H 178 -9.00 -43.12 -44.12
N ILE H 179 -10.00 -42.25 -44.01
CA ILE H 179 -10.09 -41.48 -42.77
C ILE H 179 -11.36 -41.54 -41.98
N GLN H 180 -12.04 -42.66 -42.05
CA GLN H 180 -13.31 -42.89 -41.45
C GLN H 180 -13.27 -42.58 -40.01
N PHE H 181 -14.19 -41.72 -39.55
CA PHE H 181 -14.36 -41.47 -38.12
C PHE H 181 -13.37 -40.45 -37.58
N ASP H 182 -12.86 -39.59 -38.44
CA ASP H 182 -11.92 -38.52 -38.01
C ASP H 182 -12.65 -37.21 -37.93
N GLY H 183 -11.92 -36.10 -37.79
CA GLY H 183 -12.59 -34.81 -37.72
C GLY H 183 -12.42 -33.92 -38.96
N VAL H 184 -12.51 -34.47 -40.17
CA VAL H 184 -12.13 -33.66 -41.35
C VAL H 184 -13.34 -32.98 -41.94
N HIS H 185 -13.14 -31.74 -42.41
CA HIS H 185 -14.20 -30.81 -42.79
C HIS H 185 -14.12 -30.10 -44.14
N ASP H 186 -12.96 -30.08 -44.79
CA ASP H 186 -12.82 -29.31 -46.03
C ASP H 186 -12.16 -30.16 -47.09
N TYR H 187 -12.88 -30.48 -48.15
CA TYR H 187 -12.36 -31.35 -49.21
C TYR H 187 -11.74 -30.59 -50.40
N ARG H 188 -11.79 -29.25 -50.32
CA ARG H 188 -11.19 -28.35 -51.30
C ARG H 188 -9.69 -28.60 -51.50
N GLY H 189 -9.37 -28.97 -52.73
CA GLY H 189 -8.01 -29.31 -53.17
C GLY H 189 -7.78 -30.79 -53.37
N ILE H 190 -8.83 -31.58 -53.14
CA ILE H 190 -8.68 -33.01 -53.18
C ILE H 190 -8.16 -33.45 -54.54
N GLU H 191 -8.50 -32.70 -55.56
CA GLU H 191 -7.98 -33.00 -56.87
C GLU H 191 -6.45 -32.84 -57.08
N ASP H 192 -5.75 -32.13 -56.18
CA ASP H 192 -4.32 -31.93 -56.44
C ASP H 192 -3.56 -33.17 -56.14
N PHE H 193 -4.19 -34.08 -55.42
CA PHE H 193 -3.62 -35.42 -55.24
C PHE H 193 -3.41 -36.03 -56.63
N PRO H 194 -2.15 -36.33 -57.00
CA PRO H 194 -1.97 -36.87 -58.33
C PRO H 194 -2.60 -38.22 -58.54
N LYS H 195 -2.66 -39.09 -57.53
CA LYS H 195 -2.98 -40.49 -57.82
C LYS H 195 -4.16 -41.10 -57.07
N LEU H 196 -4.71 -40.31 -56.14
CA LEU H 196 -5.80 -40.77 -55.30
C LEU H 196 -7.05 -41.16 -56.12
N ASN H 197 -7.40 -42.42 -56.07
CA ASN H 197 -8.62 -42.85 -56.67
C ASN H 197 -9.62 -43.39 -55.61
N THR H 198 -9.26 -43.24 -54.33
CA THR H 198 -10.07 -43.76 -53.20
C THR H 198 -10.01 -42.91 -51.95
N LEU H 199 -11.13 -42.27 -51.64
CA LEU H 199 -11.21 -41.56 -50.40
C LEU H 199 -12.33 -42.02 -49.44
N LEU H 200 -11.96 -42.63 -48.31
CA LEU H 200 -12.96 -43.24 -47.42
C LEU H 200 -13.20 -42.37 -46.26
N ALA H 201 -14.27 -41.58 -46.24
CA ALA H 201 -14.35 -40.52 -45.27
C ALA H 201 -15.69 -40.47 -44.56
N TYR H 202 -16.36 -41.61 -44.51
CA TYR H 202 -17.64 -41.72 -43.88
C TYR H 202 -17.55 -41.37 -42.43
N SER H 203 -18.50 -40.57 -41.96
CA SER H 203 -18.67 -40.31 -40.53
C SER H 203 -17.52 -39.52 -39.92
N GLN H 204 -17.38 -38.27 -40.32
CA GLN H 204 -16.37 -37.38 -39.68
C GLN H 204 -17.08 -36.71 -38.51
N THR H 205 -16.41 -36.45 -37.37
CA THR H 205 -17.02 -35.61 -36.32
C THR H 205 -16.23 -34.36 -36.10
N ILE H 206 -16.59 -33.37 -36.88
CA ILE H 206 -15.98 -32.05 -36.84
C ILE H 206 -15.96 -31.48 -35.43
N GLY H 207 -14.74 -31.31 -34.92
CA GLY H 207 -14.48 -30.91 -33.54
C GLY H 207 -14.73 -31.98 -32.47
N GLY H 208 -14.44 -33.23 -32.84
CA GLY H 208 -14.69 -34.44 -32.03
C GLY H 208 -13.63 -34.70 -30.96
N LYS H 209 -12.36 -34.43 -31.31
CA LYS H 209 -11.25 -34.54 -30.40
C LYS H 209 -10.52 -33.20 -30.32
N LYS H 210 -10.11 -32.66 -31.47
CA LYS H 210 -9.68 -31.29 -31.56
C LYS H 210 -10.90 -30.33 -31.49
N LEU H 211 -11.05 -29.65 -30.34
CA LEU H 211 -12.29 -28.94 -30.05
C LEU H 211 -12.37 -27.61 -30.76
N ILE H 212 -13.55 -27.26 -31.25
CA ILE H 212 -13.75 -25.94 -31.79
C ILE H 212 -14.41 -24.99 -30.79
N ASN H 213 -13.87 -23.79 -30.68
CA ASN H 213 -14.48 -22.77 -29.84
C ASN H 213 -14.50 -21.40 -30.50
N SER H 214 -15.57 -20.66 -30.27
CA SER H 214 -15.53 -19.28 -30.75
C SER H 214 -15.85 -18.29 -29.66
N ASP H 215 -15.02 -17.24 -29.61
CA ASP H 215 -15.22 -16.13 -28.73
C ASP H 215 -15.99 -15.08 -29.47
N ILE H 216 -17.23 -14.88 -29.07
CA ILE H 216 -18.10 -14.01 -29.83
C ILE H 216 -18.78 -12.91 -28.99
N LYS H 217 -18.90 -11.73 -29.57
CA LYS H 217 -19.70 -10.63 -28.99
C LYS H 217 -21.17 -10.93 -29.14
N SER H 218 -21.97 -10.48 -28.20
CA SER H 218 -23.40 -10.79 -28.25
C SER H 218 -24.11 -10.09 -29.41
N SER H 219 -23.41 -9.16 -30.08
CA SER H 219 -23.92 -8.48 -31.28
C SER H 219 -24.06 -9.42 -32.52
N LYS H 220 -23.49 -10.63 -32.42
CA LYS H 220 -23.50 -11.57 -33.53
C LYS H 220 -24.79 -12.36 -33.62
N LEU H 221 -25.48 -12.52 -32.50
CA LEU H 221 -26.80 -13.14 -32.49
C LEU H 221 -27.86 -12.04 -32.55
N THR H 222 -29.10 -12.45 -32.81
CA THR H 222 -30.21 -11.51 -32.87
C THR H 222 -31.28 -11.93 -31.87
N TYR H 223 -31.48 -11.11 -30.85
CA TYR H 223 -32.56 -11.35 -29.91
C TYR H 223 -33.79 -10.49 -30.18
N ASN H 224 -34.96 -11.06 -29.93
CA ASN H 224 -36.19 -10.35 -30.18
C ASN H 224 -37.10 -10.18 -28.97
N ALA H 225 -37.37 -8.93 -28.67
CA ALA H 225 -38.14 -8.53 -27.51
C ALA H 225 -39.54 -9.13 -27.55
N GLU H 226 -40.29 -8.74 -28.58
CA GLU H 226 -41.73 -9.01 -28.67
C GLU H 226 -41.99 -10.50 -28.71
N ASN H 227 -41.40 -11.21 -29.67
CA ASN H 227 -41.62 -12.67 -29.80
C ASN H 227 -40.76 -13.56 -28.88
N GLN H 228 -39.76 -12.95 -28.25
CA GLN H 228 -39.05 -13.62 -27.18
C GLN H 228 -38.22 -14.75 -27.74
N THR H 229 -37.47 -14.42 -28.79
CA THR H 229 -36.78 -15.41 -29.58
C THR H 229 -35.31 -15.05 -29.72
N LEU H 230 -34.47 -16.07 -29.62
CA LEU H 230 -33.05 -15.93 -29.91
C LEU H 230 -32.68 -16.57 -31.23
N TYR H 231 -32.05 -15.78 -32.09
CA TYR H 231 -31.68 -16.27 -33.40
C TYR H 231 -30.18 -16.47 -33.46
N VAL H 232 -29.77 -17.71 -33.77
CA VAL H 232 -28.36 -18.08 -33.92
C VAL H 232 -27.99 -18.40 -35.37
N PRO H 233 -27.16 -17.55 -35.96
CA PRO H 233 -26.85 -17.68 -37.38
C PRO H 233 -25.78 -18.74 -37.64
N PHE H 234 -26.04 -19.63 -38.62
CA PHE H 234 -25.09 -20.66 -39.01
C PHE H 234 -23.83 -20.15 -39.69
N SER H 235 -23.69 -18.84 -39.85
CA SER H 235 -22.45 -18.33 -40.37
C SER H 235 -21.41 -18.26 -39.24
N LEU H 236 -21.85 -18.63 -38.04
CA LEU H 236 -20.91 -18.76 -36.96
C LEU H 236 -20.15 -20.07 -37.08
N MET H 237 -20.73 -20.99 -37.85
CA MET H 237 -20.25 -22.35 -37.86
C MET H 237 -19.14 -22.48 -38.85
N THR H 238 -18.09 -21.73 -38.64
CA THR H 238 -17.03 -21.62 -39.62
C THR H 238 -16.35 -22.92 -39.99
N GLU H 239 -16.45 -23.98 -39.18
CA GLU H 239 -15.80 -25.25 -39.55
C GLU H 239 -16.70 -26.32 -40.22
N ARG H 240 -17.85 -25.90 -40.74
CA ARG H 240 -18.74 -26.87 -41.36
C ARG H 240 -18.16 -27.49 -42.62
N THR H 241 -18.73 -28.64 -43.02
CA THR H 241 -18.33 -29.35 -44.23
C THR H 241 -18.54 -28.52 -45.50
N VAL H 242 -17.49 -28.49 -46.33
CA VAL H 242 -17.49 -27.93 -47.68
C VAL H 242 -17.01 -29.01 -48.66
N ASN H 243 -17.73 -29.28 -49.75
CA ASN H 243 -17.24 -30.28 -50.71
C ASN H 243 -16.15 -29.71 -51.62
N TYR H 244 -15.52 -30.54 -52.45
CA TYR H 244 -14.41 -30.02 -53.29
C TYR H 244 -14.78 -28.87 -54.21
N ASP H 245 -16.05 -28.84 -54.63
CA ASP H 245 -16.57 -27.95 -55.66
C ASP H 245 -17.22 -26.74 -54.99
N GLY H 246 -17.18 -26.70 -53.66
CA GLY H 246 -17.80 -25.60 -52.94
C GLY H 246 -19.18 -25.77 -52.32
N TYR H 247 -19.84 -26.89 -52.60
CA TYR H 247 -21.17 -27.19 -52.03
C TYR H 247 -21.14 -27.30 -50.50
N VAL H 248 -21.96 -26.49 -49.82
CA VAL H 248 -22.00 -26.46 -48.35
C VAL H 248 -23.29 -27.00 -47.83
N PRO H 249 -23.35 -28.31 -47.56
CA PRO H 249 -24.59 -29.00 -47.28
C PRO H 249 -25.23 -28.50 -46.02
N ASP H 250 -26.55 -28.66 -45.92
CA ASP H 250 -27.31 -28.11 -44.78
C ASP H 250 -27.21 -28.97 -43.53
N PHE H 251 -27.28 -28.32 -42.37
CA PHE H 251 -27.55 -29.02 -41.10
C PHE H 251 -28.92 -29.68 -41.16
N VAL H 252 -29.07 -30.85 -40.53
CA VAL H 252 -30.38 -31.54 -40.47
C VAL H 252 -31.38 -30.56 -39.85
N LYS H 253 -32.66 -30.74 -40.16
CA LYS H 253 -33.70 -29.85 -39.62
C LYS H 253 -34.29 -30.39 -38.32
N SER H 254 -34.12 -31.69 -38.11
CA SER H 254 -34.77 -32.39 -37.00
C SER H 254 -34.32 -31.77 -35.68
N THR H 255 -35.22 -31.69 -34.71
CA THR H 255 -34.91 -31.08 -33.42
C THR H 255 -34.87 -32.14 -32.30
N ALA H 256 -34.88 -33.40 -32.72
CA ALA H 256 -34.67 -34.56 -31.84
C ALA H 256 -33.25 -34.59 -31.29
N SER H 257 -33.11 -35.11 -30.07
CA SER H 257 -31.87 -35.12 -29.31
C SER H 257 -30.82 -36.05 -29.87
N SER H 258 -31.20 -36.80 -30.89
CA SER H 258 -30.27 -37.67 -31.56
C SER H 258 -29.90 -37.03 -32.94
N ASP H 259 -30.51 -35.89 -33.27
CA ASP H 259 -30.09 -35.10 -34.47
C ASP H 259 -29.44 -33.77 -34.13
N THR H 260 -29.93 -33.16 -33.07
CA THR H 260 -29.62 -31.79 -32.72
C THR H 260 -29.54 -31.74 -31.20
N TYR H 261 -28.46 -31.13 -30.72
CA TYR H 261 -28.15 -30.99 -29.32
C TYR H 261 -27.65 -29.59 -29.17
N PHE H 262 -28.51 -28.69 -28.73
CA PHE H 262 -28.12 -27.31 -28.55
C PHE H 262 -28.10 -27.01 -27.06
N THR H 263 -27.14 -26.20 -26.67
CA THR H 263 -26.85 -25.89 -25.29
C THR H 263 -26.75 -24.36 -25.05
N MET H 264 -27.31 -23.91 -23.92
CA MET H 264 -27.21 -22.51 -23.48
C MET H 264 -26.77 -22.49 -22.06
N ASN H 265 -25.66 -21.81 -21.79
CA ASN H 265 -25.09 -21.78 -20.46
C ASN H 265 -25.07 -23.21 -19.91
N GLU H 266 -24.41 -24.08 -20.66
CA GLU H 266 -24.22 -25.48 -20.34
C GLU H 266 -25.49 -26.28 -20.05
N GLN H 267 -26.62 -25.81 -20.58
CA GLN H 267 -27.90 -26.46 -20.37
C GLN H 267 -28.58 -26.79 -21.69
N GLN H 268 -28.88 -28.07 -21.87
CA GLN H 268 -29.47 -28.51 -23.12
C GLN H 268 -30.86 -27.92 -23.35
N VAL H 269 -31.02 -27.15 -24.43
CA VAL H 269 -32.31 -26.59 -24.75
C VAL H 269 -33.20 -27.69 -25.27
N ASN H 270 -34.42 -27.74 -24.74
CA ASN H 270 -35.48 -28.56 -25.28
C ASN H 270 -35.64 -28.42 -26.79
N GLY H 271 -35.77 -29.56 -27.47
CA GLY H 271 -36.09 -29.60 -28.89
C GLY H 271 -37.28 -28.75 -29.31
N ASN H 272 -38.38 -28.89 -28.58
CA ASN H 272 -39.65 -28.16 -28.86
C ASN H 272 -39.48 -26.63 -28.92
N ARG H 273 -38.44 -26.13 -28.23
CA ARG H 273 -38.11 -24.69 -28.19
C ARG H 273 -37.32 -24.18 -29.42
N LEU H 274 -37.01 -25.08 -30.34
CA LEU H 274 -36.09 -24.76 -31.45
C LEU H 274 -36.64 -24.74 -32.90
N THR H 275 -36.17 -23.78 -33.70
CA THR H 275 -36.54 -23.71 -35.12
C THR H 275 -35.35 -23.56 -36.06
N ILE H 276 -35.25 -24.48 -37.03
CA ILE H 276 -34.03 -24.66 -37.83
C ILE H 276 -34.25 -24.49 -39.34
N THR H 277 -33.68 -23.43 -39.89
CA THR H 277 -33.71 -23.17 -41.33
C THR H 277 -32.38 -23.65 -41.98
N SER H 278 -32.10 -23.23 -43.21
CA SER H 278 -30.75 -23.41 -43.78
C SER H 278 -29.83 -22.36 -43.21
N ASP H 279 -30.43 -21.32 -42.63
CA ASP H 279 -29.78 -20.05 -42.37
C ASP H 279 -29.42 -19.93 -40.90
N GLY H 280 -30.18 -20.66 -40.09
CA GLY H 280 -29.90 -20.69 -38.66
C GLY H 280 -30.87 -21.43 -37.78
N LEU H 281 -30.51 -21.41 -36.49
CA LEU H 281 -31.32 -21.89 -35.38
C LEU H 281 -32.01 -20.74 -34.62
N THR H 282 -33.25 -20.99 -34.20
CA THR H 282 -34.11 -20.00 -33.56
C THR H 282 -34.65 -20.57 -32.23
N VAL H 283 -34.37 -19.85 -31.14
CA VAL H 283 -34.67 -20.29 -29.79
C VAL H 283 -35.90 -19.58 -29.23
N SER H 284 -36.89 -20.33 -28.79
CA SER H 284 -38.12 -19.69 -28.34
C SER H 284 -38.17 -19.57 -26.82
N ASP H 285 -39.12 -18.77 -26.34
CA ASP H 285 -39.37 -18.54 -24.91
C ASP H 285 -38.14 -18.04 -24.16
N VAL H 286 -37.56 -16.95 -24.67
CA VAL H 286 -36.35 -16.36 -24.06
C VAL H 286 -36.60 -14.90 -23.67
N SER H 287 -36.70 -14.63 -22.37
CA SER H 287 -36.81 -13.25 -21.85
C SER H 287 -35.49 -12.50 -22.01
N LYS H 288 -35.54 -11.20 -21.73
CA LYS H 288 -34.34 -10.33 -21.78
C LYS H 288 -33.34 -10.72 -20.69
N THR H 289 -33.84 -11.18 -19.55
CA THR H 289 -32.99 -11.66 -18.44
C THR H 289 -32.13 -12.82 -18.89
N ASP H 290 -32.76 -13.79 -19.54
CA ASP H 290 -32.05 -14.93 -20.10
C ASP H 290 -30.93 -14.54 -21.07
N PHE H 291 -31.25 -13.61 -21.96
CA PHE H 291 -30.35 -13.24 -23.03
C PHE H 291 -29.16 -12.51 -22.44
N ASP H 292 -29.42 -11.76 -21.36
CA ASP H 292 -28.38 -11.01 -20.66
C ASP H 292 -27.35 -11.93 -20.00
N ASN H 293 -27.80 -12.89 -19.17
CA ASN H 293 -26.91 -13.94 -18.69
C ASN H 293 -26.87 -15.09 -19.71
N LEU H 294 -25.98 -14.95 -20.68
CA LEU H 294 -25.71 -16.01 -21.63
C LEU H 294 -24.24 -15.93 -21.97
N GLU H 295 -23.50 -16.93 -21.53
CA GLU H 295 -22.04 -16.93 -21.64
C GLU H 295 -21.58 -18.06 -22.54
N LYS H 296 -22.32 -19.16 -22.54
CA LYS H 296 -21.95 -20.33 -23.32
C LYS H 296 -23.08 -20.86 -24.19
N MET H 297 -22.69 -21.41 -25.33
CA MET H 297 -23.58 -22.23 -26.15
C MET H 297 -22.76 -23.41 -26.69
N GLU H 298 -23.46 -24.38 -27.27
CA GLU H 298 -22.83 -25.39 -28.05
C GLU H 298 -23.83 -25.94 -29.05
N TYR H 299 -23.39 -26.00 -30.29
CA TYR H 299 -24.19 -26.55 -31.32
C TYR H 299 -23.53 -27.83 -31.78
N ASN H 300 -24.17 -28.93 -31.39
CA ASN H 300 -23.83 -30.28 -31.80
C ASN H 300 -24.97 -30.88 -32.68
N ALA H 301 -24.67 -31.25 -33.92
CA ALA H 301 -25.72 -31.48 -34.91
C ALA H 301 -25.22 -32.19 -36.16
N ARG H 302 -26.06 -33.02 -36.77
CA ARG H 302 -25.69 -33.77 -37.95
C ARG H 302 -25.79 -32.86 -39.18
N ILE H 303 -24.94 -33.09 -40.17
CA ILE H 303 -25.07 -32.39 -41.42
C ILE H 303 -25.71 -33.36 -42.42
N ASP H 304 -26.73 -32.89 -43.13
CA ASP H 304 -27.49 -33.67 -44.14
C ASP H 304 -26.67 -33.84 -45.39
N LEU H 305 -25.66 -34.71 -45.32
CA LEU H 305 -24.79 -34.96 -46.43
C LEU H 305 -24.95 -36.41 -46.77
N SER H 306 -26.04 -36.68 -47.48
CA SER H 306 -26.38 -38.00 -48.01
C SER H 306 -25.43 -38.41 -49.12
N TYR H 307 -25.19 -39.71 -49.23
CA TYR H 307 -24.34 -40.23 -50.29
C TYR H 307 -24.74 -39.73 -51.69
N GLN H 308 -26.04 -39.68 -51.98
CA GLN H 308 -26.54 -39.27 -53.33
C GLN H 308 -26.68 -37.75 -53.49
N SER H 309 -26.51 -37.03 -52.39
CA SER H 309 -26.74 -35.59 -52.40
C SER H 309 -25.52 -34.75 -52.86
N TYR H 310 -24.40 -35.38 -53.24
CA TYR H 310 -23.22 -34.59 -53.67
C TYR H 310 -22.49 -35.14 -54.88
N ASN H 311 -21.73 -34.26 -55.53
CA ASN H 311 -20.85 -34.71 -56.60
C ASN H 311 -19.47 -35.18 -56.11
N THR H 312 -18.99 -36.22 -56.78
CA THR H 312 -17.69 -36.81 -56.55
C THR H 312 -16.77 -36.36 -57.69
N PRO H 313 -15.51 -35.98 -57.38
CA PRO H 313 -14.66 -35.48 -58.47
C PRO H 313 -14.24 -36.62 -59.38
N GLU H 314 -13.82 -36.27 -60.59
CA GLU H 314 -13.59 -37.22 -61.71
C GLU H 314 -12.68 -38.43 -61.43
N GLN H 315 -11.60 -38.24 -60.66
CA GLN H 315 -10.56 -39.25 -60.53
C GLN H 315 -11.02 -40.47 -59.75
N PHE H 316 -12.10 -40.29 -59.01
CA PHE H 316 -12.65 -41.31 -58.13
C PHE H 316 -13.68 -42.15 -58.84
N GLN H 317 -14.17 -41.63 -59.97
CA GLN H 317 -15.36 -42.13 -60.65
C GLN H 317 -15.10 -43.35 -61.49
N ASN H 318 -13.98 -44.04 -61.29
CA ASN H 318 -13.64 -45.15 -62.16
C ASN H 318 -13.44 -46.43 -61.44
N GLY H 319 -14.38 -46.69 -60.52
CA GLY H 319 -14.25 -47.81 -59.62
C GLY H 319 -13.50 -47.36 -58.38
N GLY H 320 -13.43 -46.06 -58.16
CA GLY H 320 -12.85 -45.53 -56.93
C GLY H 320 -13.94 -45.48 -55.86
N SER H 321 -13.61 -44.95 -54.69
CA SER H 321 -14.61 -44.52 -53.72
C SER H 321 -14.34 -43.10 -53.37
N TYR H 322 -15.38 -42.43 -52.90
CA TYR H 322 -15.37 -41.06 -52.51
C TYR H 322 -16.64 -40.93 -51.65
N THR H 323 -16.55 -41.45 -50.43
CA THR H 323 -17.64 -41.35 -49.45
C THR H 323 -17.27 -40.31 -48.42
N ILE H 324 -17.92 -39.12 -48.50
CA ILE H 324 -17.78 -38.11 -47.48
C ILE H 324 -19.07 -37.93 -46.67
N SER H 325 -19.85 -39.01 -46.57
CA SER H 325 -21.23 -39.05 -46.04
C SER H 325 -21.39 -38.77 -44.55
N MET H 326 -22.54 -38.18 -44.25
CA MET H 326 -23.06 -38.02 -42.91
C MET H 326 -22.10 -37.50 -41.84
N PRO H 327 -21.56 -36.27 -41.98
CA PRO H 327 -20.72 -35.84 -40.88
C PRO H 327 -21.48 -35.33 -39.68
N ILE H 328 -20.74 -35.07 -38.59
CA ILE H 328 -21.32 -34.47 -37.41
C ILE H 328 -20.51 -33.23 -37.12
N TYR H 329 -21.19 -32.16 -36.72
CA TYR H 329 -20.58 -30.91 -36.32
C TYR H 329 -20.68 -30.72 -34.81
N ASP H 330 -19.61 -30.14 -34.23
CA ASP H 330 -19.55 -29.73 -32.81
C ASP H 330 -18.81 -28.42 -32.63
N HIS H 331 -19.41 -27.44 -31.95
CA HIS H 331 -18.76 -26.10 -31.89
C HIS H 331 -19.14 -25.50 -30.59
N TYR H 332 -18.15 -25.00 -29.83
CA TYR H 332 -18.42 -24.32 -28.54
C TYR H 332 -18.32 -22.81 -28.66
N PHE H 333 -19.08 -22.09 -27.83
CA PHE H 333 -19.12 -20.62 -27.86
C PHE H 333 -19.08 -19.95 -26.50
N THR H 334 -18.34 -18.86 -26.46
CA THR H 334 -18.33 -17.95 -25.32
C THR H 334 -18.83 -16.57 -25.79
N VAL H 335 -19.80 -16.02 -25.09
CA VAL H 335 -20.49 -14.80 -25.55
C VAL H 335 -20.19 -13.59 -24.67
N ASP H 336 -19.97 -12.42 -25.29
CA ASP H 336 -19.74 -11.17 -24.55
C ASP H 336 -21.02 -10.44 -24.15
#